data_1NDA
#
_entry.id   1NDA
#
_cell.length_a   136.300
_cell.length_b   91.100
_cell.length_c   126.000
_cell.angle_alpha   90.00
_cell.angle_beta   94.00
_cell.angle_gamma   90.00
#
_symmetry.space_group_name_H-M   'P 1 21 1'
#
loop_
_entity.id
_entity.type
_entity.pdbx_description
1 polymer 'TRYPANOTHIONE OXIDOREDUCTASE'
2 non-polymer 'FLAVIN-ADENINE DINUCLEOTIDE'
#
_entity_poly.entity_id   1
_entity_poly.type   'polypeptide(L)'
_entity_poly.pdbx_seq_one_letter_code
;MSKIFDLVVIGAGSGGLEAAWNAATLYKKRVAVIDVQMVHGPPFFSALGGTCVNVGCVPKKLMVTGAQYMEHLRESAGFG
WEFDRTTLRAEWKKLIAVKDEAVLNINKSYEEMFRDTEGLEFFLGWGSLESKNVVNVRESADPASAVKERLETENILLAS
GSWPHMPNIPGIEHCISSNEAFYLPEPPRRVLTVGGGFISVEFAGIFNAYKPKDGQVTLCYRGEMILRGFDHTLREELTK
QLTANGIQILTKENPAKVELNADGSKSVTFESGKKMDFDLVMMAIGRSPRTKDLQLQNAGVMIKNGGVQVDEYSRTNVSN
IYAIGDVTNRVMLTPVAINEAAALVDTVFGTNPRKTDHTRVASAVFSIPPIGTCGLIEEVASKRYEVVAVYLSSFTPLMH
NISGSKYKTFVAKIITNHSDGTVLGVHLLGDNAPEIIQGVGICLKLNAKISDFYNTIGVHPTSAEELCSMRTPSYYYVKG
EKMEKPSEASL
;
_entity_poly.pdbx_strand_id   A,B,C,D
#
loop_
_chem_comp.id
_chem_comp.type
_chem_comp.name
_chem_comp.formula
FAD non-polymer 'FLAVIN-ADENINE DINUCLEOTIDE' 'C27 H33 N9 O15 P2'
#
# COMPACT_ATOMS: atom_id res chain seq x y z
N ILE A 4 -8.65 58.43 -10.37
CA ILE A 4 -8.06 57.13 -10.82
C ILE A 4 -7.30 56.41 -9.67
N PHE A 5 -7.56 55.11 -9.52
CA PHE A 5 -7.04 54.34 -8.39
C PHE A 5 -6.03 53.28 -8.80
N ASP A 6 -5.17 52.89 -7.86
CA ASP A 6 -4.26 51.76 -8.00
C ASP A 6 -5.04 50.44 -7.88
N LEU A 7 -5.99 50.40 -6.95
CA LEU A 7 -6.72 49.18 -6.64
C LEU A 7 -8.16 49.55 -6.30
N VAL A 8 -9.11 48.87 -6.94
CA VAL A 8 -10.52 48.95 -6.53
C VAL A 8 -11.04 47.58 -6.07
N VAL A 9 -11.33 47.47 -4.79
CA VAL A 9 -11.67 46.20 -4.17
C VAL A 9 -13.19 46.07 -4.05
N ILE A 10 -13.78 45.17 -4.83
CA ILE A 10 -15.22 44.97 -4.81
C ILE A 10 -15.60 44.09 -3.62
N GLY A 11 -16.11 44.72 -2.58
CA GLY A 11 -16.48 44.01 -1.36
C GLY A 11 -15.58 44.35 -0.20
N ALA A 12 -16.09 45.12 0.76
CA ALA A 12 -15.35 45.41 1.98
C ALA A 12 -15.49 44.24 2.95
N GLY A 13 -15.00 43.07 2.53
CA GLY A 13 -15.12 41.87 3.33
C GLY A 13 -14.01 41.67 4.33
N SER A 14 -13.76 40.42 4.69
CA SER A 14 -12.67 40.03 5.58
C SER A 14 -11.35 40.04 4.80
N GLY A 15 -11.36 39.39 3.65
CA GLY A 15 -10.23 39.46 2.74
C GLY A 15 -10.15 40.78 2.02
N GLY A 16 -11.31 41.36 1.69
CA GLY A 16 -11.32 42.61 0.95
C GLY A 16 -10.67 43.75 1.69
N LEU A 17 -11.17 43.99 2.90
CA LEU A 17 -10.71 45.06 3.79
C LEU A 17 -9.25 44.89 4.22
N GLU A 18 -8.77 43.65 4.21
CA GLU A 18 -7.40 43.33 4.59
C GLU A 18 -6.44 43.75 3.51
N ALA A 19 -6.77 43.45 2.25
CA ALA A 19 -5.92 43.81 1.13
C ALA A 19 -5.94 45.31 0.89
N ALA A 20 -7.10 45.92 1.14
CA ALA A 20 -7.28 47.36 0.99
C ALA A 20 -6.37 48.11 1.96
N TRP A 21 -6.38 47.71 3.22
CA TRP A 21 -5.56 48.36 4.24
C TRP A 21 -4.07 48.10 4.02
N ASN A 22 -3.74 46.89 3.60
CA ASN A 22 -2.34 46.50 3.40
C ASN A 22 -1.71 47.22 2.21
N ALA A 23 -2.51 47.54 1.20
CA ALA A 23 -2.02 48.27 0.03
C ALA A 23 -1.87 49.75 0.34
N ALA A 24 -2.95 50.33 0.88
CA ALA A 24 -3.03 51.76 1.22
C ALA A 24 -1.96 52.18 2.22
N THR A 25 -1.86 51.41 3.29
CA THR A 25 -1.04 51.78 4.43
C THR A 25 0.42 51.32 4.27
N LEU A 26 0.62 50.10 3.78
CA LEU A 26 1.96 49.52 3.74
C LEU A 26 2.74 49.93 2.51
N TYR A 27 2.03 50.02 1.38
CA TYR A 27 2.67 50.35 0.12
C TYR A 27 2.22 51.72 -0.36
N LYS A 28 1.40 52.36 0.45
CA LYS A 28 1.03 53.75 0.21
C LYS A 28 0.27 53.93 -1.11
N LYS A 29 -0.62 52.99 -1.42
CA LYS A 29 -1.43 53.05 -2.63
C LYS A 29 -2.78 53.72 -2.42
N ARG A 30 -3.43 54.02 -3.54
CA ARG A 30 -4.72 54.70 -3.54
C ARG A 30 -5.77 53.65 -3.82
N VAL A 31 -6.75 53.54 -2.91
CA VAL A 31 -7.63 52.39 -2.87
C VAL A 31 -9.10 52.76 -2.74
N ALA A 32 -9.92 52.22 -3.64
CA ALA A 32 -11.37 52.32 -3.49
C ALA A 32 -11.89 51.00 -2.96
N VAL A 33 -12.73 51.06 -1.94
CA VAL A 33 -13.40 49.85 -1.45
C VAL A 33 -14.87 50.13 -1.64
N ILE A 34 -15.57 49.21 -2.27
CA ILE A 34 -17.01 49.34 -2.51
C ILE A 34 -17.77 48.28 -1.72
N ASP A 35 -18.77 48.69 -0.96
CA ASP A 35 -19.72 47.72 -0.40
C ASP A 35 -21.17 48.17 -0.41
N VAL A 36 -22.01 47.19 -0.73
CA VAL A 36 -23.47 47.28 -0.80
C VAL A 36 -24.14 48.19 0.21
N GLN A 37 -23.87 47.97 1.49
CA GLN A 37 -24.36 48.87 2.54
C GLN A 37 -23.31 49.03 3.63
N MET A 38 -23.61 49.77 4.68
CA MET A 38 -22.58 50.00 5.70
C MET A 38 -23.04 49.99 7.15
N VAL A 39 -24.01 49.13 7.42
CA VAL A 39 -24.27 48.67 8.76
C VAL A 39 -25.13 47.41 8.60
N HIS A 40 -24.82 46.42 9.45
CA HIS A 40 -25.39 45.08 9.33
C HIS A 40 -26.91 45.06 9.25
N GLY A 41 -27.46 43.97 8.73
CA GLY A 41 -28.90 43.79 8.77
C GLY A 41 -29.59 43.99 7.44
N PRO A 42 -30.91 43.74 7.38
CA PRO A 42 -31.68 43.76 6.14
C PRO A 42 -31.67 45.13 5.52
N PRO A 43 -31.47 45.23 4.20
CA PRO A 43 -31.97 44.25 3.23
C PRO A 43 -30.92 43.28 2.72
N PHE A 44 -29.65 43.66 2.86
CA PHE A 44 -28.57 42.89 2.26
C PHE A 44 -27.69 42.19 3.28
N PHE A 45 -27.98 42.42 4.56
CA PHE A 45 -27.43 41.67 5.70
C PHE A 45 -25.93 41.81 5.94
N SER A 46 -25.13 41.60 4.89
CA SER A 46 -23.73 41.95 4.92
C SER A 46 -23.54 43.45 4.70
N ALA A 47 -22.45 43.99 5.24
CA ALA A 47 -22.16 45.40 5.16
C ALA A 47 -20.68 45.56 5.41
N LEU A 48 -20.22 46.79 5.55
CA LEU A 48 -18.83 47.08 5.93
C LEU A 48 -18.33 46.06 6.95
N GLY A 49 -17.33 45.29 6.57
CA GLY A 49 -16.81 44.27 7.47
C GLY A 49 -16.99 42.88 6.93
N GLY A 50 -17.92 42.73 5.99
CA GLY A 50 -18.13 41.47 5.32
C GLY A 50 -19.06 40.55 6.09
N THR A 51 -19.07 39.28 5.68
CA THR A 51 -20.01 38.30 6.19
C THR A 51 -19.63 37.80 7.58
N CYS A 52 -18.33 37.74 7.87
CA CYS A 52 -17.88 37.25 9.17
C CYS A 52 -18.35 38.15 10.31
N VAL A 53 -18.34 39.46 10.08
CA VAL A 53 -18.66 40.43 11.12
C VAL A 53 -20.15 40.61 11.29
N ASN A 54 -20.89 40.58 10.18
CA ASN A 54 -22.27 41.00 10.19
C ASN A 54 -23.28 39.86 10.35
N VAL A 55 -23.12 38.82 9.54
CA VAL A 55 -24.01 37.66 9.55
C VAL A 55 -23.20 36.37 9.52
N GLY A 56 -22.11 36.35 10.29
CA GLY A 56 -21.17 35.24 10.22
C GLY A 56 -20.57 34.91 11.58
N CYS A 57 -19.24 34.82 11.65
CA CYS A 57 -18.54 34.37 12.86
C CYS A 57 -18.88 35.16 14.11
N VAL A 58 -18.64 36.46 14.05
CA VAL A 58 -18.72 37.31 15.23
C VAL A 58 -20.10 37.23 15.91
N PRO A 59 -21.19 37.30 15.14
CA PRO A 59 -22.49 37.17 15.80
C PRO A 59 -22.88 35.75 16.24
N LYS A 60 -22.43 34.71 15.52
CA LYS A 60 -22.80 33.35 15.88
C LYS A 60 -22.08 32.87 17.13
N LYS A 61 -20.86 33.34 17.36
CA LYS A 61 -20.10 32.91 18.52
C LYS A 61 -20.59 33.57 19.79
N LEU A 62 -21.14 34.77 19.65
CA LEU A 62 -21.86 35.43 20.74
C LEU A 62 -23.11 34.63 21.03
N MET A 63 -23.70 34.07 19.98
CA MET A 63 -24.99 33.40 20.10
C MET A 63 -24.82 31.96 20.57
N VAL A 64 -23.72 31.35 20.18
CA VAL A 64 -23.35 30.04 20.67
C VAL A 64 -22.90 30.16 22.14
N THR A 65 -22.14 31.21 22.44
CA THR A 65 -21.70 31.47 23.81
C THR A 65 -22.91 31.64 24.72
N GLY A 66 -23.94 32.28 24.21
CA GLY A 66 -25.15 32.43 24.98
C GLY A 66 -25.88 31.11 25.15
N ALA A 67 -25.88 30.29 24.11
CA ALA A 67 -26.57 29.00 24.13
C ALA A 67 -25.87 28.02 25.06
N GLN A 68 -24.57 28.24 25.26
CA GLN A 68 -23.78 27.41 26.14
C GLN A 68 -24.17 27.60 27.59
N TYR A 69 -24.64 28.79 27.94
CA TYR A 69 -24.94 29.08 29.33
C TYR A 69 -26.05 28.20 29.86
N MET A 70 -26.77 27.53 28.98
CA MET A 70 -27.82 26.63 29.41
C MET A 70 -27.24 25.32 29.92
N GLU A 71 -26.10 24.94 29.35
CA GLU A 71 -25.33 23.83 29.85
C GLU A 71 -24.79 24.23 31.21
N HIS A 72 -24.16 25.40 31.28
CA HIS A 72 -23.53 25.82 32.53
C HIS A 72 -24.52 25.92 33.67
N LEU A 73 -25.70 26.46 33.40
CA LEU A 73 -26.71 26.54 34.43
C LEU A 73 -27.21 25.16 34.85
N ARG A 74 -27.20 24.22 33.91
CA ARG A 74 -27.61 22.86 34.21
C ARG A 74 -26.57 22.15 35.06
N GLU A 75 -25.40 21.89 34.48
CA GLU A 75 -24.43 21.07 35.17
C GLU A 75 -23.82 21.79 36.37
N SER A 76 -24.21 23.04 36.57
CA SER A 76 -23.76 23.83 37.72
C SER A 76 -24.24 23.19 39.01
N ALA A 77 -25.41 22.57 38.95
CA ALA A 77 -26.09 22.06 40.14
C ALA A 77 -25.33 20.94 40.80
N GLY A 78 -24.57 20.19 39.99
CA GLY A 78 -23.81 19.07 40.49
C GLY A 78 -22.63 19.45 41.36
N PHE A 79 -22.17 20.67 41.21
CA PHE A 79 -21.05 21.18 42.01
C PHE A 79 -21.58 22.03 43.16
N GLY A 80 -22.83 21.80 43.56
CA GLY A 80 -23.36 22.47 44.73
C GLY A 80 -24.20 23.70 44.46
N TRP A 81 -24.21 24.19 43.23
CA TRP A 81 -24.90 25.43 42.91
C TRP A 81 -26.39 25.28 42.72
N GLU A 82 -27.13 25.83 43.68
CA GLU A 82 -28.58 25.71 43.65
C GLU A 82 -29.29 27.05 43.54
N PHE A 83 -30.42 27.00 42.83
CA PHE A 83 -31.32 28.14 42.72
C PHE A 83 -32.66 27.61 42.21
N ASP A 84 -33.72 28.40 42.41
CA ASP A 84 -35.02 28.11 41.82
C ASP A 84 -34.96 27.89 40.31
N ARG A 85 -34.68 26.67 39.89
CA ARG A 85 -34.52 26.40 38.46
C ARG A 85 -35.88 26.43 37.74
N THR A 86 -36.95 26.56 38.53
CA THR A 86 -38.31 26.77 38.01
C THR A 86 -38.36 28.18 37.40
N THR A 87 -37.59 29.05 38.04
CA THR A 87 -37.55 30.45 37.76
C THR A 87 -36.73 30.76 36.48
N LEU A 88 -35.92 29.78 36.05
CA LEU A 88 -34.86 30.02 35.08
C LEU A 88 -35.32 30.00 33.63
N ARG A 89 -35.32 31.18 32.99
CA ARG A 89 -35.71 31.31 31.58
C ARG A 89 -34.76 32.16 30.74
N ALA A 90 -34.72 31.85 29.44
CA ALA A 90 -33.80 32.47 28.49
C ALA A 90 -34.46 33.58 27.70
N GLU A 91 -33.79 34.73 27.64
CA GLU A 91 -34.35 35.93 27.03
C GLU A 91 -33.73 36.24 25.66
N TRP A 92 -34.27 35.61 24.62
CA TRP A 92 -33.73 35.72 23.27
C TRP A 92 -33.58 37.18 22.85
N LYS A 93 -34.60 37.99 23.15
CA LYS A 93 -34.57 39.40 22.77
C LYS A 93 -33.33 40.10 23.27
N LYS A 94 -32.89 39.77 24.49
CA LYS A 94 -31.70 40.37 25.06
C LYS A 94 -30.46 39.94 24.28
N LEU A 95 -30.42 38.66 23.90
CA LEU A 95 -29.27 38.12 23.19
C LEU A 95 -29.02 38.87 21.88
N ILE A 96 -30.01 38.85 20.99
CA ILE A 96 -29.86 39.47 19.68
C ILE A 96 -29.77 40.98 19.80
N ALA A 97 -30.18 41.51 20.96
CA ALA A 97 -30.09 42.93 21.23
C ALA A 97 -28.67 43.37 21.49
N VAL A 98 -27.93 42.58 22.26
CA VAL A 98 -26.53 42.87 22.55
C VAL A 98 -25.64 42.52 21.35
N LYS A 99 -26.12 41.56 20.54
CA LYS A 99 -25.45 41.13 19.31
C LYS A 99 -25.41 42.31 18.35
N ASP A 100 -26.59 42.89 18.12
CA ASP A 100 -26.73 43.97 17.17
C ASP A 100 -25.84 45.14 17.53
N GLU A 101 -25.70 45.36 18.84
CA GLU A 101 -24.82 46.39 19.39
C GLU A 101 -23.37 46.12 19.02
N ALA A 102 -22.91 44.92 19.34
CA ALA A 102 -21.53 44.51 19.13
C ALA A 102 -21.16 44.61 17.66
N VAL A 103 -22.04 44.10 16.81
CA VAL A 103 -21.79 44.07 15.37
C VAL A 103 -21.83 45.47 14.79
N LEU A 104 -22.67 46.34 15.37
CA LEU A 104 -22.80 47.71 14.88
C LEU A 104 -21.51 48.49 15.08
N ASN A 105 -20.79 48.18 16.15
CA ASN A 105 -19.61 48.96 16.47
C ASN A 105 -18.43 48.55 15.60
N ILE A 106 -18.34 47.26 15.28
CA ILE A 106 -17.36 46.81 14.31
C ILE A 106 -17.59 47.60 13.04
N ASN A 107 -18.86 47.84 12.73
CA ASN A 107 -19.23 48.63 11.57
C ASN A 107 -18.78 50.07 11.71
N LYS A 108 -18.99 50.64 12.89
CA LYS A 108 -18.71 52.04 13.15
C LYS A 108 -17.21 52.34 13.11
N SER A 109 -16.45 51.37 13.58
CA SER A 109 -15.01 51.51 13.65
C SER A 109 -14.37 51.45 12.27
N TYR A 110 -14.93 50.62 11.38
CA TYR A 110 -14.46 50.58 10.01
C TYR A 110 -14.69 51.91 9.30
N GLU A 111 -15.78 52.58 9.65
CA GLU A 111 -16.06 53.93 9.19
C GLU A 111 -14.86 54.86 9.47
N GLU A 112 -14.49 55.01 10.74
CA GLU A 112 -13.31 55.78 11.08
C GLU A 112 -12.08 55.36 10.29
N MET A 113 -11.83 54.05 10.21
CA MET A 113 -10.66 53.52 9.54
C MET A 113 -10.48 54.15 8.16
N PHE A 114 -11.59 54.28 7.43
CA PHE A 114 -11.62 54.94 6.12
C PHE A 114 -11.50 56.45 6.29
N ARG A 115 -12.14 56.93 7.35
CA ARG A 115 -12.33 58.36 7.63
C ARG A 115 -11.10 58.92 8.33
N ASP A 116 -10.01 58.17 8.32
CA ASP A 116 -8.80 58.55 9.05
C ASP A 116 -7.52 58.10 8.32
N THR A 117 -7.68 57.53 7.14
CA THR A 117 -6.54 56.99 6.38
C THR A 117 -6.54 57.52 4.94
N GLU A 118 -5.37 57.99 4.51
CA GLU A 118 -5.10 58.31 3.10
C GLU A 118 -5.33 57.10 2.20
N GLY A 119 -5.70 57.33 0.94
CA GLY A 119 -5.76 56.22 0.00
C GLY A 119 -7.02 55.40 0.14
N LEU A 120 -7.36 54.98 1.35
CA LEU A 120 -8.60 54.26 1.62
C LEU A 120 -9.79 55.19 1.46
N GLU A 121 -10.65 54.84 0.51
CA GLU A 121 -11.99 55.43 0.43
C GLU A 121 -13.07 54.42 0.03
N PHE A 122 -14.25 54.62 0.62
CA PHE A 122 -15.35 53.67 0.55
C PHE A 122 -16.46 54.24 -0.32
N PHE A 123 -16.91 53.48 -1.29
CA PHE A 123 -18.08 53.85 -2.05
C PHE A 123 -19.23 52.90 -1.74
N LEU A 124 -20.35 53.46 -1.30
CA LEU A 124 -21.54 52.68 -0.99
C LEU A 124 -22.28 52.37 -2.28
N GLY A 125 -22.40 51.09 -2.62
CA GLY A 125 -23.10 50.72 -3.82
C GLY A 125 -22.82 49.31 -4.26
N TRP A 126 -23.20 48.98 -5.48
CA TRP A 126 -22.97 47.66 -6.04
C TRP A 126 -21.92 47.69 -7.16
N GLY A 127 -20.78 47.04 -6.92
CA GLY A 127 -19.68 47.07 -7.86
C GLY A 127 -19.88 46.18 -9.07
N SER A 128 -19.67 46.76 -10.25
CA SER A 128 -19.85 46.04 -11.50
C SER A 128 -18.61 46.28 -12.33
N LEU A 129 -18.17 45.23 -13.03
CA LEU A 129 -17.06 45.32 -13.96
C LEU A 129 -17.59 45.91 -15.25
N GLU A 130 -17.08 47.07 -15.65
CA GLU A 130 -17.41 47.60 -16.96
C GLU A 130 -16.36 47.21 -17.98
N SER A 131 -15.10 47.14 -17.55
CA SER A 131 -14.02 46.74 -18.44
C SER A 131 -12.89 46.08 -17.68
N LYS A 132 -11.79 45.83 -18.40
CA LYS A 132 -10.54 45.37 -17.80
C LYS A 132 -10.07 46.30 -16.66
N ASN A 133 -10.41 47.59 -16.75
CA ASN A 133 -10.16 48.50 -15.63
C ASN A 133 -10.94 49.82 -15.59
N VAL A 134 -12.24 49.70 -15.71
CA VAL A 134 -13.17 50.65 -15.11
C VAL A 134 -14.25 49.81 -14.42
N VAL A 135 -14.64 50.24 -13.22
CA VAL A 135 -15.67 49.56 -12.44
C VAL A 135 -16.69 50.59 -11.95
N ASN A 136 -17.95 50.29 -12.19
CA ASN A 136 -19.04 51.20 -11.84
C ASN A 136 -19.51 50.92 -10.42
N VAL A 137 -19.67 51.97 -9.62
CA VAL A 137 -20.50 51.90 -8.44
C VAL A 137 -21.90 52.26 -8.90
N ARG A 138 -22.70 51.24 -9.14
CA ARG A 138 -24.08 51.44 -9.58
C ARG A 138 -24.97 51.57 -8.34
N GLU A 139 -26.25 51.83 -8.55
CA GLU A 139 -27.14 52.07 -7.41
C GLU A 139 -27.93 50.81 -7.00
N SER A 140 -27.87 49.76 -7.80
CA SER A 140 -28.47 48.50 -7.39
C SER A 140 -27.77 47.28 -8.00
N ALA A 141 -28.28 46.10 -7.67
CA ALA A 141 -27.75 44.87 -8.25
C ALA A 141 -27.96 44.89 -9.76
N ASP A 142 -29.17 45.25 -10.16
CA ASP A 142 -29.55 45.38 -11.56
C ASP A 142 -28.69 46.40 -12.31
N PRO A 143 -27.95 45.93 -13.33
CA PRO A 143 -26.96 46.72 -14.05
C PRO A 143 -27.65 47.77 -14.94
N ALA A 144 -28.97 47.79 -14.90
CA ALA A 144 -29.73 48.86 -15.51
C ALA A 144 -29.80 50.05 -14.57
N SER A 145 -29.84 49.78 -13.27
CA SER A 145 -29.95 50.83 -12.26
C SER A 145 -28.88 51.93 -12.44
N ALA A 146 -29.14 53.09 -11.85
CA ALA A 146 -28.31 54.27 -12.06
C ALA A 146 -26.87 54.05 -11.63
N VAL A 147 -25.93 54.30 -12.55
CA VAL A 147 -24.53 54.41 -12.18
C VAL A 147 -24.38 55.66 -11.32
N LYS A 148 -23.64 55.53 -10.23
CA LYS A 148 -23.42 56.66 -9.34
C LYS A 148 -21.92 56.83 -9.06
N GLU A 149 -21.12 56.30 -9.98
CA GLU A 149 -19.67 56.41 -9.94
C GLU A 149 -19.09 55.44 -10.96
N ARG A 150 -18.05 55.87 -11.66
CA ARG A 150 -17.21 54.95 -12.43
C ARG A 150 -15.81 55.16 -11.88
N LEU A 151 -15.22 54.12 -11.30
CA LEU A 151 -13.82 54.19 -10.90
C LEU A 151 -12.92 53.64 -11.99
N GLU A 152 -12.05 54.50 -12.52
CA GLU A 152 -10.94 54.05 -13.35
C GLU A 152 -9.84 53.60 -12.42
N THR A 153 -9.11 52.57 -12.81
CA THR A 153 -8.10 51.99 -11.92
C THR A 153 -7.09 51.16 -12.70
N GLU A 154 -5.96 50.87 -12.06
CA GLU A 154 -4.95 50.05 -12.67
C GLU A 154 -5.03 48.59 -12.21
N ASN A 155 -5.66 48.34 -11.07
CA ASN A 155 -5.95 46.97 -10.63
C ASN A 155 -7.34 46.84 -10.08
N ILE A 156 -7.89 45.64 -10.16
CA ILE A 156 -9.17 45.34 -9.54
C ILE A 156 -9.06 44.06 -8.72
N LEU A 157 -9.58 44.09 -7.50
CA LEU A 157 -9.64 42.90 -6.65
C LEU A 157 -11.08 42.52 -6.38
N LEU A 158 -11.46 41.32 -6.82
CA LEU A 158 -12.80 40.79 -6.64
C LEU A 158 -12.87 40.00 -5.34
N ALA A 159 -13.51 40.59 -4.33
CA ALA A 159 -13.70 39.95 -3.03
C ALA A 159 -15.16 40.03 -2.60
N SER A 160 -16.05 39.53 -3.45
CA SER A 160 -17.49 39.65 -3.24
C SER A 160 -18.06 38.57 -2.30
N GLY A 161 -17.23 37.62 -1.89
CA GLY A 161 -17.65 36.61 -0.94
C GLY A 161 -18.56 35.54 -1.52
N SER A 162 -19.60 35.16 -0.77
CA SER A 162 -20.50 34.07 -1.16
C SER A 162 -21.84 34.24 -0.47
N TRP A 163 -22.92 33.79 -1.12
CA TRP A 163 -24.24 33.87 -0.51
C TRP A 163 -24.81 32.50 -0.15
N PRO A 164 -25.78 32.47 0.78
CA PRO A 164 -26.52 31.24 1.02
C PRO A 164 -27.09 30.65 -0.25
N HIS A 165 -27.10 29.33 -0.32
CA HIS A 165 -27.66 28.65 -1.47
C HIS A 165 -29.00 28.05 -1.08
N MET A 166 -30.03 28.41 -1.84
CA MET A 166 -31.36 27.88 -1.64
C MET A 166 -31.68 26.84 -2.69
N PRO A 167 -32.35 25.76 -2.26
CA PRO A 167 -32.85 24.76 -3.21
C PRO A 167 -34.00 25.34 -4.03
N ASN A 168 -34.32 24.66 -5.13
CA ASN A 168 -35.50 24.99 -5.90
C ASN A 168 -36.69 24.11 -5.56
N ILE A 169 -37.50 24.60 -4.62
CA ILE A 169 -38.52 23.82 -3.97
C ILE A 169 -39.82 24.63 -4.05
N PRO A 170 -40.94 23.93 -4.30
CA PRO A 170 -42.28 24.39 -3.96
C PRO A 170 -42.37 25.03 -2.57
N GLY A 171 -42.36 26.36 -2.53
CA GLY A 171 -42.56 27.06 -1.28
C GLY A 171 -41.28 27.48 -0.61
N ILE A 172 -40.18 27.47 -1.37
CA ILE A 172 -38.89 27.91 -0.87
C ILE A 172 -39.02 29.34 -0.34
N GLU A 173 -40.04 30.04 -0.80
CA GLU A 173 -40.31 31.39 -0.35
C GLU A 173 -40.51 31.49 1.15
N HIS A 174 -41.05 30.43 1.75
CA HIS A 174 -41.40 30.47 3.16
C HIS A 174 -40.26 30.05 4.08
N CYS A 175 -39.10 29.78 3.50
CA CYS A 175 -37.91 29.43 4.27
C CYS A 175 -36.98 30.63 4.45
N ILE A 176 -36.14 30.57 5.48
CA ILE A 176 -35.16 31.61 5.73
C ILE A 176 -33.74 31.09 5.46
N SER A 177 -32.73 31.80 5.95
CA SER A 177 -31.34 31.44 5.73
C SER A 177 -30.52 31.64 7.02
N SER A 178 -29.20 31.54 6.94
CA SER A 178 -28.34 31.96 8.05
C SER A 178 -28.66 33.43 8.34
N ASN A 179 -28.63 34.24 7.29
CA ASN A 179 -28.83 35.68 7.35
C ASN A 179 -30.04 36.14 8.15
N GLU A 180 -31.22 35.64 7.81
CA GLU A 180 -32.43 36.10 8.49
C GLU A 180 -32.54 35.55 9.92
N ALA A 181 -31.86 34.42 10.16
CA ALA A 181 -31.86 33.80 11.48
C ALA A 181 -31.26 34.71 12.54
N PHE A 182 -30.36 35.60 12.13
CA PHE A 182 -29.67 36.48 13.06
C PHE A 182 -30.54 37.66 13.46
N TYR A 183 -31.70 37.79 12.83
CA TYR A 183 -32.54 38.95 13.07
C TYR A 183 -33.96 38.57 13.50
N LEU A 184 -34.18 37.30 13.81
CA LEU A 184 -35.49 36.84 14.27
C LEU A 184 -35.99 37.65 15.45
N PRO A 185 -37.23 38.14 15.37
CA PRO A 185 -37.86 38.89 16.46
C PRO A 185 -37.91 38.10 17.74
N GLU A 186 -37.97 36.78 17.57
CA GLU A 186 -38.13 35.83 18.68
C GLU A 186 -37.75 34.43 18.20
N PRO A 187 -37.42 33.53 19.15
CA PRO A 187 -37.02 32.15 18.85
C PRO A 187 -38.19 31.28 18.40
N PRO A 188 -38.00 30.52 17.32
CA PRO A 188 -39.01 29.59 16.81
C PRO A 188 -39.31 28.47 17.83
N ARG A 189 -40.55 27.97 17.82
CA ARG A 189 -40.90 26.85 18.69
C ARG A 189 -40.56 25.54 18.02
N ARG A 190 -41.09 25.32 16.82
CA ARG A 190 -40.67 24.21 15.98
C ARG A 190 -39.78 24.72 14.86
N VAL A 191 -38.55 24.22 14.81
CA VAL A 191 -37.59 24.63 13.78
C VAL A 191 -37.14 23.43 12.96
N LEU A 192 -36.86 23.67 11.69
CA LEU A 192 -36.22 22.65 10.87
C LEU A 192 -35.03 23.32 10.21
N THR A 193 -33.83 22.98 10.65
CA THR A 193 -32.64 23.45 9.94
C THR A 193 -32.31 22.41 8.91
N VAL A 194 -32.51 22.77 7.65
CA VAL A 194 -32.23 21.87 6.55
C VAL A 194 -30.74 21.98 6.25
N GLY A 195 -30.06 20.86 6.18
CA GLY A 195 -28.66 20.85 5.80
C GLY A 195 -27.84 19.98 6.74
N GLY A 196 -26.66 19.59 6.31
CA GLY A 196 -25.90 18.64 7.09
C GLY A 196 -24.46 19.05 7.37
N GLY A 197 -24.30 20.02 8.26
CA GLY A 197 -22.96 20.43 8.66
C GLY A 197 -22.80 21.90 9.00
N PHE A 198 -21.98 22.17 10.02
CA PHE A 198 -21.43 23.50 10.28
C PHE A 198 -22.59 24.44 10.60
N ILE A 199 -22.94 25.31 9.67
CA ILE A 199 -23.98 26.30 9.90
C ILE A 199 -25.30 25.71 10.37
N SER A 200 -25.74 24.61 9.76
CA SER A 200 -26.96 23.97 10.17
C SER A 200 -26.87 23.48 11.62
N VAL A 201 -25.80 22.76 11.94
CA VAL A 201 -25.68 22.13 13.26
C VAL A 201 -25.28 23.12 14.33
N GLU A 202 -24.68 24.23 13.90
CA GLU A 202 -24.31 25.30 14.83
C GLU A 202 -25.58 26.02 15.24
N PHE A 203 -26.46 26.25 14.28
CA PHE A 203 -27.70 26.97 14.53
C PHE A 203 -28.72 26.09 15.22
N ALA A 204 -28.61 24.78 15.04
CA ALA A 204 -29.44 23.84 15.78
C ALA A 204 -29.13 23.95 17.27
N GLY A 205 -27.87 24.21 17.58
CA GLY A 205 -27.48 24.46 18.95
C GLY A 205 -28.15 25.69 19.54
N ILE A 206 -28.11 26.79 18.81
CA ILE A 206 -28.57 28.08 19.30
C ILE A 206 -30.08 28.09 19.47
N PHE A 207 -30.78 27.53 18.47
CA PHE A 207 -32.23 27.45 18.51
C PHE A 207 -32.69 26.56 19.65
N ASN A 208 -31.92 25.50 19.92
CA ASN A 208 -32.25 24.55 20.97
C ASN A 208 -32.29 25.21 22.35
N ALA A 209 -31.29 26.04 22.63
CA ALA A 209 -31.15 26.66 23.94
C ALA A 209 -32.16 27.76 24.23
N TYR A 210 -32.54 28.53 23.20
CA TYR A 210 -33.46 29.64 23.40
C TYR A 210 -34.89 29.34 23.02
N LYS A 211 -35.21 28.07 22.76
CA LYS A 211 -36.55 27.63 22.41
C LYS A 211 -37.51 27.67 23.61
N PRO A 212 -38.82 27.47 23.36
CA PRO A 212 -39.81 27.70 24.43
C PRO A 212 -40.25 26.47 25.26
N LYS A 213 -39.31 25.58 25.60
CA LYS A 213 -39.53 24.45 26.56
C LYS A 213 -40.45 23.34 26.05
N ASP A 214 -41.56 23.74 25.45
CA ASP A 214 -42.32 22.87 24.58
C ASP A 214 -41.90 23.09 23.11
N GLY A 215 -40.85 23.87 22.91
CA GLY A 215 -40.24 23.96 21.59
C GLY A 215 -39.47 22.70 21.24
N GLN A 216 -39.27 22.47 19.94
CA GLN A 216 -38.54 21.29 19.45
C GLN A 216 -37.77 21.54 18.15
N VAL A 217 -36.49 21.16 18.17
CA VAL A 217 -35.58 21.43 17.06
C VAL A 217 -35.33 20.15 16.27
N THR A 218 -35.38 20.27 14.95
CA THR A 218 -35.22 19.11 14.08
C THR A 218 -34.22 19.47 12.98
N LEU A 219 -33.00 18.98 13.14
CA LEU A 219 -31.99 19.08 12.09
C LEU A 219 -32.26 17.95 11.12
N CYS A 220 -32.35 18.25 9.84
CA CYS A 220 -32.57 17.21 8.87
C CYS A 220 -31.51 17.25 7.80
N TYR A 221 -30.99 16.08 7.46
CA TYR A 221 -29.96 15.98 6.44
C TYR A 221 -30.32 14.86 5.49
N ARG A 222 -30.21 15.16 4.19
CA ARG A 222 -30.34 14.17 3.14
C ARG A 222 -29.11 13.27 3.03
N GLY A 223 -28.33 13.16 4.10
CA GLY A 223 -27.17 12.29 4.08
C GLY A 223 -27.38 11.07 4.94
N GLU A 224 -26.33 10.28 5.14
CA GLU A 224 -26.39 9.16 6.07
C GLU A 224 -26.04 9.63 7.48
N MET A 225 -25.24 10.69 7.55
CA MET A 225 -24.74 11.22 8.82
C MET A 225 -24.37 12.70 8.63
N ILE A 226 -24.70 13.54 9.61
CA ILE A 226 -24.39 14.98 9.53
C ILE A 226 -22.89 15.27 9.42
N LEU A 227 -22.55 16.54 9.21
CA LEU A 227 -21.16 16.96 9.03
C LEU A 227 -20.41 16.11 8.01
N ARG A 228 -20.97 16.03 6.80
CA ARG A 228 -20.26 15.52 5.63
C ARG A 228 -18.84 16.08 5.67
N GLY A 229 -17.87 15.19 5.57
CA GLY A 229 -16.49 15.61 5.41
C GLY A 229 -15.60 15.66 6.64
N PHE A 230 -16.19 15.44 7.81
CA PHE A 230 -15.46 15.42 9.07
C PHE A 230 -15.12 13.98 9.46
N ASP A 231 -14.15 13.83 10.36
CA ASP A 231 -13.72 12.51 10.80
C ASP A 231 -14.90 11.65 11.29
N HIS A 232 -14.92 10.38 10.87
CA HIS A 232 -16.08 9.54 11.08
C HIS A 232 -16.55 9.39 12.53
N THR A 233 -15.62 9.46 13.47
CA THR A 233 -15.94 9.23 14.88
C THR A 233 -16.55 10.48 15.48
N LEU A 234 -16.05 11.63 15.05
CA LEU A 234 -16.57 12.91 15.52
C LEU A 234 -18.01 13.07 15.05
N ARG A 235 -18.32 12.49 13.90
CA ARG A 235 -19.65 12.62 13.35
C ARG A 235 -20.67 11.80 14.08
N GLU A 236 -20.35 10.54 14.39
CA GLU A 236 -21.29 9.73 15.13
C GLU A 236 -21.45 10.20 16.56
N GLU A 237 -20.34 10.60 17.18
CA GLU A 237 -20.39 11.08 18.56
C GLU A 237 -21.13 12.39 18.73
N LEU A 238 -20.95 13.33 17.80
CA LEU A 238 -21.69 14.58 17.87
C LEU A 238 -23.16 14.33 17.59
N THR A 239 -23.44 13.39 16.69
CA THR A 239 -24.82 13.05 16.37
C THR A 239 -25.52 12.46 17.59
N LYS A 240 -24.73 11.82 18.45
CA LYS A 240 -25.25 11.22 19.68
C LYS A 240 -25.56 12.27 20.72
N GLN A 241 -24.63 13.21 20.88
CA GLN A 241 -24.71 14.15 21.98
C GLN A 241 -25.61 15.30 21.62
N LEU A 242 -25.91 15.43 20.33
CA LEU A 242 -26.89 16.40 19.86
C LEU A 242 -28.28 15.86 20.18
N THR A 243 -28.52 14.61 19.81
CA THR A 243 -29.78 13.96 20.15
C THR A 243 -29.90 13.75 21.66
N ALA A 244 -28.77 13.63 22.35
CA ALA A 244 -28.77 13.46 23.79
C ALA A 244 -29.34 14.70 24.45
N ASN A 245 -29.04 15.87 23.88
CA ASN A 245 -29.58 17.10 24.42
C ASN A 245 -30.94 17.44 23.83
N GLY A 246 -31.41 16.59 22.91
CA GLY A 246 -32.80 16.63 22.49
C GLY A 246 -33.12 17.33 21.19
N ILE A 247 -32.17 17.33 20.26
CA ILE A 247 -32.46 17.87 18.93
C ILE A 247 -32.66 16.69 17.97
N GLN A 248 -33.81 16.69 17.29
CA GLN A 248 -34.12 15.65 16.31
C GLN A 248 -33.12 15.68 15.18
N ILE A 249 -32.43 14.58 14.92
CA ILE A 249 -31.62 14.51 13.72
C ILE A 249 -32.15 13.50 12.71
N LEU A 250 -32.79 14.03 11.67
CA LEU A 250 -33.41 13.25 10.60
C LEU A 250 -32.47 13.08 9.41
N THR A 251 -31.82 11.92 9.32
CA THR A 251 -30.97 11.61 8.16
C THR A 251 -31.70 10.87 7.05
N LYS A 252 -31.23 11.08 5.82
CA LYS A 252 -31.89 10.61 4.62
C LYS A 252 -33.31 11.14 4.53
N GLU A 253 -33.50 12.38 4.95
CA GLU A 253 -34.76 13.09 4.73
C GLU A 253 -34.45 14.44 4.10
N ASN A 254 -35.21 14.81 3.07
CA ASN A 254 -35.00 16.08 2.37
C ASN A 254 -36.33 16.71 2.01
N PRO A 255 -36.51 18.00 2.35
CA PRO A 255 -37.61 18.83 1.84
C PRO A 255 -37.85 18.74 0.34
N ALA A 256 -39.12 18.53 -0.01
CA ALA A 256 -39.59 18.51 -1.38
C ALA A 256 -40.50 19.71 -1.63
N LYS A 257 -41.28 20.08 -0.61
CA LYS A 257 -42.26 21.15 -0.75
C LYS A 257 -42.64 21.74 0.60
N VAL A 258 -42.26 22.99 0.79
CA VAL A 258 -42.74 23.79 1.92
C VAL A 258 -44.00 24.52 1.49
N GLU A 259 -45.13 24.13 2.05
CA GLU A 259 -46.37 24.86 1.84
C GLU A 259 -46.79 25.54 3.15
N LEU A 260 -47.12 26.82 3.04
CA LEU A 260 -47.60 27.57 4.19
C LEU A 260 -49.03 27.15 4.48
N ASN A 261 -49.23 26.53 5.64
CA ASN A 261 -50.58 26.21 6.07
C ASN A 261 -51.10 27.16 7.16
N ALA A 262 -52.15 27.89 6.78
CA ALA A 262 -53.09 28.52 7.71
C ALA A 262 -52.49 29.49 8.74
N ASP A 263 -52.53 29.08 10.00
CA ASP A 263 -52.06 29.83 11.17
C ASP A 263 -50.67 30.46 11.07
N GLY A 264 -49.99 30.28 9.94
CA GLY A 264 -48.63 30.75 9.81
C GLY A 264 -47.71 29.55 9.86
N SER A 265 -48.22 28.43 10.36
CA SER A 265 -47.53 27.13 10.28
C SER A 265 -47.02 26.84 8.87
N LYS A 266 -46.03 25.95 8.78
CA LYS A 266 -45.56 25.49 7.50
C LYS A 266 -45.55 23.98 7.47
N SER A 267 -46.13 23.41 6.42
CA SER A 267 -46.13 21.98 6.23
C SER A 267 -45.05 21.56 5.25
N VAL A 268 -43.99 20.98 5.78
CA VAL A 268 -42.90 20.54 4.94
C VAL A 268 -43.11 19.07 4.65
N THR A 269 -43.49 18.80 3.41
CA THR A 269 -43.44 17.44 2.90
C THR A 269 -42.03 17.12 2.42
N PHE A 270 -41.46 16.07 2.97
CA PHE A 270 -40.20 15.52 2.49
C PHE A 270 -40.44 14.62 1.28
N GLU A 271 -39.51 14.64 0.34
CA GLU A 271 -39.53 13.72 -0.79
C GLU A 271 -39.48 12.30 -0.27
N SER A 272 -39.02 12.18 0.96
CA SER A 272 -38.94 10.92 1.67
C SER A 272 -40.30 10.54 2.27
N GLY A 273 -41.37 10.82 1.51
CA GLY A 273 -42.73 10.58 1.99
C GLY A 273 -43.22 11.50 3.10
N LYS A 274 -42.54 11.44 4.25
CA LYS A 274 -42.92 12.15 5.47
C LYS A 274 -43.44 13.58 5.25
N LYS A 275 -44.44 13.97 6.04
CA LYS A 275 -44.81 15.38 6.13
C LYS A 275 -44.73 15.82 7.60
N MET A 276 -44.26 17.04 7.83
CA MET A 276 -44.09 17.57 9.18
C MET A 276 -44.51 19.02 9.28
N ASP A 277 -44.77 19.48 10.49
CA ASP A 277 -45.21 20.85 10.73
C ASP A 277 -44.16 21.64 11.52
N PHE A 278 -43.82 22.82 11.01
CA PHE A 278 -42.83 23.66 11.66
C PHE A 278 -43.28 25.10 11.71
N ASP A 279 -42.64 25.87 12.57
CA ASP A 279 -42.90 27.30 12.64
C ASP A 279 -41.86 28.07 11.85
N LEU A 280 -40.70 27.43 11.64
CA LEU A 280 -39.61 28.04 10.91
C LEU A 280 -38.79 26.99 10.18
N VAL A 281 -38.60 27.19 8.88
CA VAL A 281 -37.70 26.37 8.10
C VAL A 281 -36.49 27.20 7.70
N MET A 282 -35.30 26.76 8.08
CA MET A 282 -34.09 27.47 7.72
C MET A 282 -33.30 26.62 6.73
N MET A 283 -33.02 27.17 5.55
CA MET A 283 -32.19 26.48 4.57
C MET A 283 -30.70 26.74 4.76
N ALA A 284 -29.96 25.68 4.95
CA ALA A 284 -28.53 25.77 5.15
C ALA A 284 -27.88 24.68 4.32
N ILE A 285 -28.35 24.54 3.10
CA ILE A 285 -27.90 23.47 2.23
C ILE A 285 -26.57 23.80 1.52
N GLY A 286 -26.23 25.10 1.49
CA GLY A 286 -24.94 25.50 0.92
C GLY A 286 -24.66 26.99 0.88
N ARG A 287 -23.45 27.32 0.43
CA ARG A 287 -23.06 28.69 0.10
C ARG A 287 -22.39 28.70 -1.28
N SER A 288 -22.59 29.77 -2.02
CA SER A 288 -22.09 29.85 -3.39
C SER A 288 -21.48 31.22 -3.67
N PRO A 289 -20.34 31.27 -4.38
CA PRO A 289 -19.64 32.51 -4.74
C PRO A 289 -20.59 33.59 -5.24
N ARG A 290 -20.40 34.83 -4.77
CA ARG A 290 -21.23 35.95 -5.21
C ARG A 290 -20.70 36.49 -6.52
N THR A 291 -20.33 35.57 -7.39
CA THR A 291 -19.93 35.83 -8.77
C THR A 291 -21.06 36.58 -9.48
N LYS A 292 -22.27 36.04 -9.34
CA LYS A 292 -23.52 36.77 -9.54
C LYS A 292 -23.52 38.06 -10.39
N ASP A 293 -23.54 39.20 -9.71
CA ASP A 293 -23.80 40.50 -10.35
C ASP A 293 -22.51 41.33 -10.51
N LEU A 294 -21.40 40.64 -10.75
CA LEU A 294 -20.11 41.28 -10.90
C LEU A 294 -19.79 41.69 -12.35
N GLN A 295 -20.57 41.16 -13.31
CA GLN A 295 -20.39 41.44 -14.75
C GLN A 295 -19.04 41.00 -15.28
N LEU A 296 -18.62 39.80 -14.89
CA LEU A 296 -17.26 39.35 -15.12
C LEU A 296 -16.92 39.29 -16.61
N GLN A 297 -17.91 38.91 -17.41
CA GLN A 297 -17.76 38.87 -18.85
C GLN A 297 -17.29 40.20 -19.41
N ASN A 298 -17.73 41.30 -18.80
CA ASN A 298 -17.34 42.63 -19.26
C ASN A 298 -15.83 42.78 -19.33
N ALA A 299 -15.13 42.12 -18.41
CA ALA A 299 -13.68 42.12 -18.44
C ALA A 299 -13.18 40.85 -19.09
N GLY A 300 -14.03 39.84 -19.09
CA GLY A 300 -13.67 38.54 -19.63
C GLY A 300 -13.03 37.65 -18.60
N VAL A 301 -13.52 37.72 -17.36
CA VAL A 301 -12.99 36.92 -16.25
C VAL A 301 -13.65 35.55 -16.26
N MET A 302 -12.87 34.53 -15.91
CA MET A 302 -13.35 33.16 -16.01
C MET A 302 -13.78 32.57 -14.69
N ILE A 303 -14.97 31.97 -14.71
CA ILE A 303 -15.40 31.08 -13.65
C ILE A 303 -14.90 29.67 -13.98
N LYS A 304 -14.34 29.00 -13.00
CA LYS A 304 -14.09 27.57 -13.15
C LYS A 304 -15.44 26.93 -12.97
N ASN A 305 -15.91 26.94 -11.73
CA ASN A 305 -17.23 26.45 -11.38
C ASN A 305 -17.63 27.25 -10.18
N GLY A 306 -18.90 27.65 -10.15
CA GLY A 306 -19.37 28.58 -9.14
C GLY A 306 -18.70 29.95 -9.18
N GLY A 307 -17.46 29.99 -8.70
CA GLY A 307 -16.75 31.25 -8.60
C GLY A 307 -15.56 31.43 -9.51
N VAL A 308 -15.00 32.63 -9.42
CA VAL A 308 -13.87 33.08 -10.20
C VAL A 308 -12.71 32.10 -10.08
N GLN A 309 -12.22 31.58 -11.20
CA GLN A 309 -11.01 30.76 -11.17
C GLN A 309 -9.73 31.58 -11.19
N VAL A 310 -8.85 31.20 -10.27
CA VAL A 310 -7.74 32.03 -9.81
C VAL A 310 -6.58 31.07 -9.47
N ASP A 311 -5.35 31.46 -9.79
CA ASP A 311 -4.18 30.60 -9.55
C ASP A 311 -3.65 30.64 -8.11
N GLU A 312 -2.42 30.18 -7.92
CA GLU A 312 -1.82 30.13 -6.59
C GLU A 312 -1.60 31.51 -6.02
N TYR A 313 -1.20 32.40 -6.92
CA TYR A 313 -0.96 33.78 -6.60
C TYR A 313 -2.25 34.58 -6.72
N SER A 314 -3.37 33.87 -6.88
CA SER A 314 -4.71 34.45 -6.81
C SER A 314 -4.99 35.50 -7.87
N ARG A 315 -4.68 35.19 -9.12
CA ARG A 315 -5.08 36.06 -10.20
C ARG A 315 -5.78 35.35 -11.35
N THR A 316 -6.71 36.06 -11.96
CA THR A 316 -7.51 35.54 -13.05
C THR A 316 -6.79 35.62 -14.39
N ASN A 317 -7.43 35.06 -15.41
CA ASN A 317 -7.03 35.22 -16.81
C ASN A 317 -6.71 36.68 -17.15
N VAL A 318 -7.65 37.58 -16.86
CA VAL A 318 -7.43 39.01 -17.06
C VAL A 318 -6.31 39.46 -16.12
N SER A 319 -5.28 40.04 -16.71
CA SER A 319 -4.00 40.21 -16.04
C SER A 319 -3.89 41.29 -14.95
N ASN A 320 -4.85 42.20 -14.87
CA ASN A 320 -4.82 43.21 -13.82
C ASN A 320 -5.97 43.01 -12.83
N ILE A 321 -6.57 41.82 -12.88
CA ILE A 321 -7.64 41.45 -11.98
C ILE A 321 -7.23 40.21 -11.15
N TYR A 322 -7.47 40.28 -9.84
CA TYR A 322 -7.18 39.17 -8.92
C TYR A 322 -8.42 38.87 -8.08
N ALA A 323 -8.48 37.72 -7.43
CA ALA A 323 -9.61 37.41 -6.58
C ALA A 323 -9.23 36.57 -5.36
N ILE A 324 -9.92 36.81 -4.25
CA ILE A 324 -9.62 36.15 -2.99
C ILE A 324 -10.87 35.73 -2.21
N GLY A 325 -10.67 34.94 -1.17
CA GLY A 325 -11.75 34.54 -0.29
C GLY A 325 -12.71 33.51 -0.84
N ASP A 326 -13.99 33.84 -0.78
CA ASP A 326 -15.06 32.87 -0.96
C ASP A 326 -15.50 32.81 -2.39
N VAL A 327 -15.26 33.90 -3.11
CA VAL A 327 -15.62 33.97 -4.51
C VAL A 327 -14.63 33.15 -5.35
N THR A 328 -13.47 32.83 -4.77
CA THR A 328 -12.53 31.89 -5.39
C THR A 328 -12.99 30.46 -5.18
N ASN A 329 -13.94 30.27 -4.28
CA ASN A 329 -14.43 28.95 -3.90
C ASN A 329 -13.29 28.02 -3.50
N ARG A 330 -12.33 28.56 -2.75
CA ARG A 330 -11.18 27.79 -2.26
C ARG A 330 -11.55 27.24 -0.88
N VAL A 331 -10.84 27.67 0.15
CA VAL A 331 -11.29 27.40 1.51
C VAL A 331 -12.15 28.59 1.94
N MET A 332 -13.37 28.29 2.39
CA MET A 332 -14.31 29.34 2.80
C MET A 332 -14.25 29.58 4.31
N LEU A 333 -13.22 30.32 4.71
CA LEU A 333 -12.90 30.56 6.12
C LEU A 333 -12.34 31.97 6.17
N THR A 334 -12.68 32.75 7.20
CA THR A 334 -12.20 34.12 7.26
C THR A 334 -10.68 34.21 7.25
N PRO A 335 -9.98 33.49 8.15
CA PRO A 335 -8.53 33.67 8.24
C PRO A 335 -7.72 33.12 7.07
N VAL A 336 -8.35 32.32 6.22
CA VAL A 336 -7.73 31.91 4.97
C VAL A 336 -7.85 33.06 3.97
N ALA A 337 -8.98 33.75 4.00
CA ALA A 337 -9.24 34.86 3.09
C ALA A 337 -8.42 36.09 3.44
N ILE A 338 -8.11 36.25 4.71
CA ILE A 338 -7.28 37.34 5.18
C ILE A 338 -5.84 37.09 4.76
N ASN A 339 -5.47 35.81 4.70
CA ASN A 339 -4.13 35.41 4.28
C ASN A 339 -3.96 35.54 2.78
N GLU A 340 -4.95 35.03 2.04
CA GLU A 340 -5.02 35.21 0.60
C GLU A 340 -4.85 36.69 0.27
N ALA A 341 -5.60 37.54 0.97
CA ALA A 341 -5.54 38.99 0.80
C ALA A 341 -4.17 39.56 1.10
N ALA A 342 -3.61 39.18 2.25
CA ALA A 342 -2.34 39.72 2.70
C ALA A 342 -1.22 39.43 1.71
N ALA A 343 -1.25 38.22 1.15
CA ALA A 343 -0.22 37.76 0.23
C ALA A 343 -0.37 38.27 -1.20
N LEU A 344 -1.56 38.77 -1.54
CA LEU A 344 -1.84 39.34 -2.86
C LEU A 344 -1.09 40.65 -3.03
N VAL A 345 -1.31 41.58 -2.10
CA VAL A 345 -0.64 42.88 -2.14
C VAL A 345 0.89 42.73 -1.97
N ASP A 346 1.31 41.82 -1.10
CA ASP A 346 2.72 41.49 -0.90
C ASP A 346 3.33 40.96 -2.20
N THR A 347 2.50 40.30 -3.00
CA THR A 347 2.90 39.81 -4.32
C THR A 347 2.93 40.94 -5.34
N VAL A 348 1.85 41.70 -5.44
CA VAL A 348 1.69 42.64 -6.55
C VAL A 348 2.13 44.09 -6.28
N PHE A 349 1.93 44.59 -5.07
CA PHE A 349 2.50 45.87 -4.69
C PHE A 349 3.83 45.70 -3.96
N GLY A 350 4.22 44.45 -3.75
CA GLY A 350 5.44 44.16 -3.03
C GLY A 350 6.57 43.57 -3.86
N THR A 351 7.65 43.22 -3.15
CA THR A 351 8.85 42.63 -3.76
C THR A 351 8.68 41.13 -4.04
N ASN A 352 8.77 40.34 -2.96
CA ASN A 352 8.41 38.93 -2.96
C ASN A 352 7.01 38.70 -3.58
N PRO A 353 6.87 37.62 -4.35
CA PRO A 353 5.57 36.94 -4.33
C PRO A 353 5.29 36.26 -2.98
N ARG A 354 4.15 35.59 -2.89
CA ARG A 354 3.62 35.07 -1.63
C ARG A 354 2.32 34.35 -2.00
N LYS A 355 2.23 33.09 -1.64
CA LYS A 355 0.99 32.35 -1.85
C LYS A 355 0.53 31.68 -0.55
N THR A 356 -0.79 31.58 -0.38
CA THR A 356 -1.35 31.04 0.85
C THR A 356 -1.27 29.52 0.83
N ASP A 357 -0.88 28.94 1.95
CA ASP A 357 -0.84 27.50 2.09
C ASP A 357 -2.22 27.04 2.50
N HIS A 358 -2.95 26.45 1.56
CA HIS A 358 -4.30 26.04 1.84
C HIS A 358 -4.37 24.67 2.53
N THR A 359 -3.21 24.10 2.81
CA THR A 359 -3.14 22.81 3.49
C THR A 359 -3.00 22.97 5.00
N ARG A 360 -3.51 21.97 5.73
CA ARG A 360 -3.28 21.84 7.17
C ARG A 360 -3.84 23.04 7.96
N VAL A 361 -4.94 23.59 7.46
CA VAL A 361 -5.62 24.70 8.13
C VAL A 361 -6.57 24.16 9.21
N ALA A 362 -6.32 24.56 10.46
CA ALA A 362 -7.15 24.11 11.58
C ALA A 362 -8.46 24.87 11.58
N SER A 363 -9.55 24.19 11.94
CA SER A 363 -10.87 24.81 11.98
C SER A 363 -11.71 24.19 13.08
N ALA A 364 -12.89 24.77 13.30
CA ALA A 364 -13.75 24.34 14.40
C ALA A 364 -15.21 24.48 14.04
N VAL A 365 -16.03 23.52 14.48
CA VAL A 365 -17.49 23.68 14.45
C VAL A 365 -17.94 23.99 15.87
N PHE A 366 -18.68 25.08 16.06
CA PHE A 366 -19.11 25.49 17.38
C PHE A 366 -20.48 24.91 17.72
N SER A 367 -20.57 23.60 17.57
CA SER A 367 -21.67 22.82 18.12
C SER A 367 -21.47 22.67 19.62
N ILE A 368 -22.48 22.14 20.30
CA ILE A 368 -22.34 21.86 21.71
C ILE A 368 -22.47 20.36 21.97
N PRO A 369 -21.33 19.69 22.21
CA PRO A 369 -20.02 20.32 22.35
C PRO A 369 -19.30 20.45 21.00
N PRO A 370 -18.26 21.31 20.94
CA PRO A 370 -17.63 21.72 19.69
C PRO A 370 -16.68 20.71 19.08
N ILE A 371 -16.18 21.02 17.88
CA ILE A 371 -15.22 20.18 17.20
C ILE A 371 -14.07 21.09 16.79
N GLY A 372 -12.85 20.62 17.00
CA GLY A 372 -11.68 21.28 16.49
C GLY A 372 -10.91 20.25 15.69
N THR A 373 -10.43 20.63 14.52
CA THR A 373 -9.90 19.65 13.59
C THR A 373 -8.81 20.24 12.72
N CYS A 374 -7.83 19.42 12.37
CA CYS A 374 -6.72 19.87 11.55
C CYS A 374 -6.04 18.71 10.83
N GLY A 375 -5.77 18.89 9.53
CA GLY A 375 -5.11 17.85 8.76
C GLY A 375 -6.10 16.88 8.14
N LEU A 376 -5.59 15.71 7.73
CA LEU A 376 -6.32 14.75 6.91
C LEU A 376 -7.26 13.89 7.73
N ILE A 377 -8.45 13.58 7.20
CA ILE A 377 -9.26 12.55 7.80
C ILE A 377 -8.81 11.19 7.32
N GLU A 378 -8.88 10.24 8.25
CA GLU A 378 -8.62 8.83 8.03
C GLU A 378 -8.80 8.35 6.58
N GLU A 379 -10.01 8.58 6.07
CA GLU A 379 -10.47 7.97 4.83
C GLU A 379 -9.77 8.51 3.56
N VAL A 380 -9.00 9.58 3.71
CA VAL A 380 -8.27 10.17 2.59
C VAL A 380 -6.81 9.81 2.65
N ALA A 381 -6.26 9.85 3.86
CA ALA A 381 -4.86 9.56 4.07
C ALA A 381 -4.60 8.12 3.68
N SER A 382 -5.58 7.25 3.93
CA SER A 382 -5.47 5.85 3.55
C SER A 382 -5.35 5.66 2.05
N LYS A 383 -5.73 6.69 1.28
CA LYS A 383 -5.57 6.66 -0.18
C LYS A 383 -4.26 7.30 -0.59
N ARG A 384 -3.68 8.10 0.29
CA ARG A 384 -2.46 8.83 -0.04
C ARG A 384 -1.20 8.12 0.46
N TYR A 385 -1.34 7.35 1.53
CA TYR A 385 -0.19 6.74 2.19
C TYR A 385 -0.39 5.23 2.28
N GLU A 386 0.72 4.50 2.35
CA GLU A 386 0.67 3.04 2.21
C GLU A 386 0.21 2.35 3.48
N VAL A 387 0.79 2.73 4.61
CA VAL A 387 0.28 2.30 5.90
C VAL A 387 0.11 3.52 6.81
N VAL A 388 -1.11 3.64 7.35
CA VAL A 388 -1.52 4.74 8.20
C VAL A 388 -1.92 4.13 9.55
N ALA A 389 -1.58 4.81 10.64
CA ALA A 389 -1.96 4.37 11.98
C ALA A 389 -2.95 5.37 12.56
N VAL A 390 -4.02 4.88 13.15
CA VAL A 390 -5.02 5.76 13.74
C VAL A 390 -4.98 5.61 15.25
N TYR A 391 -4.77 6.72 15.96
CA TYR A 391 -4.76 6.73 17.43
C TYR A 391 -6.06 7.36 17.94
N LEU A 392 -6.79 6.63 18.77
CA LEU A 392 -8.14 7.04 19.15
C LEU A 392 -8.22 6.98 20.67
N SER A 393 -8.80 8.02 21.26
CA SER A 393 -9.01 8.08 22.71
C SER A 393 -10.36 8.72 23.03
N SER A 394 -11.26 7.96 23.64
CA SER A 394 -12.56 8.50 24.01
C SER A 394 -12.77 8.25 25.49
N PHE A 395 -13.26 9.25 26.20
CA PHE A 395 -13.55 9.09 27.62
C PHE A 395 -14.55 10.13 28.07
N THR A 396 -15.41 9.77 29.01
CA THR A 396 -16.26 10.76 29.68
C THR A 396 -15.45 11.40 30.81
N PRO A 397 -15.21 12.71 30.71
CA PRO A 397 -14.43 13.39 31.73
C PRO A 397 -15.08 13.32 33.10
N LEU A 398 -14.24 13.18 34.12
CA LEU A 398 -14.68 13.05 35.51
C LEU A 398 -15.64 14.16 35.87
N MET A 399 -15.28 15.38 35.48
CA MET A 399 -16.10 16.55 35.75
C MET A 399 -17.50 16.39 35.19
N HIS A 400 -17.64 15.52 34.20
CA HIS A 400 -18.91 15.30 33.53
C HIS A 400 -19.62 14.05 34.01
N ASN A 401 -18.94 13.24 34.81
CA ASN A 401 -19.64 12.24 35.57
C ASN A 401 -20.36 12.95 36.69
N ILE A 402 -19.66 13.87 37.36
CA ILE A 402 -20.23 14.56 38.50
C ILE A 402 -21.06 15.76 38.11
N SER A 403 -21.03 16.13 36.83
CA SER A 403 -21.89 17.20 36.32
C SER A 403 -23.25 16.66 35.92
N GLY A 404 -23.25 15.46 35.33
CA GLY A 404 -24.49 14.80 34.97
C GLY A 404 -24.64 14.56 33.47
N SER A 405 -23.77 15.19 32.70
CA SER A 405 -23.76 15.01 31.26
C SER A 405 -22.75 13.90 30.90
N LYS A 406 -23.02 12.69 31.39
CA LYS A 406 -22.16 11.55 31.15
C LYS A 406 -22.10 11.26 29.66
N TYR A 407 -23.10 11.73 28.92
CA TYR A 407 -23.15 11.51 27.49
C TYR A 407 -22.05 12.28 26.76
N LYS A 408 -21.49 13.27 27.44
CA LYS A 408 -20.48 14.15 26.86
C LYS A 408 -19.10 13.50 26.81
N THR A 409 -18.85 12.76 25.74
CA THR A 409 -17.58 12.07 25.54
C THR A 409 -16.58 13.01 24.88
N PHE A 410 -15.30 12.86 25.25
CA PHE A 410 -14.21 13.56 24.59
C PHE A 410 -13.51 12.59 23.65
N VAL A 411 -13.51 12.90 22.36
CA VAL A 411 -12.82 12.09 21.37
C VAL A 411 -11.57 12.82 20.90
N ALA A 412 -10.44 12.13 20.96
CA ALA A 412 -9.18 12.69 20.49
C ALA A 412 -8.54 11.66 19.57
N LYS A 413 -8.38 12.04 18.30
CA LYS A 413 -7.91 11.13 17.29
C LYS A 413 -6.70 11.71 16.59
N ILE A 414 -5.69 10.89 16.36
CA ILE A 414 -4.46 11.30 15.69
C ILE A 414 -4.17 10.26 14.63
N ILE A 415 -4.30 10.65 13.37
CA ILE A 415 -4.00 9.72 12.31
C ILE A 415 -2.62 10.05 11.71
N THR A 416 -1.86 9.01 11.39
CA THR A 416 -0.42 9.13 11.22
C THR A 416 0.03 8.44 9.94
N ASN A 417 0.96 9.02 9.20
CA ASN A 417 1.65 8.26 8.17
C ASN A 417 2.59 7.35 8.91
N HIS A 418 2.26 6.06 8.98
CA HIS A 418 2.95 5.15 9.89
C HIS A 418 4.38 4.93 9.46
N SER A 419 4.64 5.25 8.20
CA SER A 419 5.90 4.90 7.57
C SER A 419 7.07 5.74 8.07
N ASP A 420 6.76 6.76 8.87
CA ASP A 420 7.79 7.68 9.37
C ASP A 420 7.27 8.49 10.55
N GLY A 421 5.96 8.49 10.72
CA GLY A 421 5.39 8.98 11.95
C GLY A 421 4.86 10.40 11.90
N THR A 422 4.93 11.03 10.73
CA THR A 422 4.41 12.37 10.58
C THR A 422 2.90 12.42 10.80
N VAL A 423 2.49 13.21 11.79
CA VAL A 423 1.08 13.38 12.10
C VAL A 423 0.37 14.04 10.93
N LEU A 424 -0.63 13.36 10.36
CA LEU A 424 -1.36 13.83 9.19
C LEU A 424 -2.60 14.62 9.57
N GLY A 425 -3.27 14.22 10.64
CA GLY A 425 -4.46 14.93 11.05
C GLY A 425 -4.79 14.66 12.49
N VAL A 426 -5.17 15.69 13.21
CA VAL A 426 -5.68 15.56 14.58
C VAL A 426 -7.15 15.98 14.55
N HIS A 427 -8.00 15.29 15.31
CA HIS A 427 -9.42 15.62 15.33
C HIS A 427 -9.95 15.44 16.74
N LEU A 428 -10.61 16.45 17.27
CA LEU A 428 -11.17 16.32 18.61
C LEU A 428 -12.57 16.87 18.70
N LEU A 429 -13.39 16.21 19.50
CA LEU A 429 -14.73 16.67 19.83
C LEU A 429 -14.81 16.78 21.34
N GLY A 430 -15.36 17.90 21.82
CA GLY A 430 -15.48 18.11 23.25
C GLY A 430 -15.25 19.56 23.62
N ASP A 431 -15.65 19.93 24.85
CA ASP A 431 -15.56 21.31 25.29
C ASP A 431 -14.10 21.76 25.20
N ASN A 432 -13.90 22.96 24.66
CA ASN A 432 -12.57 23.53 24.45
C ASN A 432 -11.82 22.97 23.26
N ALA A 433 -12.50 22.19 22.42
CA ALA A 433 -11.89 21.65 21.23
C ALA A 433 -11.24 22.71 20.33
N PRO A 434 -11.93 23.84 20.05
CA PRO A 434 -11.38 24.86 19.15
C PRO A 434 -10.11 25.54 19.63
N GLU A 435 -10.04 25.78 20.95
CA GLU A 435 -8.86 26.39 21.56
C GLU A 435 -7.68 25.43 21.51
N ILE A 436 -7.94 24.16 21.81
CA ILE A 436 -6.90 23.14 21.82
C ILE A 436 -6.28 22.96 20.43
N ILE A 437 -7.12 22.95 19.40
CA ILE A 437 -6.68 22.69 18.04
C ILE A 437 -5.70 23.72 17.46
N GLN A 438 -5.66 24.93 18.03
CA GLN A 438 -4.81 25.97 17.46
C GLN A 438 -3.33 25.67 17.57
N GLY A 439 -2.91 25.22 18.74
CA GLY A 439 -1.53 24.81 18.91
C GLY A 439 -1.19 23.63 18.03
N VAL A 440 -2.18 22.79 17.76
CA VAL A 440 -1.98 21.60 16.95
C VAL A 440 -1.80 21.95 15.47
N GLY A 441 -2.36 23.09 15.07
CA GLY A 441 -2.13 23.59 13.73
C GLY A 441 -0.72 24.06 13.48
N ILE A 442 -0.11 24.66 14.50
CA ILE A 442 1.27 25.10 14.42
C ILE A 442 2.18 23.88 14.37
N CYS A 443 1.85 22.87 15.17
CA CYS A 443 2.57 21.60 15.19
C CYS A 443 2.63 20.98 13.80
N LEU A 444 1.46 20.84 13.19
CA LEU A 444 1.32 20.22 11.88
C LEU A 444 2.09 20.97 10.79
N LYS A 445 2.18 22.29 10.90
CA LYS A 445 3.00 23.04 9.95
C LYS A 445 4.49 23.05 10.32
N LEU A 446 4.81 22.48 11.48
CA LEU A 446 6.20 22.19 11.84
C LEU A 446 6.58 20.77 11.47
N ASN A 447 5.61 19.99 11.00
CA ASN A 447 5.79 18.58 10.62
C ASN A 447 6.09 17.72 11.84
N ALA A 448 5.24 17.81 12.84
CA ALA A 448 5.40 17.03 14.06
C ALA A 448 5.26 15.54 13.75
N LYS A 449 6.08 14.75 14.43
CA LYS A 449 5.92 13.31 14.44
C LYS A 449 5.03 12.94 15.64
N ILE A 450 4.44 11.76 15.61
CA ILE A 450 3.65 11.31 16.74
C ILE A 450 4.54 11.20 17.97
N SER A 451 5.83 10.90 17.74
CA SER A 451 6.75 10.70 18.83
C SER A 451 6.88 11.97 19.66
N ASP A 452 7.09 13.10 19.00
CA ASP A 452 7.22 14.36 19.71
C ASP A 452 5.88 15.01 20.03
N PHE A 453 4.80 14.25 19.83
CA PHE A 453 3.56 14.51 20.56
C PHE A 453 3.64 13.82 21.91
N TYR A 454 3.73 12.48 21.92
CA TYR A 454 3.70 11.77 23.20
C TYR A 454 4.94 11.98 24.05
N ASN A 455 5.95 12.63 23.48
CA ASN A 455 7.16 12.93 24.21
C ASN A 455 7.14 14.26 24.95
N THR A 456 6.06 15.03 24.75
CA THR A 456 5.88 16.27 25.49
C THR A 456 5.17 16.01 26.83
N ILE A 457 5.63 16.71 27.86
CA ILE A 457 5.08 16.55 29.20
C ILE A 457 3.72 17.25 29.26
N GLY A 458 2.71 16.52 29.74
CA GLY A 458 1.35 17.03 29.72
C GLY A 458 1.09 18.12 30.74
N VAL A 459 0.01 18.87 30.51
CA VAL A 459 -0.45 19.87 31.47
C VAL A 459 -1.65 19.28 32.21
N HIS A 460 -1.45 18.93 33.47
CA HIS A 460 -2.43 18.18 34.25
C HIS A 460 -3.11 19.10 35.25
N PRO A 461 -4.43 18.95 35.45
CA PRO A 461 -5.37 18.20 34.63
C PRO A 461 -6.05 19.03 33.54
N THR A 462 -5.79 18.70 32.28
CA THR A 462 -6.46 19.33 31.15
C THR A 462 -6.85 18.25 30.16
N SER A 463 -7.85 18.50 29.31
CA SER A 463 -8.22 17.53 28.27
C SER A 463 -7.26 17.61 27.09
N ALA A 464 -6.47 18.67 27.04
CA ALA A 464 -5.48 18.85 26.00
C ALA A 464 -4.36 17.85 26.15
N GLU A 465 -4.01 17.54 27.39
CA GLU A 465 -2.88 16.65 27.68
C GLU A 465 -3.07 15.25 27.11
N GLU A 466 -4.30 14.95 26.71
CA GLU A 466 -4.65 13.65 26.14
C GLU A 466 -3.90 13.34 24.83
N LEU A 467 -3.49 14.39 24.12
CA LEU A 467 -2.79 14.27 22.85
C LEU A 467 -1.38 13.75 23.03
N CYS A 468 -0.78 14.10 24.16
CA CYS A 468 0.58 13.69 24.49
C CYS A 468 0.60 12.39 25.29
N SER A 469 -0.52 11.69 25.29
CA SER A 469 -0.65 10.44 26.03
C SER A 469 -0.92 9.30 25.08
N MET A 470 -0.95 9.59 23.79
CA MET A 470 -1.28 8.58 22.79
C MET A 470 -0.04 8.07 22.09
N ARG A 471 0.47 6.95 22.62
CA ARG A 471 1.66 6.33 22.11
C ARG A 471 1.26 5.27 21.10
N THR A 472 0.66 4.19 21.58
CA THR A 472 0.41 3.03 20.72
C THR A 472 -0.83 3.21 19.83
N PRO A 473 -0.72 2.87 18.53
CA PRO A 473 -1.84 2.86 17.57
C PRO A 473 -3.06 2.05 18.01
N SER A 474 -4.17 2.18 17.29
CA SER A 474 -5.39 1.49 17.65
C SER A 474 -5.84 0.52 16.57
N TYR A 475 -5.56 0.91 15.33
CA TYR A 475 -5.66 0.01 14.19
C TYR A 475 -4.93 0.69 13.05
N TYR A 476 -4.88 0.01 11.90
CA TYR A 476 -4.12 0.52 10.79
C TYR A 476 -4.95 0.57 9.52
N TYR A 477 -4.35 1.13 8.49
CA TYR A 477 -4.84 1.01 7.14
C TYR A 477 -3.64 0.62 6.30
N VAL A 478 -3.56 -0.66 5.94
CA VAL A 478 -2.52 -1.07 5.02
C VAL A 478 -3.14 -1.22 3.65
N LYS A 479 -3.54 -0.07 3.11
CA LYS A 479 -4.54 0.07 2.04
C LYS A 479 -6.01 -0.14 2.52
N GLY A 480 -6.27 -1.24 3.22
CA GLY A 480 -7.56 -1.39 3.90
C GLY A 480 -7.40 -1.30 5.41
N GLU A 481 -8.50 -1.05 6.13
CA GLU A 481 -8.44 -1.04 7.59
C GLU A 481 -8.14 -2.40 8.17
N LYS A 482 -7.14 -2.42 9.03
CA LYS A 482 -6.52 -3.63 9.47
C LYS A 482 -6.08 -3.37 10.89
N MET A 483 -6.74 -3.96 11.86
CA MET A 483 -6.07 -4.03 13.14
C MET A 483 -4.93 -5.03 12.98
N GLU A 484 -3.81 -4.47 12.52
CA GLU A 484 -2.57 -5.20 12.27
C GLU A 484 -1.84 -5.31 13.62
N ILE B 4 11.24 -12.24 48.27
CA ILE B 4 12.28 -11.31 47.72
C ILE B 4 11.82 -10.66 46.39
N PHE B 5 12.01 -9.33 46.29
CA PHE B 5 11.50 -8.56 45.17
C PHE B 5 12.60 -7.96 44.29
N ASP B 6 12.26 -7.69 43.03
CA ASP B 6 13.11 -6.94 42.12
C ASP B 6 13.12 -5.46 42.47
N LEU B 7 11.95 -4.94 42.84
CA LEU B 7 11.78 -3.51 43.12
C LEU B 7 10.81 -3.34 44.26
N VAL B 8 11.18 -2.53 45.26
CA VAL B 8 10.24 -2.09 46.28
C VAL B 8 10.09 -0.56 46.26
N VAL B 9 8.90 -0.10 45.88
CA VAL B 9 8.64 1.31 45.64
C VAL B 9 7.98 1.91 46.87
N ILE B 10 8.70 2.78 47.58
CA ILE B 10 8.16 3.43 48.77
C ILE B 10 7.29 4.60 48.38
N GLY B 11 5.98 4.38 48.45
CA GLY B 11 5.01 5.39 48.06
C GLY B 11 4.27 5.04 46.79
N ALA B 12 3.00 4.68 46.92
CA ALA B 12 2.15 4.43 45.77
C ALA B 12 1.64 5.76 45.22
N GLY B 13 2.57 6.60 44.77
CA GLY B 13 2.22 7.92 44.27
C GLY B 13 1.87 7.96 42.80
N SER B 14 2.06 9.12 42.18
CA SER B 14 1.87 9.31 40.75
C SER B 14 3.05 8.73 39.99
N GLY B 15 4.26 9.10 40.42
CA GLY B 15 5.46 8.51 39.88
C GLY B 15 5.69 7.10 40.41
N GLY B 16 5.32 6.87 41.66
CA GLY B 16 5.55 5.56 42.25
C GLY B 16 4.80 4.45 41.55
N LEU B 17 3.49 4.62 41.46
CA LEU B 17 2.57 3.66 40.86
C LEU B 17 2.83 3.46 39.36
N GLU B 18 3.44 4.46 38.72
CA GLU B 18 3.75 4.41 37.29
C GLU B 18 4.94 3.49 37.05
N ALA B 19 5.97 3.62 37.88
CA ALA B 19 7.17 2.79 37.75
C ALA B 19 6.88 1.36 38.16
N ALA B 20 6.01 1.21 39.14
CA ALA B 20 5.60 -0.10 39.64
C ALA B 20 4.90 -0.89 38.55
N TRP B 21 3.94 -0.26 37.89
CA TRP B 21 3.19 -0.90 36.82
C TRP B 21 4.04 -1.18 35.59
N ASN B 22 4.94 -0.24 35.28
CA ASN B 22 5.79 -0.36 34.09
C ASN B 22 6.83 -1.47 34.24
N ALA B 23 7.27 -1.72 35.47
CA ALA B 23 8.24 -2.78 35.73
C ALA B 23 7.55 -4.14 35.74
N ALA B 24 6.47 -4.24 36.53
CA ALA B 24 5.69 -5.47 36.69
C ALA B 24 5.12 -5.99 35.38
N THR B 25 4.49 -5.09 34.64
CA THR B 25 3.73 -5.46 33.47
C THR B 25 4.59 -5.52 32.21
N LEU B 26 5.48 -4.54 32.04
CA LEU B 26 6.24 -4.44 30.78
C LEU B 26 7.48 -5.31 30.78
N TYR B 27 8.13 -5.39 31.93
CA TYR B 27 9.37 -6.16 32.04
C TYR B 27 9.17 -7.39 32.91
N LYS B 28 7.93 -7.57 33.35
CA LYS B 28 7.54 -8.79 34.05
C LYS B 28 8.31 -8.98 35.36
N LYS B 29 8.52 -7.89 36.09
CA LYS B 29 9.21 -7.94 37.38
C LYS B 29 8.28 -8.11 38.58
N ARG B 30 8.88 -8.42 39.72
CA ARG B 30 8.15 -8.64 40.96
C ARG B 30 8.30 -7.39 41.79
N VAL B 31 7.17 -6.80 42.18
CA VAL B 31 7.17 -5.44 42.71
C VAL B 31 6.34 -5.30 43.98
N ALA B 32 6.95 -4.73 45.01
CA ALA B 32 6.21 -4.34 46.21
C ALA B 32 5.98 -2.84 46.16
N VAL B 33 4.74 -2.42 46.41
CA VAL B 33 4.44 -1.01 46.54
C VAL B 33 3.93 -0.84 47.94
N ILE B 34 4.49 0.12 48.68
CA ILE B 34 4.08 0.39 50.05
C ILE B 34 3.44 1.78 50.13
N ASP B 35 2.24 1.86 50.72
CA ASP B 35 1.70 3.16 51.09
C ASP B 35 0.99 3.21 52.43
N VAL B 36 1.24 4.31 53.13
CA VAL B 36 0.70 4.67 54.43
C VAL B 36 -0.75 4.24 54.70
N GLN B 37 -1.67 4.62 53.82
CA GLN B 37 -3.05 4.15 53.91
C GLN B 37 -3.61 3.88 52.52
N MET B 38 -4.88 3.51 52.42
CA MET B 38 -5.42 3.18 51.11
C MET B 38 -6.84 3.63 50.80
N VAL B 39 -7.18 4.77 51.36
CA VAL B 39 -8.29 5.56 50.87
C VAL B 39 -8.09 6.96 51.43
N HIS B 40 -8.37 7.96 50.60
CA HIS B 40 -8.06 9.35 50.88
C HIS B 40 -8.60 9.84 52.23
N GLY B 41 -8.03 10.91 52.74
CA GLY B 41 -8.57 11.54 53.93
C GLY B 41 -7.77 11.30 55.20
N PRO B 42 -8.17 11.93 56.31
CA PRO B 42 -7.43 11.91 57.56
C PRO B 42 -7.32 10.49 58.10
N PRO B 43 -6.15 10.08 58.57
CA PRO B 43 -5.21 10.95 59.28
C PRO B 43 -4.03 11.42 58.43
N PHE B 44 -3.76 10.70 57.35
CA PHE B 44 -2.56 10.95 56.56
C PHE B 44 -2.86 11.54 55.18
N PHE B 45 -4.16 11.66 54.87
CA PHE B 45 -4.66 12.42 53.72
C PHE B 45 -4.31 11.88 52.34
N SER B 46 -3.04 11.61 52.11
CA SER B 46 -2.61 10.84 50.95
C SER B 46 -2.83 9.35 51.17
N ALA B 47 -3.03 8.63 50.08
CA ALA B 47 -3.30 7.21 50.14
C ALA B 47 -2.97 6.64 48.77
N LEU B 48 -3.30 5.38 48.54
CA LEU B 48 -3.17 4.77 47.22
C LEU B 48 -3.52 5.76 46.12
N GLY B 49 -2.54 6.09 45.28
CA GLY B 49 -2.78 7.05 44.22
C GLY B 49 -1.93 8.30 44.37
N GLY B 50 -1.46 8.53 45.59
CA GLY B 50 -0.56 9.64 45.85
C GLY B 50 -1.30 10.93 46.11
N THR B 51 -0.54 12.02 46.08
CA THR B 51 -1.03 13.34 46.46
C THR B 51 -1.92 13.96 45.38
N CYS B 52 -1.63 13.66 44.11
CA CYS B 52 -2.41 14.24 43.03
C CYS B 52 -3.86 13.78 43.06
N VAL B 53 -4.08 12.53 43.40
CA VAL B 53 -5.41 11.93 43.37
C VAL B 53 -6.22 12.27 44.61
N ASN B 54 -5.55 12.30 45.77
CA ASN B 54 -6.25 12.33 47.04
C ASN B 54 -6.43 13.75 47.62
N VAL B 55 -5.32 14.50 47.66
CA VAL B 55 -5.31 15.85 48.21
C VAL B 55 -4.55 16.79 47.28
N GLY B 56 -4.76 16.62 45.98
CA GLY B 56 -3.98 17.36 44.99
C GLY B 56 -4.79 17.74 43.77
N CYS B 57 -4.30 17.43 42.58
CA CYS B 57 -4.91 17.87 41.32
C CYS B 57 -6.38 17.50 41.17
N VAL B 58 -6.65 16.20 41.22
CA VAL B 58 -7.96 15.68 40.91
C VAL B 58 -9.07 16.32 41.76
N PRO B 59 -8.87 16.44 43.08
CA PRO B 59 -9.92 17.11 43.85
C PRO B 59 -9.99 18.64 43.72
N LYS B 60 -8.86 19.31 43.47
CA LYS B 60 -8.88 20.76 43.37
C LYS B 60 -9.51 21.24 42.07
N LYS B 61 -9.37 20.47 41.00
CA LYS B 61 -9.92 20.87 39.72
C LYS B 61 -11.42 20.66 39.67
N LEU B 62 -11.90 19.68 40.43
CA LEU B 62 -13.33 19.52 40.65
C LEU B 62 -13.84 20.71 41.45
N MET B 63 -13.00 21.21 42.35
CA MET B 63 -13.39 22.25 43.27
C MET B 63 -13.26 23.62 42.65
N VAL B 64 -12.29 23.77 41.76
CA VAL B 64 -12.14 24.97 40.96
C VAL B 64 -13.26 25.02 39.91
N THR B 65 -13.55 23.87 39.31
CA THR B 65 -14.63 23.77 38.33
C THR B 65 -15.95 24.18 38.96
N GLY B 66 -16.13 23.79 40.22
CA GLY B 66 -17.33 24.20 40.94
C GLY B 66 -17.35 25.68 41.23
N ALA B 67 -16.19 26.23 41.56
CA ALA B 67 -16.07 27.64 41.91
C ALA B 67 -16.27 28.52 40.68
N GLN B 68 -15.99 27.96 39.52
CA GLN B 68 -16.16 28.66 38.26
C GLN B 68 -17.62 28.89 37.95
N TYR B 69 -18.49 28.00 38.41
CA TYR B 69 -19.90 28.12 38.07
C TYR B 69 -20.53 29.38 38.62
N MET B 70 -19.83 30.05 39.52
CA MET B 70 -20.34 31.31 40.06
C MET B 70 -20.11 32.44 39.07
N GLU B 71 -19.05 32.33 38.29
CA GLU B 71 -18.82 33.22 37.18
C GLU B 71 -19.90 32.94 36.14
N HIS B 72 -20.09 31.69 35.78
CA HIS B 72 -21.03 31.34 34.74
C HIS B 72 -22.44 31.79 35.07
N LEU B 73 -22.85 31.62 36.32
CA LEU B 73 -24.18 32.05 36.71
C LEU B 73 -24.28 33.57 36.69
N ARG B 74 -23.17 34.26 36.94
CA ARG B 74 -23.16 35.72 36.91
C ARG B 74 -23.24 36.21 35.47
N GLU B 75 -22.20 35.97 34.69
CA GLU B 75 -22.14 36.57 33.37
C GLU B 75 -23.15 35.96 32.43
N SER B 76 -23.88 34.95 32.89
CA SER B 76 -24.94 34.32 32.11
C SER B 76 -26.03 35.32 31.80
N ALA B 77 -26.25 36.25 32.72
CA ALA B 77 -27.38 37.18 32.65
C ALA B 77 -27.28 38.11 31.48
N GLY B 78 -26.04 38.41 31.06
CA GLY B 78 -25.81 39.32 29.95
C GLY B 78 -26.20 38.77 28.60
N PHE B 79 -26.28 37.45 28.49
CA PHE B 79 -26.69 36.80 27.26
C PHE B 79 -28.16 36.41 27.33
N GLY B 80 -28.92 37.09 28.17
CA GLY B 80 -30.36 36.87 28.20
C GLY B 80 -30.87 35.95 29.29
N TRP B 81 -29.96 35.24 29.96
CA TRP B 81 -30.36 34.24 30.94
C TRP B 81 -30.76 34.81 32.29
N GLU B 82 -32.05 34.72 32.59
CA GLU B 82 -32.57 35.27 33.82
C GLU B 82 -33.18 34.24 34.74
N PHE B 83 -33.01 34.48 36.02
CA PHE B 83 -33.63 33.69 37.07
C PHE B 83 -33.57 34.49 38.37
N ASP B 84 -34.41 34.14 39.33
CA ASP B 84 -34.34 34.70 40.68
C ASP B 84 -32.94 34.57 41.30
N ARG B 85 -32.07 35.53 41.02
CA ARG B 85 -30.71 35.45 41.52
C ARG B 85 -30.65 35.70 43.03
N THR B 86 -31.79 36.07 43.61
CA THR B 86 -31.95 36.18 45.06
C THR B 86 -31.91 34.78 45.66
N THR B 87 -32.43 33.86 44.85
CA THR B 87 -32.62 32.48 45.22
C THR B 87 -31.29 31.68 45.17
N LEU B 88 -30.30 32.25 44.50
CA LEU B 88 -29.10 31.50 44.08
C LEU B 88 -28.04 31.37 45.16
N ARG B 89 -27.88 30.15 45.68
CA ARG B 89 -26.87 29.87 46.71
C ARG B 89 -26.03 28.61 46.45
N ALA B 90 -24.80 28.62 46.97
CA ALA B 90 -23.81 27.56 46.73
C ALA B 90 -23.77 26.58 47.88
N GLU B 91 -23.81 25.29 47.55
CA GLU B 91 -23.90 24.24 48.55
C GLU B 91 -22.58 23.47 48.72
N TRP B 92 -21.70 24.02 49.56
CA TRP B 92 -20.36 23.47 49.74
C TRP B 92 -20.41 21.99 50.10
N LYS B 93 -21.33 21.61 50.97
CA LYS B 93 -21.45 20.22 51.40
C LYS B 93 -21.60 19.28 50.22
N LYS B 94 -22.37 19.70 49.21
CA LYS B 94 -22.57 18.87 48.03
C LYS B 94 -21.26 18.74 47.25
N LEU B 95 -20.52 19.84 47.15
CA LEU B 95 -19.27 19.83 46.38
C LEU B 95 -18.28 18.80 46.93
N ILE B 96 -17.91 18.94 48.20
CA ILE B 96 -16.93 18.06 48.81
C ILE B 96 -17.49 16.65 48.96
N ALA B 97 -18.81 16.53 48.86
CA ALA B 97 -19.47 15.23 48.93
C ALA B 97 -19.27 14.43 47.65
N VAL B 98 -19.37 15.09 46.50
CA VAL B 98 -19.15 14.43 45.22
C VAL B 98 -17.66 14.25 44.96
N LYS B 99 -16.85 15.12 45.56
CA LYS B 99 -15.38 15.05 45.49
C LYS B 99 -14.94 13.77 46.13
N ASP B 100 -15.39 13.54 47.36
CA ASP B 100 -14.98 12.39 48.13
C ASP B 100 -15.30 11.10 47.41
N GLU B 101 -16.44 11.11 46.72
CA GLU B 101 -16.90 10.00 45.89
C GLU B 101 -15.91 9.72 44.77
N ALA B 102 -15.62 10.75 44.00
CA ALA B 102 -14.74 10.66 42.83
C ALA B 102 -13.37 10.15 43.23
N VAL B 103 -12.82 10.73 44.29
CA VAL B 103 -11.48 10.40 44.75
C VAL B 103 -11.45 8.99 45.32
N LEU B 104 -12.56 8.56 45.93
CA LEU B 104 -12.64 7.23 46.52
C LEU B 104 -12.55 6.15 45.47
N ASN B 105 -13.09 6.42 44.29
CA ASN B 105 -13.13 5.40 43.26
C ASN B 105 -11.79 5.24 42.58
N ILE B 106 -11.06 6.34 42.41
CA ILE B 106 -9.69 6.25 41.94
C ILE B 106 -8.94 5.33 42.89
N ASN B 107 -9.25 5.45 44.18
CA ASN B 107 -8.66 4.59 45.20
C ASN B 107 -9.06 3.15 45.00
N LYS B 108 -10.35 2.93 44.73
CA LYS B 108 -10.91 1.58 44.63
C LYS B 108 -10.37 0.84 43.42
N SER B 109 -10.15 1.58 42.35
CA SER B 109 -9.69 1.01 41.10
C SER B 109 -8.23 0.60 41.20
N TYR B 110 -7.43 1.36 41.94
CA TYR B 110 -6.05 0.97 42.18
C TYR B 110 -5.96 -0.32 42.96
N GLU B 111 -6.92 -0.53 43.86
CA GLU B 111 -7.07 -1.81 44.56
C GLU B 111 -7.12 -2.97 43.58
N GLU B 112 -8.10 -2.98 42.69
CA GLU B 112 -8.17 -3.99 41.65
C GLU B 112 -6.87 -4.14 40.89
N MET B 113 -6.29 -3.03 40.47
CA MET B 113 -5.06 -3.04 39.67
C MET B 113 -4.01 -3.96 40.30
N PHE B 114 -3.87 -3.87 41.61
CA PHE B 114 -2.99 -4.74 42.38
C PHE B 114 -3.56 -6.14 42.49
N ARG B 115 -4.88 -6.18 42.63
CA ARG B 115 -5.65 -7.39 42.92
C ARG B 115 -5.95 -8.15 41.64
N ASP B 116 -5.25 -7.81 40.56
CA ASP B 116 -5.52 -8.38 39.25
C ASP B 116 -4.24 -8.51 38.41
N THR B 117 -3.11 -8.17 39.00
CA THR B 117 -1.82 -8.18 38.27
C THR B 117 -0.75 -8.97 39.05
N GLU B 118 -0.07 -9.87 38.32
CA GLU B 118 1.14 -10.53 38.82
C GLU B 118 2.21 -9.51 39.21
N GLY B 119 3.07 -9.87 40.17
CA GLY B 119 4.20 -9.01 40.46
C GLY B 119 3.85 -7.82 41.33
N LEU B 120 2.80 -7.08 40.96
CA LEU B 120 2.30 -5.97 41.77
C LEU B 120 1.67 -6.49 43.05
N GLU B 121 2.25 -6.09 44.18
CA GLU B 121 1.60 -6.22 45.47
C GLU B 121 1.83 -5.04 46.41
N PHE B 122 0.80 -4.74 47.18
CA PHE B 122 0.72 -3.52 47.98
C PHE B 122 0.83 -3.88 49.46
N PHE B 123 1.75 -3.23 50.16
CA PHE B 123 1.80 -3.37 51.60
C PHE B 123 1.38 -2.06 52.27
N LEU B 124 0.37 -2.15 53.13
CA LEU B 124 -0.11 -0.99 53.86
C LEU B 124 0.80 -0.74 55.04
N GLY B 125 1.44 0.42 55.06
CA GLY B 125 2.32 0.75 56.18
C GLY B 125 3.26 1.88 55.88
N TRP B 126 4.26 2.05 56.72
CA TRP B 126 5.26 3.09 56.52
C TRP B 126 6.63 2.51 56.17
N GLY B 127 7.08 2.81 54.95
CA GLY B 127 8.33 2.26 54.46
C GLY B 127 9.57 2.89 55.03
N SER B 128 10.48 2.05 55.51
CA SER B 128 11.72 2.52 56.12
C SER B 128 12.85 1.75 55.49
N LEU B 129 13.96 2.44 55.25
CA LEU B 129 15.17 1.82 54.75
C LEU B 129 15.88 1.18 55.92
N GLU B 130 16.05 -0.13 55.88
CA GLU B 130 16.87 -0.79 56.89
C GLU B 130 18.30 -0.96 56.40
N SER B 131 18.45 -1.21 55.10
CA SER B 131 19.77 -1.36 54.51
C SER B 131 19.79 -0.94 53.05
N LYS B 132 20.93 -1.19 52.39
CA LYS B 132 21.06 -1.04 50.95
C LYS B 132 19.97 -1.82 50.18
N ASN B 133 19.49 -2.93 50.76
CA ASN B 133 18.35 -3.63 50.18
C ASN B 133 17.57 -4.60 51.08
N VAL B 134 17.19 -4.10 52.25
CA VAL B 134 16.01 -4.58 52.92
C VAL B 134 15.25 -3.33 53.38
N VAL B 135 13.92 -3.35 53.23
CA VAL B 135 13.06 -2.25 53.62
C VAL B 135 11.91 -2.78 54.46
N ASN B 136 11.70 -2.15 55.61
CA ASN B 136 10.67 -2.59 56.55
C ASN B 136 9.35 -1.89 56.23
N VAL B 137 8.27 -2.67 56.19
CA VAL B 137 6.95 -2.09 56.34
C VAL B 137 6.66 -2.09 57.82
N ARG B 138 6.88 -0.95 58.44
CA ARG B 138 6.63 -0.78 59.87
C ARG B 138 5.18 -0.38 60.08
N GLU B 139 4.75 -0.26 61.33
CA GLU B 139 3.36 0.03 61.61
C GLU B 139 3.08 1.52 61.85
N SER B 140 4.13 2.32 61.97
CA SER B 140 3.94 3.76 62.07
C SER B 140 5.13 4.55 61.53
N ALA B 141 5.04 5.87 61.59
CA ALA B 141 6.15 6.73 61.18
C ALA B 141 7.35 6.47 62.07
N ASP B 142 7.09 6.43 63.38
CA ASP B 142 8.10 6.15 64.38
C ASP B 142 8.76 4.78 64.18
N PRO B 143 10.07 4.79 63.94
CA PRO B 143 10.84 3.59 63.58
C PRO B 143 10.99 2.65 64.78
N ALA B 144 10.41 3.06 65.91
CA ALA B 144 10.30 2.19 67.06
C ALA B 144 9.08 1.28 66.89
N SER B 145 8.03 1.81 66.27
CA SER B 145 6.79 1.07 66.08
C SER B 145 7.01 -0.31 65.45
N ALA B 146 6.03 -1.19 65.62
CA ALA B 146 6.17 -2.58 65.22
C ALA B 146 6.44 -2.75 63.73
N VAL B 147 7.51 -3.46 63.41
CA VAL B 147 7.73 -3.92 62.04
C VAL B 147 6.66 -4.97 61.74
N LYS B 148 6.06 -4.86 60.56
CA LYS B 148 5.02 -5.79 60.16
C LYS B 148 5.32 -6.35 58.78
N GLU B 149 6.60 -6.29 58.42
CA GLU B 149 7.11 -6.85 57.16
C GLU B 149 8.52 -6.34 56.98
N ARG B 150 9.41 -7.20 56.49
CA ARG B 150 10.70 -6.76 55.95
C ARG B 150 10.72 -7.29 54.53
N LEU B 151 10.80 -6.39 53.55
CA LEU B 151 10.97 -6.80 52.17
C LEU B 151 12.46 -6.80 51.80
N GLU B 152 12.99 -7.98 51.48
CA GLU B 152 14.29 -8.07 50.81
C GLU B 152 14.07 -7.81 49.34
N THR B 153 15.04 -7.16 48.70
CA THR B 153 14.86 -6.75 47.32
C THR B 153 16.20 -6.46 46.65
N GLU B 154 16.19 -6.41 45.33
CA GLU B 154 17.39 -6.09 44.58
C GLU B 154 17.44 -4.62 44.16
N ASN B 155 16.28 -3.96 44.12
CA ASN B 155 16.23 -2.51 43.90
C ASN B 155 15.24 -1.84 44.82
N ILE B 156 15.48 -0.57 45.10
CA ILE B 156 14.54 0.24 45.87
C ILE B 156 14.28 1.55 45.14
N LEU B 157 13.01 1.93 45.02
CA LEU B 157 12.65 3.23 44.45
C LEU B 157 11.96 4.08 45.49
N LEU B 158 12.57 5.22 45.80
CA LEU B 158 12.05 6.17 46.77
C LEU B 158 11.16 7.20 46.08
N ALA B 159 9.85 7.05 46.26
CA ALA B 159 8.87 7.97 45.69
C ALA B 159 7.88 8.44 46.76
N SER B 160 8.42 9.00 47.84
CA SER B 160 7.62 9.39 48.99
C SER B 160 6.93 10.76 48.84
N GLY B 161 7.23 11.46 47.75
CA GLY B 161 6.56 12.73 47.48
C GLY B 161 7.04 13.88 48.35
N SER B 162 6.11 14.71 48.82
CA SER B 162 6.43 15.93 49.56
C SER B 162 5.25 16.33 50.43
N TRP B 163 5.52 16.95 51.58
CA TRP B 163 4.45 17.41 52.45
C TRP B 163 4.34 18.93 52.50
N PRO B 164 3.17 19.45 52.90
CA PRO B 164 3.06 20.88 53.19
C PRO B 164 4.13 21.34 54.17
N HIS B 165 4.60 22.56 53.97
CA HIS B 165 5.57 23.13 54.86
C HIS B 165 4.91 24.19 55.72
N MET B 166 5.03 24.02 57.03
CA MET B 166 4.49 24.97 57.99
C MET B 166 5.60 25.82 58.57
N PRO B 167 5.32 27.12 58.74
CA PRO B 167 6.24 28.01 59.44
C PRO B 167 6.30 27.67 60.92
N ASN B 168 7.33 28.17 61.59
CA ASN B 168 7.42 28.07 63.03
C ASN B 168 6.94 29.34 63.73
N ILE B 169 5.65 29.32 64.07
CA ILE B 169 4.93 30.50 64.49
C ILE B 169 4.22 30.14 65.80
N PRO B 170 4.22 31.08 66.76
CA PRO B 170 3.23 31.15 67.84
C PRO B 170 1.80 30.85 67.38
N GLY B 171 1.35 29.63 67.61
CA GLY B 171 -0.03 29.29 67.32
C GLY B 171 -0.23 28.64 65.97
N ILE B 172 0.87 28.17 65.38
CA ILE B 172 0.80 27.45 64.12
C ILE B 172 -0.16 26.27 64.25
N GLU B 173 -0.40 25.85 65.48
CA GLU B 173 -1.33 24.76 65.75
C GLU B 173 -2.73 25.05 65.23
N HIS B 174 -3.12 26.31 65.21
CA HIS B 174 -4.49 26.67 64.86
C HIS B 174 -4.68 26.90 63.37
N CYS B 175 -3.63 26.66 62.58
CA CYS B 175 -3.69 26.78 61.13
C CYS B 175 -3.87 25.41 60.48
N ILE B 176 -4.39 25.41 59.25
CA ILE B 176 -4.56 24.19 58.48
C ILE B 176 -3.59 24.17 57.29
N SER B 177 -3.83 23.29 56.32
CA SER B 177 -2.96 23.15 55.15
C SER B 177 -3.81 22.97 53.89
N SER B 178 -3.18 22.62 52.77
CA SER B 178 -3.92 22.19 51.59
C SER B 178 -4.78 21.00 51.99
N ASN B 179 -4.12 20.02 52.62
CA ASN B 179 -4.72 18.76 53.04
C ASN B 179 -6.04 18.86 53.78
N GLU B 180 -6.06 19.62 54.87
CA GLU B 180 -7.27 19.73 55.67
C GLU B 180 -8.35 20.56 54.98
N ALA B 181 -7.94 21.44 54.07
CA ALA B 181 -8.88 22.29 53.34
C ALA B 181 -9.84 21.46 52.50
N PHE B 182 -9.41 20.28 52.08
CA PHE B 182 -10.21 19.43 51.21
C PHE B 182 -11.29 18.70 51.99
N TYR B 183 -11.24 18.80 53.30
CA TYR B 183 -12.16 18.05 54.14
C TYR B 183 -12.97 18.92 55.09
N LEU B 184 -12.92 20.23 54.89
CA LEU B 184 -13.69 21.16 55.72
C LEU B 184 -15.17 20.79 55.74
N PRO B 185 -15.75 20.72 56.95
CA PRO B 185 -17.18 20.44 57.11
C PRO B 185 -18.04 21.46 56.40
N GLU B 186 -17.51 22.67 56.29
CA GLU B 186 -18.21 23.81 55.72
C GLU B 186 -17.20 24.90 55.35
N PRO B 187 -17.58 25.81 54.46
CA PRO B 187 -16.73 26.92 54.00
C PRO B 187 -16.54 28.00 55.05
N PRO B 188 -15.29 28.42 55.26
CA PRO B 188 -14.96 29.50 56.19
C PRO B 188 -15.58 30.84 55.77
N ARG B 189 -15.92 31.69 56.74
CA ARG B 189 -16.44 33.01 56.44
C ARG B 189 -15.31 33.99 56.19
N ARG B 190 -14.42 34.12 57.17
CA ARG B 190 -13.17 34.85 57.01
C ARG B 190 -12.02 33.88 56.87
N VAL B 191 -11.32 33.94 55.74
CA VAL B 191 -10.18 33.05 55.48
C VAL B 191 -8.92 33.86 55.25
N LEU B 192 -7.79 33.29 55.65
CA LEU B 192 -6.51 33.87 55.29
C LEU B 192 -5.69 32.75 54.71
N THR B 193 -5.47 32.76 53.40
CA THR B 193 -4.53 31.82 52.81
C THR B 193 -3.17 32.47 52.80
N VAL B 194 -2.30 31.95 53.64
CA VAL B 194 -0.95 32.47 53.74
C VAL B 194 -0.14 31.84 52.63
N GLY B 195 0.57 32.67 51.87
CA GLY B 195 1.44 32.15 50.84
C GLY B 195 1.24 32.89 49.53
N GLY B 196 2.22 32.81 48.64
CA GLY B 196 2.15 33.61 47.43
C GLY B 196 2.36 32.84 46.14
N GLY B 197 1.35 32.06 45.76
CA GLY B 197 1.41 31.35 44.50
C GLY B 197 0.72 29.99 44.47
N PHE B 198 0.08 29.69 43.34
CA PHE B 198 -0.35 28.35 42.99
C PHE B 198 -1.40 27.90 44.02
N ILE B 199 -1.02 27.01 44.93
CA ILE B 199 -1.95 26.46 45.90
C ILE B 199 -2.70 27.53 46.69
N SER B 200 -1.99 28.55 47.16
CA SER B 200 -2.63 29.62 47.90
C SER B 200 -3.67 30.33 47.04
N VAL B 201 -3.29 30.73 45.83
CA VAL B 201 -4.16 31.55 44.99
C VAL B 201 -5.24 30.71 44.33
N GLU B 202 -4.99 29.42 44.21
CA GLU B 202 -5.99 28.50 43.66
C GLU B 202 -7.08 28.31 44.68
N PHE B 203 -6.68 28.18 45.95
CA PHE B 203 -7.63 27.94 47.04
C PHE B 203 -8.35 29.22 47.43
N ALA B 204 -7.72 30.36 47.17
CA ALA B 204 -8.38 31.64 47.36
C ALA B 204 -9.57 31.74 46.41
N GLY B 205 -9.43 31.17 45.22
CA GLY B 205 -10.53 31.09 44.28
C GLY B 205 -11.69 30.29 44.83
N ILE B 206 -11.40 29.10 45.34
CA ILE B 206 -12.43 28.15 45.74
C ILE B 206 -13.17 28.64 46.97
N PHE B 207 -12.43 29.17 47.94
CA PHE B 207 -13.00 29.70 49.15
C PHE B 207 -13.88 30.91 48.84
N ASN B 208 -13.47 31.71 47.85
CA ASN B 208 -14.20 32.92 47.47
C ASN B 208 -15.60 32.59 46.98
N ALA B 209 -15.71 31.57 46.13
CA ALA B 209 -16.98 31.20 45.51
C ALA B 209 -17.99 30.57 46.45
N TYR B 210 -17.50 29.77 47.40
CA TYR B 210 -18.40 29.05 48.30
C TYR B 210 -18.56 29.71 49.67
N LYS B 211 -18.04 30.93 49.82
CA LYS B 211 -18.14 31.70 51.07
C LYS B 211 -19.57 32.19 51.34
N PRO B 212 -19.82 32.73 52.55
CA PRO B 212 -21.21 33.05 52.93
C PRO B 212 -21.70 34.50 52.70
N LYS B 213 -21.32 35.10 51.55
CA LYS B 213 -21.87 36.40 51.09
C LYS B 213 -21.45 37.63 51.90
N ASP B 214 -21.51 37.48 53.23
CA ASP B 214 -20.78 38.35 54.12
C ASP B 214 -19.43 37.72 54.51
N GLY B 215 -19.08 36.62 53.83
CA GLY B 215 -17.74 36.08 53.94
C GLY B 215 -16.72 36.94 53.22
N GLN B 216 -15.45 36.83 53.62
CA GLN B 216 -14.36 37.59 52.99
C GLN B 216 -13.02 36.86 52.99
N VAL B 217 -12.40 36.82 51.81
CA VAL B 217 -11.17 36.05 51.60
C VAL B 217 -9.97 37.00 51.52
N THR B 218 -8.90 36.64 52.20
CA THR B 218 -7.72 37.49 52.26
C THR B 218 -6.49 36.63 51.98
N LEU B 219 -5.99 36.72 50.75
CA LEU B 219 -4.72 36.11 50.41
C LEU B 219 -3.62 37.05 50.88
N CYS B 220 -2.66 36.53 51.62
CA CYS B 220 -1.57 37.38 52.08
C CYS B 220 -0.25 36.78 51.68
N TYR B 221 0.62 37.64 51.17
CA TYR B 221 1.94 37.21 50.75
C TYR B 221 2.99 38.16 51.30
N ARG B 222 4.03 37.60 51.87
CA ARG B 222 5.21 38.34 52.29
C ARG B 222 6.09 38.77 51.12
N GLY B 223 5.52 38.85 49.91
CA GLY B 223 6.28 39.28 48.76
C GLY B 223 5.85 40.66 48.31
N GLU B 224 6.35 41.10 47.16
CA GLU B 224 5.89 42.36 46.57
C GLU B 224 4.66 42.09 45.69
N MET B 225 4.59 40.87 45.17
CA MET B 225 3.52 40.48 44.24
C MET B 225 3.36 38.96 44.28
N ILE B 226 2.12 38.47 44.26
CA ILE B 226 1.84 37.02 44.30
C ILE B 226 2.45 36.27 43.12
N LEU B 227 2.35 34.93 43.16
CA LEU B 227 2.93 34.08 42.13
C LEU B 227 4.38 34.43 41.80
N ARG B 228 5.21 34.43 42.84
CA ARG B 228 6.67 34.44 42.69
C ARG B 228 7.02 33.48 41.55
N GLY B 229 7.79 33.99 40.59
CA GLY B 229 8.35 33.13 39.55
C GLY B 229 7.62 33.06 38.21
N PHE B 230 6.45 33.68 38.13
CA PHE B 230 5.67 33.73 36.90
C PHE B 230 5.92 35.04 36.16
N ASP B 231 5.59 35.07 34.87
CA ASP B 231 5.82 36.25 34.04
C ASP B 231 5.21 37.51 34.67
N HIS B 232 5.97 38.60 34.65
CA HIS B 232 5.60 39.78 35.40
C HIS B 232 4.21 40.37 35.09
N THR B 233 3.74 40.20 33.85
CA THR B 233 2.48 40.79 33.42
C THR B 233 1.32 39.95 33.90
N LEU B 234 1.53 38.64 33.89
CA LEU B 234 0.51 37.72 34.35
C LEU B 234 0.28 37.92 35.84
N ARG B 235 1.33 38.32 36.55
CA ARG B 235 1.22 38.51 37.97
C ARG B 235 0.45 39.74 38.35
N GLU B 236 0.73 40.87 37.70
CA GLU B 236 -0.04 42.06 38.02
C GLU B 236 -1.47 41.97 37.55
N GLU B 237 -1.69 41.37 36.38
CA GLU B 237 -3.05 41.23 35.86
C GLU B 237 -3.92 40.28 36.67
N LEU B 238 -3.34 39.16 37.13
CA LEU B 238 -4.10 38.25 37.96
C LEU B 238 -4.37 38.87 39.31
N THR B 239 -3.41 39.65 39.82
CA THR B 239 -3.57 40.33 41.08
C THR B 239 -4.71 41.34 41.00
N LYS B 240 -4.93 41.87 39.80
CA LYS B 240 -6.00 42.84 39.55
C LYS B 240 -7.35 42.17 39.52
N GLN B 241 -7.43 41.05 38.82
CA GLN B 241 -8.70 40.41 38.54
C GLN B 241 -9.13 39.55 39.72
N LEU B 242 -8.17 39.26 40.60
CA LEU B 242 -8.49 38.58 41.84
C LEU B 242 -9.14 39.57 42.80
N THR B 243 -8.52 40.73 42.95
CA THR B 243 -9.10 41.80 43.75
C THR B 243 -10.38 42.35 43.10
N ALA B 244 -10.47 42.24 41.78
CA ALA B 244 -11.65 42.68 41.06
C ALA B 244 -12.85 41.84 41.47
N ASN B 245 -12.61 40.56 41.70
CA ASN B 245 -13.70 39.68 42.15
C ASN B 245 -13.85 39.69 43.66
N GLY B 246 -12.96 40.43 44.34
CA GLY B 246 -13.17 40.76 45.74
C GLY B 246 -12.41 39.92 46.77
N ILE B 247 -11.23 39.45 46.39
CA ILE B 247 -10.38 38.77 47.35
C ILE B 247 -9.26 39.73 47.77
N GLN B 248 -9.14 39.95 49.07
CA GLN B 248 -8.08 40.81 49.61
C GLN B 248 -6.72 40.23 49.29
N ILE B 249 -5.87 41.00 48.62
CA ILE B 249 -4.49 40.56 48.46
C ILE B 249 -3.51 41.47 49.20
N LEU B 250 -3.04 40.96 50.35
CA LEU B 250 -2.12 41.66 51.25
C LEU B 250 -0.67 41.29 50.96
N THR B 251 0.04 42.15 50.23
CA THR B 251 1.47 41.93 49.99
C THR B 251 2.37 42.62 51.00
N LYS B 252 3.55 42.02 51.21
CA LYS B 252 4.47 42.43 52.25
C LYS B 252 3.80 42.36 53.63
N GLU B 253 2.97 41.35 53.83
CA GLU B 253 2.43 41.05 55.15
C GLU B 253 2.65 39.56 55.43
N ASN B 254 3.12 39.26 56.64
CA ASN B 254 3.39 37.87 57.02
C ASN B 254 2.97 37.62 58.47
N PRO B 255 2.18 36.55 58.70
CA PRO B 255 1.92 36.02 60.04
C PRO B 255 3.14 35.88 60.94
N ALA B 256 2.99 36.40 62.15
CA ALA B 256 3.99 36.28 63.21
C ALA B 256 3.46 35.40 64.33
N LYS B 257 2.15 35.51 64.60
CA LYS B 257 1.54 34.80 65.71
C LYS B 257 0.03 34.64 65.50
N VAL B 258 -0.38 33.40 65.31
CA VAL B 258 -1.80 33.04 65.35
C VAL B 258 -2.17 32.66 66.78
N GLU B 259 -2.97 33.49 67.41
CA GLU B 259 -3.52 33.16 68.71
C GLU B 259 -5.03 32.93 68.59
N LEU B 260 -5.49 31.82 69.16
CA LEU B 260 -6.91 31.50 69.17
C LEU B 260 -7.60 32.40 70.19
N ASN B 261 -8.47 33.27 69.70
CA ASN B 261 -9.28 34.08 70.61
C ASN B 261 -10.73 33.58 70.71
N ALA B 262 -11.05 33.16 71.94
CA ALA B 262 -12.43 33.06 72.41
C ALA B 262 -13.38 32.16 71.60
N ASP B 263 -14.35 32.83 70.96
CA ASP B 263 -15.40 32.21 70.15
C ASP B 263 -14.98 31.17 69.11
N GLY B 264 -13.68 30.90 69.03
CA GLY B 264 -13.16 30.01 68.00
C GLY B 264 -12.45 30.85 66.96
N SER B 265 -12.72 32.15 66.95
CA SER B 265 -11.96 33.11 66.16
C SER B 265 -10.46 32.95 66.32
N LYS B 266 -9.71 33.44 65.35
CA LYS B 266 -8.26 33.46 65.46
C LYS B 266 -7.75 34.86 65.18
N SER B 267 -6.89 35.36 66.07
CA SER B 267 -6.27 36.66 65.90
C SER B 267 -4.87 36.50 65.35
N VAL B 268 -4.71 36.82 64.09
CA VAL B 268 -3.42 36.73 63.45
C VAL B 268 -2.77 38.09 63.50
N THR B 269 -1.78 38.20 64.35
CA THR B 269 -0.88 39.34 64.31
C THR B 269 0.19 39.10 63.26
N PHE B 270 0.29 40.02 62.30
CA PHE B 270 1.39 40.04 61.35
C PHE B 270 2.62 40.71 61.95
N GLU B 271 3.79 40.19 61.59
CA GLU B 271 5.06 40.83 61.98
C GLU B 271 5.08 42.24 61.43
N SER B 272 4.24 42.45 60.42
CA SER B 272 4.08 43.75 59.79
C SER B 272 3.14 44.65 60.61
N GLY B 273 3.27 44.57 61.93
CA GLY B 273 2.39 45.31 62.84
C GLY B 273 0.95 44.83 62.90
N LYS B 274 0.25 44.90 61.77
CA LYS B 274 -1.18 44.61 61.66
C LYS B 274 -1.66 43.42 62.47
N LYS B 275 -2.86 43.52 63.04
CA LYS B 275 -3.54 42.34 63.57
C LYS B 275 -4.91 42.21 62.89
N MET B 276 -5.31 40.98 62.62
CA MET B 276 -6.57 40.70 61.92
C MET B 276 -7.28 39.50 62.51
N ASP B 277 -8.58 39.41 62.25
CA ASP B 277 -9.40 38.32 62.78
C ASP B 277 -9.91 37.42 61.65
N PHE B 278 -9.73 36.12 61.81
CA PHE B 278 -10.16 35.17 60.79
C PHE B 278 -10.84 33.97 61.44
N ASP B 279 -11.58 33.23 60.63
CA ASP B 279 -12.20 32.00 61.09
C ASP B 279 -11.34 30.81 60.71
N LEU B 280 -10.50 30.99 59.69
CA LEU B 280 -9.63 29.94 59.21
C LEU B 280 -8.34 30.51 58.64
N VAL B 281 -7.21 29.99 59.13
CA VAL B 281 -5.91 30.32 58.57
C VAL B 281 -5.36 29.08 57.88
N MET B 282 -5.07 29.21 56.59
CA MET B 282 -4.50 28.09 55.85
C MET B 282 -3.07 28.43 55.47
N MET B 283 -2.12 27.59 55.89
CA MET B 283 -0.71 27.79 55.51
C MET B 283 -0.37 27.10 54.19
N ALA B 284 0.11 27.90 53.25
CA ALA B 284 0.48 27.40 51.95
C ALA B 284 1.79 28.05 51.58
N ILE B 285 2.70 28.09 52.54
CA ILE B 285 3.98 28.76 52.35
C ILE B 285 5.01 27.90 51.61
N GLY B 286 4.75 26.58 51.56
CA GLY B 286 5.63 25.69 50.81
C GLY B 286 5.29 24.21 50.87
N ARG B 287 6.06 23.43 50.10
CA ARG B 287 6.07 21.98 50.17
C ARG B 287 7.51 21.49 50.24
N SER B 288 7.72 20.39 50.97
CA SER B 288 9.07 19.88 51.19
C SER B 288 9.11 18.37 51.06
N PRO B 289 10.16 17.83 50.43
CA PRO B 289 10.35 16.38 50.23
C PRO B 289 10.05 15.57 51.48
N ARG B 290 9.33 14.46 51.32
CA ARG B 290 9.02 13.59 52.45
C ARG B 290 10.17 12.65 52.72
N THR B 291 11.37 13.22 52.64
CA THR B 291 12.62 12.58 52.99
C THR B 291 12.53 12.09 54.43
N LYS B 292 12.12 12.99 55.31
CA LYS B 292 11.56 12.67 56.63
C LYS B 292 11.86 11.30 57.27
N ASP B 293 10.90 10.37 57.19
CA ASP B 293 10.92 9.13 57.94
C ASP B 293 11.32 7.93 57.07
N LEU B 294 12.19 8.18 56.10
CA LEU B 294 12.63 7.14 55.17
C LEU B 294 13.87 6.37 55.65
N GLN B 295 14.56 6.90 56.68
CA GLN B 295 15.77 6.29 57.26
C GLN B 295 16.90 6.18 56.26
N LEU B 296 17.12 7.24 55.50
CA LEU B 296 18.02 7.18 54.34
C LEU B 296 19.43 6.84 54.74
N GLN B 297 19.85 7.35 55.90
CA GLN B 297 21.17 7.04 56.45
C GLN B 297 21.40 5.54 56.57
N ASN B 298 20.35 4.78 56.86
CA ASN B 298 20.47 3.33 56.98
C ASN B 298 21.08 2.71 55.74
N ALA B 299 20.79 3.28 54.59
CA ALA B 299 21.39 2.81 53.35
C ALA B 299 22.56 3.71 52.98
N GLY B 300 22.55 4.92 53.54
CA GLY B 300 23.57 5.90 53.23
C GLY B 300 23.23 6.74 52.02
N VAL B 301 21.95 7.08 51.87
CA VAL B 301 21.47 7.88 50.75
C VAL B 301 21.65 9.35 51.05
N MET B 302 22.00 10.13 50.04
CA MET B 302 22.33 11.53 50.24
C MET B 302 21.22 12.49 49.89
N ILE B 303 20.95 13.41 50.81
CA ILE B 303 20.15 14.59 50.50
C ILE B 303 21.09 15.66 49.97
N LYS B 304 20.69 16.32 48.89
CA LYS B 304 21.37 17.53 48.48
C LYS B 304 20.89 18.59 49.45
N ASN B 305 19.63 18.97 49.26
CA ASN B 305 18.97 19.91 50.14
C ASN B 305 17.51 19.53 50.07
N GLY B 306 16.85 19.57 51.22
CA GLY B 306 15.49 19.06 51.33
C GLY B 306 15.36 17.57 51.03
N GLY B 307 15.43 17.23 49.74
CA GLY B 307 15.22 15.87 49.32
C GLY B 307 16.42 15.15 48.75
N VAL B 308 16.18 13.88 48.45
CA VAL B 308 17.17 12.95 47.93
C VAL B 308 17.84 13.51 46.70
N GLN B 309 19.17 13.61 46.71
CA GLN B 309 19.89 14.01 45.50
C GLN B 309 20.15 12.84 44.55
N VAL B 310 19.84 13.10 43.29
CA VAL B 310 19.62 12.09 42.27
C VAL B 310 20.09 12.69 40.94
N ASP B 311 20.74 11.87 40.10
CA ASP B 311 21.28 12.35 38.82
C ASP B 311 20.24 12.44 37.69
N GLU B 312 20.71 12.53 36.45
CA GLU B 312 19.83 12.66 35.29
C GLU B 312 18.99 11.41 35.09
N TYR B 313 19.64 10.28 35.34
CA TYR B 313 19.00 8.99 35.24
C TYR B 313 18.35 8.62 36.56
N SER B 314 18.25 9.60 37.46
CA SER B 314 17.47 9.51 38.69
C SER B 314 17.93 8.40 39.63
N ARG B 315 19.23 8.34 39.90
CA ARG B 315 19.73 7.43 40.92
C ARG B 315 20.66 8.07 41.93
N THR B 316 20.57 7.58 43.16
CA THR B 316 21.37 8.10 44.25
C THR B 316 22.77 7.53 44.28
N ASN B 317 23.57 8.04 45.21
CA ASN B 317 24.88 7.48 45.55
C ASN B 317 24.83 5.97 45.71
N VAL B 318 23.92 5.47 46.56
CA VAL B 318 23.71 4.04 46.72
C VAL B 318 23.22 3.47 45.41
N SER B 319 23.95 2.48 44.90
CA SER B 319 23.83 2.07 43.51
C SER B 319 22.58 1.25 43.11
N ASN B 320 21.85 0.72 44.07
CA ASN B 320 20.62 -0.01 43.74
C ASN B 320 19.39 0.74 44.22
N ILE B 321 19.58 2.01 44.54
CA ILE B 321 18.49 2.87 44.97
C ILE B 321 18.34 4.06 43.99
N TYR B 322 17.10 4.34 43.60
CA TYR B 322 16.78 5.46 42.70
C TYR B 322 15.67 6.29 43.32
N ALA B 323 15.46 7.51 42.85
CA ALA B 323 14.37 8.34 43.36
C ALA B 323 13.74 9.24 42.30
N ILE B 324 12.44 9.45 42.42
CA ILE B 324 11.68 10.24 41.44
C ILE B 324 10.66 11.16 42.07
N GLY B 325 10.09 12.04 41.26
CA GLY B 325 9.04 12.93 41.71
C GLY B 325 9.47 14.07 42.60
N ASP B 326 8.78 14.18 43.74
CA ASP B 326 8.83 15.39 44.55
C ASP B 326 9.90 15.28 45.60
N VAL B 327 10.26 14.05 45.94
CA VAL B 327 11.29 13.81 46.92
C VAL B 327 12.67 14.11 46.32
N THR B 328 12.74 14.15 44.98
CA THR B 328 13.95 14.60 44.29
C THR B 328 14.06 16.12 44.31
N ASN B 329 12.95 16.76 44.67
CA ASN B 329 12.87 18.22 44.67
C ASN B 329 13.28 18.82 43.32
N ARG B 330 12.84 18.17 42.24
CA ARG B 330 13.12 18.62 40.87
C ARG B 330 11.98 19.52 40.44
N VAL B 331 11.23 19.11 39.43
CA VAL B 331 9.96 19.78 39.12
C VAL B 331 8.87 19.04 39.89
N MET B 332 8.10 19.79 40.67
CA MET B 332 7.04 19.18 41.48
C MET B 332 5.68 19.25 40.76
N LEU B 333 5.51 18.32 39.82
CA LEU B 333 4.36 18.28 38.92
C LEU B 333 4.08 16.81 38.68
N THR B 334 2.82 16.41 38.63
CA THR B 334 2.51 15.00 38.45
C THR B 334 3.10 14.43 37.16
N PRO B 335 2.84 15.06 36.00
CA PRO B 335 3.28 14.46 34.73
C PRO B 335 4.78 14.48 34.50
N VAL B 336 5.52 15.25 35.29
CA VAL B 336 6.97 15.18 35.27
C VAL B 336 7.42 13.96 36.05
N ALA B 337 6.71 13.67 37.15
CA ALA B 337 7.04 12.54 38.01
C ALA B 337 6.68 11.20 37.37
N ILE B 338 5.65 11.22 36.54
CA ILE B 338 5.24 10.04 35.80
C ILE B 338 6.25 9.75 34.70
N ASN B 339 6.86 10.81 34.18
CA ASN B 339 7.88 10.67 33.15
C ASN B 339 9.19 10.19 33.74
N GLU B 340 9.59 10.83 34.83
CA GLU B 340 10.75 10.39 35.61
C GLU B 340 10.62 8.89 35.90
N ALA B 341 9.44 8.48 36.37
CA ALA B 341 9.15 7.09 36.66
C ALA B 341 9.26 6.20 35.45
N ALA B 342 8.62 6.60 34.36
CA ALA B 342 8.57 5.79 33.15
C ALA B 342 9.96 5.50 32.61
N ALA B 343 10.82 6.52 32.67
CA ALA B 343 12.16 6.46 32.12
C ALA B 343 13.17 5.72 33.03
N LEU B 344 12.82 5.58 34.31
CA LEU B 344 13.67 4.87 35.28
C LEU B 344 13.68 3.37 34.95
N VAL B 345 12.50 2.78 34.88
CA VAL B 345 12.38 1.35 34.56
C VAL B 345 12.90 1.04 33.15
N ASP B 346 12.61 1.94 32.19
CA ASP B 346 13.11 1.84 30.82
C ASP B 346 14.64 1.88 30.81
N THR B 347 15.21 2.59 31.78
CA THR B 347 16.66 2.64 31.96
C THR B 347 17.19 1.39 32.63
N VAL B 348 16.59 0.99 33.75
CA VAL B 348 17.18 -0.07 34.60
C VAL B 348 16.66 -1.48 34.35
N PHE B 349 15.38 -1.63 34.05
CA PHE B 349 14.87 -2.93 33.62
C PHE B 349 14.83 -3.04 32.10
N GLY B 350 15.20 -1.96 31.43
CA GLY B 350 15.17 -1.92 29.98
C GLY B 350 16.52 -1.88 29.29
N THR B 351 16.46 -1.76 27.97
CA THR B 351 17.65 -1.71 27.12
C THR B 351 18.30 -0.32 27.10
N ASN B 352 17.67 0.60 26.36
CA ASN B 352 17.98 2.03 26.42
C ASN B 352 18.02 2.54 27.87
N PRO B 353 18.97 3.44 28.16
CA PRO B 353 18.65 4.48 29.14
C PRO B 353 17.61 5.46 28.61
N ARG B 354 17.29 6.46 29.43
CA ARG B 354 16.17 7.36 29.19
C ARG B 354 16.20 8.36 30.35
N LYS B 355 16.25 9.64 30.02
CA LYS B 355 16.17 10.68 31.05
C LYS B 355 15.08 11.69 30.71
N THR B 356 14.45 12.24 31.75
CA THR B 356 13.34 13.17 31.55
C THR B 356 13.89 14.55 31.21
N ASP B 357 13.27 15.19 30.23
CA ASP B 357 13.63 16.54 29.86
C ASP B 357 12.87 17.49 30.78
N HIS B 358 13.57 18.07 31.73
CA HIS B 358 12.93 18.93 32.69
C HIS B 358 12.74 20.35 32.17
N THR B 359 13.15 20.59 30.93
CA THR B 359 13.02 21.90 30.30
C THR B 359 11.72 22.01 29.50
N ARG B 360 11.21 23.24 29.40
CA ARG B 360 10.10 23.58 28.51
C ARG B 360 8.83 22.81 28.84
N VAL B 361 8.64 22.53 30.14
CA VAL B 361 7.42 21.86 30.60
C VAL B 361 6.29 22.86 30.83
N ALA B 362 5.19 22.68 30.08
CA ALA B 362 4.04 23.57 30.19
C ALA B 362 3.27 23.28 31.47
N SER B 363 2.74 24.33 32.10
CA SER B 363 1.98 24.18 33.33
C SER B 363 0.91 25.23 33.43
N ALA B 364 0.06 25.11 34.44
CA ALA B 364 -1.09 26.00 34.58
C ALA B 364 -1.41 26.25 36.04
N VAL B 365 -1.81 27.48 36.36
CA VAL B 365 -2.42 27.80 37.67
C VAL B 365 -3.92 27.93 37.43
N PHE B 366 -4.72 27.19 38.19
CA PHE B 366 -6.17 27.21 38.01
C PHE B 366 -6.81 28.24 38.92
N SER B 367 -6.30 29.46 38.84
CA SER B 367 -6.96 30.63 39.37
C SER B 367 -8.12 31.02 38.46
N ILE B 368 -8.94 31.96 38.91
CA ILE B 368 -10.00 32.47 38.07
C ILE B 368 -9.80 33.95 37.78
N PRO B 369 -9.32 34.27 36.57
CA PRO B 369 -9.13 33.29 35.50
C PRO B 369 -7.73 32.67 35.53
N PRO B 370 -7.53 31.54 34.82
CA PRO B 370 -6.33 30.71 34.94
C PRO B 370 -5.10 31.23 34.23
N ILE B 371 -3.99 30.55 34.41
CA ILE B 371 -2.74 30.88 33.74
C ILE B 371 -2.22 29.60 33.13
N GLY B 372 -1.77 29.70 31.89
CA GLY B 372 -1.07 28.60 31.24
C GLY B 372 0.25 29.16 30.76
N THR B 373 1.34 28.43 30.98
CA THR B 373 2.66 28.98 30.77
C THR B 373 3.64 27.92 30.36
N CYS B 374 4.60 28.30 29.53
CA CYS B 374 5.61 27.38 29.03
C CYS B 374 6.88 28.09 28.58
N GLY B 375 8.03 27.57 28.99
CA GLY B 375 9.29 28.19 28.59
C GLY B 375 9.75 29.27 29.55
N LEU B 376 10.67 30.11 29.09
CA LEU B 376 11.39 31.07 29.93
C LEU B 376 10.60 32.32 30.19
N ILE B 377 10.68 32.86 31.41
CA ILE B 377 10.17 34.21 31.63
C ILE B 377 11.19 35.23 31.22
N GLU B 378 10.68 36.31 30.66
CA GLU B 378 11.43 37.50 30.27
C GLU B 378 12.75 37.70 31.02
N GLU B 379 12.64 37.77 32.34
CA GLU B 379 13.70 38.23 33.22
C GLU B 379 14.89 37.26 33.32
N VAL B 380 14.74 36.05 32.77
CA VAL B 380 15.80 35.05 32.80
C VAL B 380 16.45 34.94 31.43
N ALA B 381 15.62 34.97 30.40
CA ALA B 381 16.09 34.85 29.03
C ALA B 381 16.99 36.03 28.73
N SER B 382 16.66 37.18 29.29
CA SER B 382 17.48 38.37 29.11
C SER B 382 18.89 38.21 29.68
N LYS B 383 19.06 37.22 30.57
CA LYS B 383 20.38 36.90 31.11
C LYS B 383 21.05 35.81 30.30
N ARG B 384 20.28 35.06 29.53
CA ARG B 384 20.81 33.95 28.77
C ARG B 384 21.11 34.30 27.32
N TYR B 385 20.38 35.29 26.79
CA TYR B 385 20.47 35.63 25.37
C TYR B 385 20.80 37.10 25.21
N GLU B 386 21.44 37.46 24.08
CA GLU B 386 22.00 38.79 23.93
C GLU B 386 20.93 39.85 23.60
N VAL B 387 20.08 39.52 22.63
CA VAL B 387 18.90 40.35 22.39
C VAL B 387 17.67 39.46 22.33
N VAL B 388 16.68 39.84 23.15
CA VAL B 388 15.43 39.11 23.30
C VAL B 388 14.31 40.07 22.90
N ALA B 389 13.29 39.57 22.23
CA ALA B 389 12.13 40.36 21.84
C ALA B 389 10.92 39.86 22.60
N VAL B 390 10.13 40.76 23.16
CA VAL B 390 8.95 40.39 23.90
C VAL B 390 7.71 40.81 23.13
N TYR B 391 6.84 39.87 22.81
CA TYR B 391 5.57 40.15 22.13
C TYR B 391 4.41 40.08 23.12
N LEU B 392 3.65 41.15 23.22
CA LEU B 392 2.65 41.27 24.26
C LEU B 392 1.33 41.65 23.62
N SER B 393 0.25 40.99 24.02
CA SER B 393 -1.09 41.29 23.54
C SER B 393 -2.10 41.18 24.67
N SER B 394 -2.74 42.29 25.02
CA SER B 394 -3.76 42.28 26.05
C SER B 394 -5.03 42.87 25.50
N PHE B 395 -6.17 42.24 25.77
CA PHE B 395 -7.44 42.77 25.32
C PHE B 395 -8.57 42.20 26.16
N THR B 396 -9.61 42.99 26.39
CA THR B 396 -10.84 42.48 26.99
C THR B 396 -11.68 41.86 25.90
N PRO B 397 -11.92 40.56 25.98
CA PRO B 397 -12.70 39.89 24.94
C PRO B 397 -14.12 40.43 24.85
N LEU B 398 -14.62 40.50 23.62
CA LEU B 398 -15.94 41.05 23.32
C LEU B 398 -17.00 40.38 24.18
N MET B 399 -16.91 39.06 24.28
CA MET B 399 -17.85 38.29 25.07
C MET B 399 -17.86 38.76 26.52
N HIS B 400 -16.79 39.41 26.95
CA HIS B 400 -16.66 39.88 28.32
C HIS B 400 -16.96 41.34 28.47
N ASN B 401 -17.10 42.05 27.35
CA ASN B 401 -17.72 43.35 27.41
C ASN B 401 -19.21 43.15 27.63
N ILE B 402 -19.78 42.21 26.88
CA ILE B 402 -21.21 41.98 26.97
C ILE B 402 -21.60 41.04 28.10
N SER B 403 -20.61 40.43 28.74
CA SER B 403 -20.85 39.60 29.92
C SER B 403 -20.88 40.45 31.18
N GLY B 404 -19.99 41.44 31.23
CA GLY B 404 -19.96 42.37 32.35
C GLY B 404 -18.67 42.33 33.14
N SER B 405 -17.86 41.32 32.87
CA SER B 405 -16.55 41.20 33.50
C SER B 405 -15.49 41.83 32.61
N LYS B 406 -15.64 43.14 32.38
CA LYS B 406 -14.71 43.88 31.54
C LYS B 406 -13.32 43.84 32.13
N TYR B 407 -13.24 43.57 33.43
CA TYR B 407 -11.95 43.49 34.11
C TYR B 407 -11.14 42.29 33.66
N LYS B 408 -11.82 41.33 33.02
CA LYS B 408 -11.20 40.08 32.60
C LYS B 408 -10.39 40.24 31.32
N THR B 409 -9.13 40.64 31.46
CA THR B 409 -8.23 40.84 30.33
C THR B 409 -7.57 39.52 29.95
N PHE B 410 -7.32 39.34 28.66
CA PHE B 410 -6.55 38.21 28.16
C PHE B 410 -5.16 38.70 27.81
N VAL B 411 -4.15 38.15 28.48
CA VAL B 411 -2.76 38.49 28.21
C VAL B 411 -2.10 37.32 27.49
N ALA B 412 -1.47 37.61 26.35
CA ALA B 412 -0.73 36.61 25.60
C ALA B 412 0.64 37.19 25.30
N LYS B 413 1.67 36.53 25.82
CA LYS B 413 3.02 37.03 25.73
C LYS B 413 3.91 35.96 25.11
N ILE B 414 4.78 36.37 24.19
CA ILE B 414 5.71 35.45 23.53
C ILE B 414 7.07 36.12 23.60
N ILE B 415 7.98 35.54 24.36
CA ILE B 415 9.32 36.09 24.43
C ILE B 415 10.27 35.25 23.59
N THR B 416 11.18 35.90 22.89
CA THR B 416 11.86 35.30 21.76
C THR B 416 13.36 35.55 21.84
N ASN B 417 14.19 34.57 21.50
CA ASN B 417 15.59 34.85 21.25
C ASN B 417 15.63 35.55 19.92
N HIS B 418 15.85 36.86 19.92
CA HIS B 418 15.63 37.68 18.73
C HIS B 418 16.65 37.35 17.67
N SER B 419 17.74 36.71 18.09
CA SER B 419 18.89 36.53 17.24
C SER B 419 18.65 35.48 16.15
N ASP B 420 17.52 34.79 16.24
CA ASP B 420 17.21 33.72 15.29
C ASP B 420 15.72 33.36 15.33
N GLY B 421 15.05 33.80 16.38
CA GLY B 421 13.60 33.79 16.38
C GLY B 421 12.99 32.63 17.13
N THR B 422 13.82 31.78 17.74
CA THR B 422 13.31 30.65 18.50
C THR B 422 12.49 31.13 19.71
N VAL B 423 11.23 30.72 19.75
CA VAL B 423 10.34 31.07 20.84
C VAL B 423 10.85 30.44 22.13
N LEU B 424 11.16 31.27 23.13
CA LEU B 424 11.72 30.84 24.40
C LEU B 424 10.64 30.55 25.44
N GLY B 425 9.58 31.35 25.43
CA GLY B 425 8.53 31.15 26.40
C GLY B 425 7.26 31.80 25.97
N VAL B 426 6.14 31.10 26.14
CA VAL B 426 4.82 31.66 25.91
C VAL B 426 4.12 31.72 27.26
N HIS B 427 3.35 32.78 27.51
CA HIS B 427 2.64 32.93 28.79
C HIS B 427 1.29 33.54 28.54
N LEU B 428 0.24 32.93 29.05
CA LEU B 428 -1.08 33.50 28.87
C LEU B 428 -1.90 33.44 30.14
N LEU B 429 -2.69 34.47 30.36
CA LEU B 429 -3.68 34.51 31.43
C LEU B 429 -5.04 34.75 30.82
N GLY B 430 -6.03 33.97 31.26
CA GLY B 430 -7.37 34.10 30.73
C GLY B 430 -8.07 32.77 30.65
N ASP B 431 -9.38 32.80 30.47
CA ASP B 431 -10.18 31.57 30.43
C ASP B 431 -9.67 30.70 29.32
N ASN B 432 -9.51 29.40 29.61
CA ASN B 432 -8.98 28.41 28.67
C ASN B 432 -7.48 28.45 28.49
N ALA B 433 -6.78 29.22 29.32
CA ALA B 433 -5.34 29.29 29.26
C ALA B 433 -4.65 27.93 29.32
N PRO B 434 -5.05 27.04 30.26
CA PRO B 434 -4.38 25.73 30.41
C PRO B 434 -4.51 24.80 29.20
N GLU B 435 -5.68 24.82 28.57
CA GLU B 435 -5.94 24.01 27.38
C GLU B 435 -5.11 24.53 26.20
N ILE B 436 -5.06 25.85 26.06
CA ILE B 436 -4.33 26.48 24.96
C ILE B 436 -2.83 26.17 25.05
N ILE B 437 -2.28 26.23 26.26
CA ILE B 437 -0.85 26.06 26.47
C ILE B 437 -0.30 24.67 26.09
N GLN B 438 -1.16 23.66 26.01
CA GLN B 438 -0.67 22.31 25.74
C GLN B 438 -0.07 22.14 24.36
N GLY B 439 -0.75 22.68 23.36
CA GLY B 439 -0.22 22.65 22.02
C GLY B 439 1.05 23.46 21.93
N VAL B 440 1.16 24.50 22.74
CA VAL B 440 2.31 25.38 22.72
C VAL B 440 3.54 24.70 23.34
N GLY B 441 3.29 23.74 24.21
CA GLY B 441 4.38 22.93 24.76
C GLY B 441 5.00 22.00 23.74
N ILE B 442 4.18 21.46 22.84
CA ILE B 442 4.66 20.60 21.77
C ILE B 442 5.45 21.44 20.79
N CYS B 443 4.96 22.64 20.51
CA CYS B 443 5.65 23.60 19.64
C CYS B 443 7.06 23.89 20.12
N LEU B 444 7.16 24.26 21.40
CA LEU B 444 8.43 24.60 22.01
C LEU B 444 9.43 23.44 22.01
N LYS B 445 8.95 22.21 22.13
CA LYS B 445 9.85 21.08 22.01
C LYS B 445 10.12 20.67 20.55
N LEU B 446 9.45 21.34 19.62
CA LEU B 446 9.78 21.24 18.20
C LEU B 446 10.72 22.36 17.78
N ASN B 447 10.97 23.30 18.70
CA ASN B 447 11.81 24.47 18.46
C ASN B 447 11.18 25.43 17.46
N ALA B 448 9.94 25.81 17.75
CA ALA B 448 9.22 26.73 16.88
C ALA B 448 9.90 28.09 16.86
N LYS B 449 9.91 28.71 15.69
CA LYS B 449 10.28 30.11 15.56
C LYS B 449 9.03 30.96 15.70
N ILE B 450 9.20 32.24 15.99
CA ILE B 450 8.05 33.13 16.05
C ILE B 450 7.40 33.20 14.67
N SER B 451 8.20 33.04 13.63
CA SER B 451 7.70 33.15 12.27
C SER B 451 6.63 32.10 12.01
N ASP B 452 6.91 30.85 12.36
CA ASP B 452 5.94 29.79 12.15
C ASP B 452 4.93 29.67 13.28
N PHE B 453 4.91 30.66 14.15
CA PHE B 453 3.71 30.96 14.93
C PHE B 453 2.81 31.85 14.09
N TYR B 454 3.27 33.05 13.76
CA TYR B 454 2.39 33.99 13.04
C TYR B 454 2.08 33.58 11.62
N ASN B 455 2.77 32.56 11.14
CA ASN B 455 2.53 32.04 9.81
C ASN B 455 1.45 30.97 9.73
N THR B 456 0.95 30.54 10.89
CA THR B 456 -0.16 29.60 10.94
C THR B 456 -1.50 30.33 10.86
N ILE B 457 -2.43 29.75 10.11
CA ILE B 457 -3.75 30.34 9.93
C ILE B 457 -4.57 30.13 11.20
N GLY B 458 -5.15 31.22 11.71
CA GLY B 458 -5.84 31.16 12.98
C GLY B 458 -7.17 30.44 12.93
N VAL B 459 -7.66 30.04 14.11
CA VAL B 459 -8.98 29.45 14.24
C VAL B 459 -9.90 30.52 14.81
N HIS B 460 -10.79 31.03 13.98
CA HIS B 460 -11.61 32.20 14.31
C HIS B 460 -13.03 31.76 14.60
N PRO B 461 -13.69 32.35 15.62
CA PRO B 461 -13.12 33.18 16.67
C PRO B 461 -12.73 32.39 17.93
N THR B 462 -11.44 32.36 18.24
CA THR B 462 -10.92 31.76 19.47
C THR B 462 -9.88 32.69 20.07
N SER B 463 -9.65 32.59 21.38
CA SER B 463 -8.59 33.39 22.00
C SER B 463 -7.22 32.79 21.75
N ALA B 464 -7.20 31.55 21.29
CA ALA B 464 -5.97 30.86 20.97
C ALA B 464 -5.32 31.46 19.74
N GLU B 465 -6.15 31.90 18.79
CA GLU B 465 -5.66 32.43 17.52
C GLU B 465 -4.79 33.68 17.69
N GLU B 466 -4.85 34.26 18.87
CA GLU B 466 -4.08 35.45 19.21
C GLU B 466 -2.57 35.25 19.13
N LEU B 467 -2.13 33.99 19.30
CA LEU B 467 -0.71 33.64 19.28
C LEU B 467 -0.14 33.71 17.88
N CYS B 468 -0.98 33.43 16.89
CA CYS B 468 -0.58 33.45 15.49
C CYS B 468 -0.84 34.80 14.85
N SER B 469 -1.08 35.82 15.69
CA SER B 469 -1.35 37.16 15.21
C SER B 469 -0.29 38.11 15.68
N MET B 470 0.72 37.59 16.36
CA MET B 470 1.78 38.42 16.94
C MET B 470 3.03 38.37 16.10
N ARG B 471 3.14 39.35 15.21
CA ARG B 471 4.26 39.45 14.30
C ARG B 471 5.30 40.36 14.92
N THR B 472 5.00 41.65 15.03
CA THR B 472 6.00 42.63 15.42
C THR B 472 6.22 42.68 16.94
N PRO B 473 7.48 42.70 17.40
CA PRO B 473 7.86 42.85 18.81
C PRO B 473 7.26 44.08 19.49
N SER B 474 7.39 44.15 20.82
CA SER B 474 6.82 45.26 21.58
C SER B 474 7.87 46.07 22.29
N TYR B 475 8.93 45.38 22.71
CA TYR B 475 10.16 46.00 23.17
C TYR B 475 11.22 44.93 23.20
N TYR B 476 12.42 45.30 23.58
CA TYR B 476 13.53 44.37 23.54
C TYR B 476 14.27 44.33 24.86
N TYR B 477 15.21 43.41 24.93
CA TYR B 477 16.22 43.40 25.97
C TYR B 477 17.54 43.22 25.27
N VAL B 478 18.29 44.31 25.13
CA VAL B 478 19.62 44.17 24.58
C VAL B 478 20.61 44.23 25.73
N LYS B 479 20.55 43.17 26.55
CA LYS B 479 21.02 43.15 27.94
C LYS B 479 20.09 43.90 28.95
N GLY B 480 19.72 45.15 28.63
CA GLY B 480 18.68 45.82 29.40
C GLY B 480 17.42 45.99 28.56
N GLU B 481 16.28 46.25 29.22
CA GLU B 481 15.04 46.52 28.47
C GLU B 481 15.11 47.81 27.68
N LYS B 482 14.78 47.68 26.42
CA LYS B 482 15.03 48.71 25.45
C LYS B 482 13.92 48.61 24.45
N MET B 483 12.99 49.55 24.45
CA MET B 483 12.19 49.68 23.26
C MET B 483 13.12 50.22 22.16
N GLU B 484 13.78 49.26 21.53
CA GLU B 484 14.72 49.50 20.44
C GLU B 484 13.88 49.64 19.14
N ILE C 4 26.05 13.31 -1.67
CA ILE C 4 26.17 13.46 -3.16
C ILE C 4 26.43 12.11 -3.85
N PHE C 5 25.69 11.84 -4.93
CA PHE C 5 25.73 10.55 -5.60
C PHE C 5 26.31 10.61 -7.01
N ASP C 6 26.82 9.47 -7.47
CA ASP C 6 27.24 9.28 -8.86
C ASP C 6 26.03 9.15 -9.78
N LEU C 7 25.01 8.43 -9.31
CA LEU C 7 23.83 8.14 -10.12
C LEU C 7 22.61 8.15 -9.22
N VAL C 8 21.57 8.86 -9.63
CA VAL C 8 20.25 8.76 -8.99
C VAL C 8 19.20 8.25 -9.99
N VAL C 9 18.71 7.05 -9.75
CA VAL C 9 17.83 6.36 -10.68
C VAL C 9 16.39 6.53 -10.25
N ILE C 10 15.60 7.30 -11.03
CA ILE C 10 14.21 7.54 -10.71
C ILE C 10 13.36 6.36 -11.16
N GLY C 11 12.99 5.52 -10.21
CA GLY C 11 12.20 4.34 -10.49
C GLY C 11 13.00 3.06 -10.27
N ALA C 12 12.68 2.33 -9.21
CA ALA C 12 13.29 1.03 -8.97
C ALA C 12 12.58 -0.03 -9.81
N GLY C 13 12.66 0.13 -11.12
CA GLY C 13 11.98 -0.77 -12.03
C GLY C 13 12.80 -1.99 -12.41
N SER C 14 12.48 -2.56 -13.59
CA SER C 14 13.23 -3.68 -14.15
C SER C 14 14.54 -3.19 -14.74
N GLY C 15 14.47 -2.15 -15.55
CA GLY C 15 15.65 -1.50 -16.06
C GLY C 15 16.31 -0.64 -15.00
N GLY C 16 15.52 -0.02 -14.13
CA GLY C 16 16.08 0.86 -13.13
C GLY C 16 17.00 0.15 -12.16
N LEU C 17 16.47 -0.90 -11.54
CA LEU C 17 17.17 -1.70 -10.53
C LEU C 17 18.37 -2.45 -11.12
N GLU C 18 18.35 -2.68 -12.42
CA GLU C 18 19.42 -3.38 -13.12
C GLU C 18 20.62 -2.47 -13.27
N ALA C 19 20.38 -1.21 -13.67
CA ALA C 19 21.45 -0.25 -13.85
C ALA C 19 22.03 0.17 -12.51
N ALA C 20 21.16 0.23 -11.50
CA ALA C 20 21.56 0.60 -10.15
C ALA C 20 22.53 -0.42 -9.59
N TRP C 21 22.19 -1.70 -9.71
CA TRP C 21 23.04 -2.78 -9.20
C TRP C 21 24.34 -2.90 -9.99
N ASN C 22 24.26 -2.70 -11.31
CA ASN C 22 25.42 -2.84 -12.19
C ASN C 22 26.44 -1.73 -11.96
N ALA C 23 25.96 -0.54 -11.59
CA ALA C 23 26.86 0.59 -11.32
C ALA C 23 27.50 0.44 -9.94
N ALA C 24 26.65 0.22 -8.93
CA ALA C 24 27.07 0.07 -7.53
C ALA C 24 28.06 -1.06 -7.32
N THR C 25 27.72 -2.21 -7.87
CA THR C 25 28.45 -3.44 -7.58
C THR C 25 29.62 -3.64 -8.54
N LEU C 26 29.43 -3.36 -9.82
CA LEU C 26 30.44 -3.67 -10.82
C LEU C 26 31.48 -2.57 -10.95
N TYR C 27 31.02 -1.32 -10.85
CA TYR C 27 31.91 -0.18 -11.01
C TYR C 27 32.09 0.54 -9.69
N LYS C 28 31.46 0.01 -8.65
CA LYS C 28 31.67 0.48 -7.29
C LYS C 28 31.24 1.95 -7.12
N LYS C 29 30.10 2.30 -7.74
CA LYS C 29 29.56 3.65 -7.63
C LYS C 29 28.55 3.81 -6.50
N ARG C 30 28.22 5.07 -6.21
CA ARG C 30 27.29 5.42 -5.14
C ARG C 30 25.98 5.76 -5.80
N VAL C 31 24.91 5.07 -5.39
CA VAL C 31 23.67 5.07 -6.14
C VAL C 31 22.44 5.28 -5.27
N ALA C 32 21.62 6.24 -5.64
CA ALA C 32 20.30 6.40 -5.02
C ALA C 32 19.25 5.83 -5.97
N VAL C 33 18.36 5.01 -5.43
CA VAL C 33 17.23 4.53 -6.20
C VAL C 33 16.02 5.04 -5.48
N ILE C 34 15.11 5.68 -6.22
CA ILE C 34 13.87 6.23 -5.64
C ILE C 34 12.68 5.47 -6.20
N ASP C 35 11.79 4.99 -5.33
CA ASP C 35 10.49 4.52 -5.79
C ASP C 35 9.32 4.88 -4.88
N VAL C 36 8.23 5.24 -5.55
CA VAL C 36 6.95 5.61 -4.97
C VAL C 36 6.52 4.87 -3.71
N GLN C 37 6.50 3.54 -3.76
CA GLN C 37 6.25 2.74 -2.57
C GLN C 37 7.12 1.49 -2.58
N MET C 38 6.96 0.62 -1.59
CA MET C 38 7.85 -0.55 -1.53
C MET C 38 7.22 -1.87 -1.11
N VAL C 39 5.97 -2.03 -1.51
CA VAL C 39 5.36 -3.34 -1.59
C VAL C 39 4.14 -3.18 -2.49
N HIS C 40 3.92 -4.18 -3.35
CA HIS C 40 2.92 -4.12 -4.41
C HIS C 40 1.53 -3.74 -3.91
N GLY C 41 0.69 -3.27 -4.82
CA GLY C 41 -0.70 -3.03 -4.47
C GLY C 41 -1.07 -1.57 -4.31
N PRO C 42 -2.35 -1.28 -4.10
CA PRO C 42 -2.88 0.08 -4.05
C PRO C 42 -2.27 0.85 -2.91
N PRO C 43 -1.86 2.10 -3.14
CA PRO C 43 -2.56 3.02 -4.05
C PRO C 43 -1.89 3.18 -5.41
N PHE C 44 -0.60 2.85 -5.47
CA PHE C 44 0.19 3.12 -6.66
C PHE C 44 0.60 1.86 -7.42
N PHE C 45 0.24 0.70 -6.86
CA PHE C 45 0.29 -0.61 -7.52
C PHE C 45 1.68 -1.13 -7.87
N SER C 46 2.48 -0.30 -8.53
CA SER C 46 3.90 -0.57 -8.69
C SER C 46 4.66 -0.21 -7.42
N ALA C 47 5.79 -0.88 -7.20
CA ALA C 47 6.58 -0.69 -6.00
C ALA C 47 7.98 -1.20 -6.33
N LEU C 48 8.84 -1.27 -5.32
CA LEU C 48 10.15 -1.89 -5.47
C LEU C 48 10.09 -3.12 -6.38
N GLY C 49 10.78 -3.06 -7.51
CA GLY C 49 10.75 -4.15 -8.46
C GLY C 49 10.13 -3.77 -9.78
N GLY C 50 9.36 -2.68 -9.77
CA GLY C 50 8.80 -2.15 -10.99
C GLY C 50 7.49 -2.82 -11.37
N THR C 51 7.06 -2.59 -12.61
CA THR C 51 5.76 -3.01 -13.09
C THR C 51 5.73 -4.51 -13.41
N CYS C 52 6.85 -5.05 -13.85
CA CYS C 52 6.89 -6.47 -14.22
C CYS C 52 6.64 -7.37 -13.01
N VAL C 53 7.17 -6.98 -11.85
CA VAL C 53 7.10 -7.81 -10.66
C VAL C 53 5.76 -7.65 -9.94
N ASN C 54 5.24 -6.43 -9.92
CA ASN C 54 4.13 -6.10 -9.05
C ASN C 54 2.75 -6.20 -9.73
N VAL C 55 2.63 -5.57 -10.90
CA VAL C 55 1.39 -5.55 -11.65
C VAL C 55 1.65 -5.84 -13.12
N GLY C 56 2.53 -6.81 -13.38
CA GLY C 56 2.98 -7.08 -14.73
C GLY C 56 3.22 -8.56 -14.99
N CYS C 57 4.39 -8.90 -15.51
CA CYS C 57 4.68 -10.27 -15.93
C CYS C 57 4.50 -11.33 -14.85
N VAL C 58 5.22 -11.16 -13.75
CA VAL C 58 5.29 -12.17 -12.72
C VAL C 58 3.90 -12.57 -12.19
N PRO C 59 3.03 -11.59 -11.89
CA PRO C 59 1.70 -11.99 -11.44
C PRO C 59 0.74 -12.52 -12.53
N LYS C 60 0.89 -12.03 -13.77
CA LYS C 60 -0.02 -12.49 -14.83
C LYS C 60 0.27 -13.90 -15.28
N LYS C 61 1.54 -14.31 -15.22
CA LYS C 61 1.91 -15.64 -15.66
C LYS C 61 1.52 -16.69 -14.64
N LEU C 62 1.50 -16.30 -13.37
CA LEU C 62 0.93 -17.13 -12.32
C LEU C 62 -0.56 -17.27 -12.55
N MET C 63 -1.17 -16.20 -13.08
CA MET C 63 -2.62 -16.13 -13.22
C MET C 63 -3.07 -16.79 -14.51
N VAL C 64 -2.23 -16.72 -15.52
CA VAL C 64 -2.44 -17.44 -16.76
C VAL C 64 -2.20 -18.94 -16.53
N THR C 65 -1.16 -19.25 -15.76
CA THR C 65 -0.85 -20.64 -15.43
C THR C 65 -2.02 -21.26 -14.68
N GLY C 66 -2.65 -20.47 -13.83
CA GLY C 66 -3.82 -20.96 -13.13
C GLY C 66 -5.00 -21.15 -14.05
N ALA C 67 -5.16 -20.24 -15.01
CA ALA C 67 -6.28 -20.28 -15.95
C ALA C 67 -6.14 -21.44 -16.91
N GLN C 68 -4.90 -21.87 -17.12
CA GLN C 68 -4.60 -22.99 -18.00
C GLN C 68 -5.10 -24.30 -17.40
N TYR C 69 -5.12 -24.39 -16.08
CA TYR C 69 -5.50 -25.65 -15.45
C TYR C 69 -6.92 -26.06 -15.76
N MET C 70 -7.70 -25.13 -16.31
CA MET C 70 -9.07 -25.45 -16.68
C MET C 70 -9.09 -26.23 -17.99
N GLU C 71 -8.11 -25.95 -18.84
CA GLU C 71 -7.89 -26.74 -20.04
C GLU C 71 -7.43 -28.12 -19.60
N HIS C 72 -6.43 -28.17 -18.73
CA HIS C 72 -5.88 -29.45 -18.31
C HIS C 72 -6.91 -30.35 -17.67
N LEU C 73 -7.75 -29.78 -16.83
CA LEU C 73 -8.79 -30.57 -16.19
C LEU C 73 -9.83 -31.04 -17.20
N ARG C 74 -10.04 -30.25 -18.26
CA ARG C 74 -10.97 -30.63 -19.31
C ARG C 74 -10.39 -31.75 -20.16
N GLU C 75 -9.34 -31.47 -20.91
CA GLU C 75 -8.85 -32.43 -21.86
C GLU C 75 -8.20 -33.62 -21.20
N SER C 76 -8.11 -33.59 -19.86
CA SER C 76 -7.57 -34.70 -19.09
C SER C 76 -8.43 -35.94 -19.26
N ALA C 77 -9.73 -35.71 -19.43
CA ALA C 77 -10.72 -36.79 -19.44
C ALA C 77 -10.53 -37.73 -20.61
N GLY C 78 -9.99 -37.20 -21.71
CA GLY C 78 -9.79 -37.98 -22.91
C GLY C 78 -8.69 -39.02 -22.81
N PHE C 79 -7.78 -38.80 -21.86
CA PHE C 79 -6.70 -39.75 -21.63
C PHE C 79 -7.02 -40.65 -20.45
N GLY C 80 -8.30 -40.82 -20.16
CA GLY C 80 -8.70 -41.76 -19.13
C GLY C 80 -8.99 -41.18 -17.77
N TRP C 81 -8.63 -39.92 -17.55
CA TRP C 81 -8.74 -39.30 -16.22
C TRP C 81 -10.16 -38.85 -15.89
N GLU C 82 -10.77 -39.55 -14.94
CA GLU C 82 -12.12 -39.25 -14.55
C GLU C 82 -12.27 -38.83 -13.10
N PHE C 83 -13.21 -37.92 -12.89
CA PHE C 83 -13.60 -37.47 -11.56
C PHE C 83 -14.95 -36.78 -11.68
N ASP C 84 -15.66 -36.66 -10.56
CA ASP C 84 -16.87 -35.86 -10.47
C ASP C 84 -16.69 -34.43 -10.99
N ARG C 85 -16.82 -34.24 -12.29
CA ARG C 85 -16.58 -32.91 -12.86
C ARG C 85 -17.72 -31.94 -12.50
N THR C 86 -18.76 -32.47 -11.85
CA THR C 86 -19.84 -31.67 -11.30
C THR C 86 -19.28 -30.90 -10.10
N THR C 87 -18.34 -31.56 -9.45
CA THR C 87 -17.74 -31.11 -8.21
C THR C 87 -16.69 -30.00 -8.47
N LEU C 88 -16.25 -29.87 -9.72
CA LEU C 88 -15.05 -29.11 -10.06
C LEU C 88 -15.27 -27.61 -10.20
N ARG C 89 -14.75 -26.84 -9.24
CA ARG C 89 -14.86 -25.39 -9.25
C ARG C 89 -13.55 -24.64 -8.95
N ALA C 90 -13.44 -23.43 -9.50
CA ALA C 90 -12.23 -22.63 -9.43
C ALA C 90 -12.31 -21.58 -8.33
N GLU C 91 -11.25 -21.51 -7.52
CA GLU C 91 -11.24 -20.66 -6.34
C GLU C 91 -10.35 -19.41 -6.53
N TRP C 92 -10.93 -18.38 -7.12
CA TRP C 92 -10.21 -17.15 -7.46
C TRP C 92 -9.47 -16.59 -6.25
N LYS C 93 -10.13 -16.58 -5.10
CA LYS C 93 -9.53 -16.03 -3.89
C LYS C 93 -8.19 -16.68 -3.58
N LYS C 94 -8.10 -18.00 -3.80
CA LYS C 94 -6.86 -18.71 -3.54
C LYS C 94 -5.78 -18.26 -4.52
N LEU C 95 -6.16 -18.07 -5.78
CA LEU C 95 -5.21 -17.68 -6.81
C LEU C 95 -4.51 -16.37 -6.47
N ILE C 96 -5.30 -15.30 -6.31
CA ILE C 96 -4.75 -13.97 -6.04
C ILE C 96 -4.12 -13.93 -4.66
N ALA C 97 -4.46 -14.90 -3.81
CA ALA C 97 -3.89 -15.00 -2.48
C ALA C 97 -2.46 -15.49 -2.52
N VAL C 98 -2.18 -16.49 -3.36
CA VAL C 98 -0.83 -17.01 -3.52
C VAL C 98 0.02 -16.07 -4.37
N LYS C 99 -0.66 -15.31 -5.24
CA LYS C 99 -0.03 -14.31 -6.10
C LYS C 99 0.58 -13.24 -5.22
N ASP C 100 -0.24 -12.70 -4.33
CA ASP C 100 0.16 -11.60 -3.46
C ASP C 100 1.37 -12.00 -2.62
N GLU C 101 1.39 -13.26 -2.22
CA GLU C 101 2.50 -13.85 -1.48
C GLU C 101 3.78 -13.82 -2.29
N ALA C 102 3.71 -14.38 -3.49
CA ALA C 102 4.85 -14.49 -4.39
C ALA C 102 5.44 -13.13 -4.71
N VAL C 103 4.56 -12.18 -5.03
CA VAL C 103 4.98 -10.85 -5.42
C VAL C 103 5.54 -10.09 -4.23
N LEU C 104 5.03 -10.39 -3.04
CA LEU C 104 5.48 -9.70 -1.82
C LEU C 104 6.93 -10.07 -1.51
N ASN C 105 7.33 -11.29 -1.83
CA ASN C 105 8.65 -11.74 -1.48
C ASN C 105 9.69 -11.19 -2.42
N ILE C 106 9.34 -11.06 -3.69
CA ILE C 106 10.22 -10.37 -4.64
C ILE C 106 10.48 -8.98 -4.06
N ASN C 107 9.45 -8.40 -3.47
CA ASN C 107 9.56 -7.09 -2.83
C ASN C 107 10.51 -7.14 -1.64
N LYS C 108 10.35 -8.18 -0.82
CA LYS C 108 11.11 -8.31 0.42
C LYS C 108 12.58 -8.54 0.17
N SER C 109 12.87 -9.26 -0.90
CA SER C 109 14.23 -9.61 -1.25
C SER C 109 14.98 -8.41 -1.79
N TYR C 110 14.29 -7.54 -2.52
CA TYR C 110 14.90 -6.30 -2.99
C TYR C 110 15.27 -5.40 -1.83
N GLU C 111 14.48 -5.43 -0.76
CA GLU C 111 14.80 -4.77 0.49
C GLU C 111 16.20 -5.16 0.98
N GLU C 112 16.42 -6.45 1.23
CA GLU C 112 17.75 -6.92 1.59
C GLU C 112 18.82 -6.45 0.64
N MET C 113 18.57 -6.60 -0.66
CA MET C 113 19.55 -6.25 -1.70
C MET C 113 20.14 -4.86 -1.44
N PHE C 114 19.27 -3.92 -1.08
CA PHE C 114 19.67 -2.55 -0.70
C PHE C 114 20.32 -2.54 0.68
N ARG C 115 19.77 -3.39 1.54
CA ARG C 115 20.09 -3.44 2.96
C ARG C 115 21.33 -4.31 3.19
N ASP C 116 22.06 -4.60 2.13
CA ASP C 116 23.20 -5.51 2.19
C ASP C 116 24.31 -5.12 1.21
N THR C 117 24.11 -4.01 0.50
CA THR C 117 25.06 -3.57 -0.52
C THR C 117 25.47 -2.10 -0.31
N GLU C 118 26.79 -1.87 -0.36
CA GLU C 118 27.35 -0.51 -0.43
C GLU C 118 26.81 0.26 -1.64
N GLY C 119 26.75 1.58 -1.54
CA GLY C 119 26.41 2.37 -2.72
C GLY C 119 24.92 2.39 -3.02
N LEU C 120 24.29 1.22 -3.05
CA LEU C 120 22.84 1.12 -3.23
C LEU C 120 22.11 1.63 -2.00
N GLU C 121 21.33 2.70 -2.20
CA GLU C 121 20.33 3.10 -1.22
C GLU C 121 19.02 3.59 -1.83
N PHE C 122 17.93 3.28 -1.14
CA PHE C 122 16.59 3.45 -1.65
C PHE C 122 15.90 4.58 -0.91
N PHE C 123 15.35 5.54 -1.64
CA PHE C 123 14.51 6.56 -1.03
C PHE C 123 13.06 6.36 -1.46
N LEU C 124 12.18 6.23 -0.46
CA LEU C 124 10.76 6.07 -0.71
C LEU C 124 10.16 7.44 -0.98
N GLY C 125 9.61 7.62 -2.18
CA GLY C 125 8.99 8.90 -2.51
C GLY C 125 8.79 9.08 -3.99
N TRP C 126 8.50 10.31 -4.39
CA TRP C 126 8.30 10.63 -5.79
C TRP C 126 9.42 11.52 -6.34
N GLY C 127 10.18 10.98 -7.28
CA GLY C 127 11.34 11.66 -7.82
C GLY C 127 11.00 12.77 -8.80
N SER C 128 11.58 13.94 -8.56
CA SER C 128 11.33 15.11 -9.41
C SER C 128 12.67 15.70 -9.78
N LEU C 129 12.77 16.16 -11.01
CA LEU C 129 13.95 16.85 -11.49
C LEU C 129 13.88 18.28 -11.02
N GLU C 130 14.84 18.70 -10.20
CA GLU C 130 14.92 20.12 -9.85
C GLU C 130 15.87 20.85 -10.77
N SER C 131 16.94 20.17 -11.18
CA SER C 131 17.92 20.76 -12.08
C SER C 131 18.60 19.71 -12.95
N LYS C 132 19.60 20.16 -13.70
CA LYS C 132 20.50 19.26 -14.43
C LYS C 132 21.12 18.19 -13.52
N ASN C 133 21.29 18.50 -12.23
CA ASN C 133 21.71 17.48 -11.27
C ASN C 133 21.49 17.76 -9.79
N VAL C 134 20.26 18.13 -9.46
CA VAL C 134 19.68 17.85 -8.16
C VAL C 134 18.28 17.29 -8.42
N VAL C 135 17.91 16.26 -7.66
CA VAL C 135 16.60 15.61 -7.79
C VAL C 135 15.98 15.48 -6.40
N ASN C 136 14.74 15.93 -6.28
CA ASN C 136 14.04 15.93 -5.00
C ASN C 136 13.30 14.61 -4.82
N VAL C 137 13.44 13.99 -3.65
CA VAL C 137 12.47 13.00 -3.22
C VAL C 137 11.40 13.78 -2.48
N ARG C 138 10.31 14.05 -3.18
CA ARG C 138 9.19 14.77 -2.61
C ARG C 138 8.25 13.77 -1.96
N GLU C 139 7.20 14.26 -1.31
CA GLU C 139 6.31 13.37 -0.57
C GLU C 139 5.07 12.97 -1.36
N SER C 140 4.84 13.59 -2.51
CA SER C 140 3.75 13.16 -3.38
C SER C 140 4.02 13.47 -4.85
N ALA C 141 3.08 13.10 -5.70
CA ALA C 141 3.19 13.41 -7.13
C ALA C 141 3.22 14.91 -7.33
N ASP C 142 2.29 15.60 -6.64
CA ASP C 142 2.19 17.05 -6.67
C ASP C 142 3.47 17.73 -6.17
N PRO C 143 4.11 18.51 -7.05
CA PRO C 143 5.42 19.10 -6.79
C PRO C 143 5.32 20.24 -5.77
N ALA C 144 4.10 20.47 -5.29
CA ALA C 144 3.88 21.36 -4.16
C ALA C 144 4.14 20.60 -2.86
N SER C 145 3.81 19.31 -2.84
CA SER C 145 3.97 18.50 -1.65
C SER C 145 5.37 18.59 -1.05
N ALA C 146 5.49 18.22 0.22
CA ALA C 146 6.73 18.40 0.98
C ALA C 146 7.89 17.65 0.35
N VAL C 147 8.98 18.38 0.10
CA VAL C 147 10.26 17.76 -0.22
C VAL C 147 10.75 17.06 1.04
N LYS C 148 11.22 15.84 0.87
CA LYS C 148 11.72 15.07 2.00
C LYS C 148 13.11 14.52 1.70
N GLU C 149 13.78 15.17 0.76
CA GLU C 149 15.14 14.86 0.36
C GLU C 149 15.45 15.61 -0.92
N ARG C 150 16.67 16.14 -1.02
CA ARG C 150 17.20 16.59 -2.29
C ARG C 150 18.49 15.82 -2.48
N LEU C 151 18.56 15.00 -3.53
CA LEU C 151 19.80 14.33 -3.87
C LEU C 151 20.59 15.13 -4.90
N GLU C 152 21.77 15.59 -4.51
CA GLU C 152 22.74 16.11 -5.47
C GLU C 152 23.46 14.92 -6.08
N THR C 153 23.80 15.03 -7.36
CA THR C 153 24.37 13.90 -8.07
C THR C 153 25.10 14.34 -9.33
N GLU C 154 25.93 13.45 -9.86
CA GLU C 154 26.64 13.73 -11.09
C GLU C 154 25.96 13.13 -12.32
N ASN C 155 25.12 12.12 -12.11
CA ASN C 155 24.29 11.57 -13.18
C ASN C 155 22.87 11.30 -12.71
N ILE C 156 21.94 11.34 -13.65
CA ILE C 156 20.56 10.97 -13.36
C ILE C 156 20.07 9.99 -14.42
N LEU C 157 19.43 8.90 -13.98
CA LEU C 157 18.82 7.94 -14.89
C LEU C 157 17.31 7.92 -14.69
N LEU C 158 16.59 8.28 -15.74
CA LEU C 158 15.13 8.31 -15.73
C LEU C 158 14.58 6.96 -16.18
N ALA C 159 14.08 6.18 -15.23
CA ALA C 159 13.48 4.87 -15.50
C ALA C 159 12.10 4.76 -14.84
N SER C 160 11.22 5.71 -15.15
CA SER C 160 9.91 5.80 -14.51
C SER C 160 8.86 4.87 -15.12
N GLY C 161 9.22 4.19 -16.21
CA GLY C 161 8.31 3.23 -16.81
C GLY C 161 7.15 3.84 -17.59
N SER C 162 5.96 3.27 -17.43
CA SER C 162 4.79 3.69 -18.20
C SER C 162 3.51 3.32 -17.46
N TRP C 163 2.45 4.11 -17.62
CA TRP C 163 1.18 3.80 -16.97
C TRP C 163 0.10 3.39 -17.96
N PRO C 164 -0.93 2.68 -17.47
CA PRO C 164 -2.11 2.43 -18.32
C PRO C 164 -2.66 3.71 -18.90
N HIS C 165 -3.16 3.61 -20.12
CA HIS C 165 -3.77 4.76 -20.77
C HIS C 165 -5.27 4.58 -20.79
N MET C 166 -5.97 5.58 -20.25
CA MET C 166 -7.42 5.58 -20.23
C MET C 166 -7.96 6.53 -21.28
N PRO C 167 -9.03 6.12 -21.97
CA PRO C 167 -9.73 7.02 -22.88
C PRO C 167 -10.45 8.12 -22.11
N ASN C 168 -10.84 9.16 -22.84
CA ASN C 168 -11.69 10.20 -22.26
C ASN C 168 -13.16 9.99 -22.61
N ILE C 169 -13.84 9.31 -21.70
CA ILE C 169 -15.17 8.78 -21.94
C ILE C 169 -16.05 9.22 -20.77
N PRO C 170 -17.29 9.60 -21.06
CA PRO C 170 -18.40 9.60 -20.11
C PRO C 170 -18.44 8.34 -19.23
N GLY C 171 -17.95 8.48 -18.00
CA GLY C 171 -18.04 7.40 -17.05
C GLY C 171 -16.80 6.54 -16.98
N ILE C 172 -15.70 7.05 -17.52
CA ILE C 172 -14.42 6.35 -17.46
C ILE C 172 -14.08 6.04 -16.00
N GLU C 173 -14.69 6.79 -15.09
CA GLU C 173 -14.50 6.58 -13.66
C GLU C 173 -14.85 5.17 -13.23
N HIS C 174 -15.83 4.56 -13.89
CA HIS C 174 -16.34 3.27 -13.46
C HIS C 174 -15.58 2.09 -14.08
N CYS C 175 -14.53 2.39 -14.84
CA CYS C 175 -13.68 1.36 -15.43
C CYS C 175 -12.41 1.15 -14.60
N ILE C 176 -11.81 -0.03 -14.77
CA ILE C 176 -10.55 -0.35 -14.09
C ILE C 176 -9.41 -0.43 -15.11
N SER C 177 -8.29 -1.03 -14.71
CA SER C 177 -7.12 -1.14 -15.57
C SER C 177 -6.49 -2.52 -15.42
N SER C 178 -5.29 -2.73 -15.98
CA SER C 178 -4.50 -3.93 -15.67
C SER C 178 -4.30 -3.96 -14.16
N ASN C 179 -3.82 -2.85 -13.63
CA ASN C 179 -3.47 -2.68 -12.23
C ASN C 179 -4.52 -3.16 -11.23
N GLU C 180 -5.73 -2.66 -11.34
CA GLU C 180 -6.77 -3.02 -10.38
C GLU C 180 -7.28 -4.45 -10.59
N ALA C 181 -7.11 -4.97 -11.80
CA ALA C 181 -7.54 -6.33 -12.13
C ALA C 181 -6.80 -7.35 -11.28
N PHE C 182 -5.58 -7.03 -10.86
CA PHE C 182 -4.75 -7.96 -10.11
C PHE C 182 -5.16 -8.03 -8.65
N TYR C 183 -6.09 -7.16 -8.26
CA TYR C 183 -6.46 -7.07 -6.86
C TYR C 183 -7.96 -7.25 -6.62
N LEU C 184 -8.68 -7.67 -7.66
CA LEU C 184 -10.12 -7.91 -7.54
C LEU C 184 -10.44 -8.86 -6.39
N PRO C 185 -11.39 -8.46 -5.54
CA PRO C 185 -11.83 -9.31 -4.42
C PRO C 185 -12.36 -10.63 -4.89
N GLU C 186 -12.88 -10.63 -6.12
CA GLU C 186 -13.54 -11.79 -6.71
C GLU C 186 -13.66 -11.58 -8.23
N PRO C 187 -13.82 -12.67 -8.98
CA PRO C 187 -13.93 -12.64 -10.45
C PRO C 187 -15.26 -12.08 -10.93
N PRO C 188 -15.22 -11.17 -11.89
CA PRO C 188 -16.42 -10.59 -12.50
C PRO C 188 -17.26 -11.64 -13.23
N ARG C 189 -18.58 -11.45 -13.27
CA ARG C 189 -19.44 -12.36 -14.00
C ARG C 189 -19.52 -11.95 -15.46
N ARG C 190 -19.91 -10.71 -15.71
CA ARG C 190 -19.83 -10.11 -17.04
C ARG C 190 -18.67 -9.15 -17.09
N VAL C 191 -17.72 -9.40 -17.98
CA VAL C 191 -16.55 -8.55 -18.13
C VAL C 191 -16.46 -7.99 -19.55
N LEU C 192 -15.93 -6.79 -19.67
CA LEU C 192 -15.61 -6.25 -20.98
C LEU C 192 -14.18 -5.76 -20.90
N THR C 193 -13.27 -6.48 -21.53
CA THR C 193 -11.90 -5.97 -21.65
C THR C 193 -11.83 -5.16 -22.93
N VAL C 194 -11.71 -3.86 -22.76
CA VAL C 194 -11.63 -2.96 -23.90
C VAL C 194 -10.18 -2.95 -24.36
N GLY C 195 -9.97 -3.16 -25.65
CA GLY C 195 -8.63 -3.08 -26.20
C GLY C 195 -8.34 -4.26 -27.10
N GLY C 196 -7.35 -4.13 -27.96
CA GLY C 196 -7.11 -5.17 -28.95
C GLY C 196 -5.68 -5.67 -29.02
N GLY C 197 -5.29 -6.45 -28.01
CA GLY C 197 -3.98 -7.06 -28.02
C GLY C 197 -3.32 -7.22 -26.66
N PHE C 198 -2.62 -8.35 -26.50
CA PHE C 198 -1.65 -8.56 -25.42
C PHE C 198 -2.41 -8.52 -24.09
N ILE C 199 -2.27 -7.42 -23.34
CA ILE C 199 -2.90 -7.32 -22.03
C ILE C 199 -4.39 -7.59 -22.04
N SER C 200 -5.11 -7.04 -23.00
CA SER C 200 -6.54 -7.28 -23.09
C SER C 200 -6.83 -8.76 -23.30
N VAL C 201 -6.17 -9.38 -24.28
CA VAL C 201 -6.49 -10.77 -24.64
C VAL C 201 -5.90 -11.76 -23.66
N GLU C 202 -4.87 -11.32 -22.93
CA GLU C 202 -4.28 -12.17 -21.91
C GLU C 202 -5.22 -12.23 -20.72
N PHE C 203 -5.81 -11.08 -20.39
CA PHE C 203 -6.71 -10.98 -19.25
C PHE C 203 -8.07 -11.55 -19.58
N ALA C 204 -8.43 -11.57 -20.85
CA ALA C 204 -9.65 -12.23 -21.30
C ALA C 204 -9.53 -13.73 -21.01
N GLY C 205 -8.32 -14.26 -21.16
CA GLY C 205 -8.06 -15.64 -20.80
C GLY C 205 -8.32 -15.92 -19.32
N ILE C 206 -7.76 -15.07 -18.47
CA ILE C 206 -7.76 -15.30 -17.02
C ILE C 206 -9.18 -15.15 -16.46
N PHE C 207 -9.87 -14.12 -16.91
CA PHE C 207 -11.24 -13.86 -16.49
C PHE C 207 -12.16 -14.99 -16.93
N ASN C 208 -11.89 -15.54 -18.12
CA ASN C 208 -12.71 -16.62 -18.67
C ASN C 208 -12.69 -17.87 -17.80
N ALA C 209 -11.50 -18.24 -17.33
CA ALA C 209 -11.32 -19.47 -16.55
C ALA C 209 -11.88 -19.41 -15.13
N TYR C 210 -11.80 -18.23 -14.51
CA TYR C 210 -12.24 -18.10 -13.13
C TYR C 210 -13.63 -17.48 -12.97
N LYS C 211 -14.35 -17.32 -14.08
CA LYS C 211 -15.70 -16.76 -14.09
C LYS C 211 -16.74 -17.72 -13.49
N PRO C 212 -17.97 -17.25 -13.26
CA PRO C 212 -18.95 -18.06 -12.52
C PRO C 212 -19.92 -18.93 -13.34
N LYS C 213 -19.44 -19.56 -14.41
CA LYS C 213 -20.20 -20.58 -15.18
C LYS C 213 -21.39 -20.05 -15.99
N ASP C 214 -22.18 -19.20 -15.35
CA ASP C 214 -23.08 -18.30 -16.05
C ASP C 214 -22.40 -16.94 -16.27
N GLY C 215 -21.10 -16.85 -15.97
CA GLY C 215 -20.33 -15.69 -16.34
C GLY C 215 -20.04 -15.65 -17.84
N GLN C 216 -19.77 -14.47 -18.37
CA GLN C 216 -19.47 -14.28 -19.79
C GLN C 216 -18.49 -13.14 -20.08
N VAL C 217 -17.45 -13.47 -20.86
CA VAL C 217 -16.36 -12.53 -21.14
C VAL C 217 -16.50 -11.97 -22.54
N THR C 218 -16.31 -10.68 -22.68
CA THR C 218 -16.47 -10.01 -23.96
C THR C 218 -15.27 -9.10 -24.20
N LEU C 219 -14.35 -9.57 -25.02
CA LEU C 219 -13.24 -8.73 -25.49
C LEU C 219 -13.78 -7.88 -26.62
N CYS C 220 -13.56 -6.58 -26.55
CA CYS C 220 -14.02 -5.72 -27.62
C CYS C 220 -12.87 -4.89 -28.14
N TYR C 221 -12.79 -4.81 -29.46
CA TYR C 221 -11.74 -4.04 -30.10
C TYR C 221 -12.35 -3.18 -31.20
N ARG C 222 -11.95 -1.92 -31.20
CA ARG C 222 -12.29 -0.99 -32.28
C ARG C 222 -11.48 -1.24 -33.55
N GLY C 223 -10.96 -2.45 -33.72
CA GLY C 223 -10.22 -2.79 -34.92
C GLY C 223 -11.00 -3.72 -35.81
N GLU C 224 -10.35 -4.23 -36.85
CA GLU C 224 -10.96 -5.26 -37.69
C GLU C 224 -10.67 -6.65 -37.11
N MET C 225 -9.55 -6.73 -36.40
CA MET C 225 -9.07 -8.00 -35.83
C MET C 225 -8.16 -7.71 -34.65
N ILE C 226 -8.28 -8.49 -33.56
CA ILE C 226 -7.45 -8.30 -32.37
C ILE C 226 -5.95 -8.45 -32.64
N LEU C 227 -5.14 -8.16 -31.63
CA LEU C 227 -3.68 -8.22 -31.76
C LEU C 227 -3.17 -7.48 -33.00
N ARG C 228 -3.54 -6.21 -33.10
CA ARG C 228 -2.91 -5.28 -34.03
C ARG C 228 -1.39 -5.52 -34.01
N GLY C 229 -0.82 -5.74 -35.18
CA GLY C 229 0.62 -5.80 -35.30
C GLY C 229 1.28 -7.18 -35.33
N PHE C 230 0.48 -8.22 -35.10
CA PHE C 230 0.97 -9.61 -35.13
C PHE C 230 0.68 -10.23 -36.49
N ASP C 231 1.38 -11.31 -36.80
CA ASP C 231 1.22 -12.00 -38.09
C ASP C 231 -0.24 -12.35 -38.37
N HIS C 232 -0.66 -12.08 -39.61
CA HIS C 232 -2.08 -12.15 -39.94
C HIS C 232 -2.77 -13.49 -39.63
N THR C 233 -2.03 -14.59 -39.71
CA THR C 233 -2.61 -15.92 -39.54
C THR C 233 -2.78 -16.23 -38.07
N LEU C 234 -1.84 -15.76 -37.27
CA LEU C 234 -1.90 -15.95 -35.83
C LEU C 234 -3.10 -15.19 -35.28
N ARG C 235 -3.43 -14.08 -35.93
CA ARG C 235 -4.53 -13.26 -35.45
C ARG C 235 -5.88 -13.87 -35.72
N GLU C 236 -6.09 -14.39 -36.92
CA GLU C 236 -7.37 -15.02 -37.19
C GLU C 236 -7.54 -16.32 -36.44
N GLU C 237 -6.46 -17.10 -36.33
CA GLU C 237 -6.52 -18.37 -35.61
C GLU C 237 -6.73 -18.22 -34.11
N LEU C 238 -6.09 -17.23 -33.50
CA LEU C 238 -6.30 -17.00 -32.08
C LEU C 238 -7.71 -16.45 -31.85
N THR C 239 -8.19 -15.64 -32.78
CA THR C 239 -9.53 -15.10 -32.69
C THR C 239 -10.57 -16.22 -32.76
N LYS C 240 -10.21 -17.29 -33.45
CA LYS C 240 -11.09 -18.45 -33.60
C LYS C 240 -11.12 -19.27 -32.32
N GLN C 241 -9.95 -19.50 -31.75
CA GLN C 241 -9.82 -20.43 -30.65
C GLN C 241 -10.16 -19.76 -29.34
N LEU C 242 -10.21 -18.42 -29.36
CA LEU C 242 -10.68 -17.66 -28.23
C LEU C 242 -12.19 -17.74 -28.18
N THR C 243 -12.83 -17.49 -29.31
CA THR C 243 -14.28 -17.66 -29.41
C THR C 243 -14.70 -19.12 -29.28
N ALA C 244 -13.79 -20.02 -29.65
CA ALA C 244 -14.05 -21.45 -29.54
C ALA C 244 -14.21 -21.83 -28.07
N ASN C 245 -13.42 -21.19 -27.21
CA ASN C 245 -13.52 -21.44 -25.78
C ASN C 245 -14.57 -20.56 -25.12
N GLY C 246 -15.18 -19.68 -25.91
CA GLY C 246 -16.39 -18.99 -25.48
C GLY C 246 -16.23 -17.56 -24.97
N ILE C 247 -15.23 -16.85 -25.47
CA ILE C 247 -15.11 -15.44 -25.14
C ILE C 247 -15.59 -14.61 -26.32
N GLN C 248 -16.55 -13.73 -26.06
CA GLN C 248 -17.08 -12.84 -27.09
C GLN C 248 -15.99 -11.93 -27.63
N ILE C 249 -15.74 -11.96 -28.93
CA ILE C 249 -14.84 -10.96 -29.50
C ILE C 249 -15.56 -10.00 -30.44
N LEU C 250 -15.81 -8.79 -29.93
CA LEU C 250 -16.52 -7.73 -30.64
C LEU C 250 -15.55 -6.79 -31.35
N THR C 251 -15.37 -6.98 -32.66
CA THR C 251 -14.54 -6.06 -33.45
C THR C 251 -15.34 -4.93 -34.09
N LYS C 252 -14.64 -3.80 -34.30
CA LYS C 252 -15.25 -2.56 -34.73
C LYS C 252 -16.35 -2.11 -33.76
N GLU C 253 -16.12 -2.33 -32.48
CA GLU C 253 -16.97 -1.77 -31.44
C GLU C 253 -16.10 -1.07 -30.43
N ASN C 254 -16.50 0.14 -30.02
CA ASN C 254 -15.73 0.93 -29.06
C ASN C 254 -16.67 1.65 -28.09
N PRO C 255 -16.41 1.51 -26.77
CA PRO C 255 -17.03 2.32 -25.73
C PRO C 255 -17.06 3.82 -26.02
N ALA C 256 -18.25 4.39 -25.84
CA ALA C 256 -18.51 5.82 -25.96
C ALA C 256 -18.85 6.39 -24.57
N LYS C 257 -19.57 5.62 -23.77
CA LYS C 257 -20.06 6.07 -22.49
C LYS C 257 -20.38 4.91 -21.56
N VAL C 258 -19.58 4.80 -20.50
CA VAL C 258 -19.89 3.91 -19.38
C VAL C 258 -20.70 4.67 -18.36
N GLU C 259 -21.97 4.30 -18.22
CA GLU C 259 -22.80 4.85 -17.16
C GLU C 259 -23.11 3.75 -16.15
N LEU C 260 -22.93 4.09 -14.88
CA LEU C 260 -23.25 3.17 -13.80
C LEU C 260 -24.76 3.10 -13.64
N ASN C 261 -25.34 1.95 -13.92
CA ASN C 261 -26.76 1.77 -13.66
C ASN C 261 -27.03 0.93 -12.40
N ALA C 262 -27.66 1.61 -11.44
CA ALA C 262 -28.44 0.96 -10.36
C ALA C 262 -27.66 -0.03 -9.48
N ASP C 263 -28.03 -1.30 -9.60
CA ASP C 263 -27.49 -2.43 -8.86
C ASP C 263 -25.96 -2.54 -8.76
N GLY C 264 -25.24 -1.60 -9.38
CA GLY C 264 -23.80 -1.69 -9.45
C GLY C 264 -23.41 -2.08 -10.86
N SER C 265 -24.37 -2.61 -11.62
CA SER C 265 -24.21 -2.83 -13.06
C SER C 265 -23.66 -1.61 -13.78
N LYS C 266 -23.08 -1.83 -14.95
CA LYS C 266 -22.62 -0.73 -15.78
C LYS C 266 -23.18 -0.90 -17.18
N SER C 267 -23.77 0.18 -17.71
CA SER C 267 -24.28 0.18 -19.07
C SER C 267 -23.31 0.86 -20.00
N VAL C 268 -22.63 0.06 -20.80
CA VAL C 268 -21.69 0.59 -21.74
C VAL C 268 -22.38 0.74 -23.07
N THR C 269 -22.65 1.98 -23.43
CA THR C 269 -23.04 2.29 -24.78
C THR C 269 -21.80 2.44 -25.65
N PHE C 270 -21.75 1.66 -26.73
CA PHE C 270 -20.73 1.80 -27.75
C PHE C 270 -21.11 2.91 -28.73
N GLU C 271 -20.12 3.64 -29.21
CA GLU C 271 -20.32 4.63 -30.26
C GLU C 271 -20.88 3.94 -31.48
N SER C 272 -20.67 2.63 -31.51
CA SER C 272 -21.17 1.77 -32.57
C SER C 272 -22.65 1.42 -32.33
N GLY C 273 -23.43 2.40 -31.85
CA GLY C 273 -24.82 2.18 -31.51
C GLY C 273 -25.08 1.32 -30.28
N LYS C 274 -24.65 0.05 -30.36
CA LYS C 274 -24.92 -0.97 -29.34
C LYS C 274 -24.83 -0.47 -27.89
N LYS C 275 -25.70 -0.99 -27.04
CA LYS C 275 -25.51 -0.83 -25.60
C LYS C 275 -25.49 -2.21 -24.94
N MET C 276 -24.65 -2.37 -23.93
CA MET C 276 -24.47 -3.65 -23.25
C MET C 276 -24.33 -3.48 -21.75
N ASP C 277 -24.57 -4.55 -21.01
CA ASP C 277 -24.50 -4.51 -19.55
C ASP C 277 -23.36 -5.40 -19.04
N PHE C 278 -22.54 -4.83 -18.17
CA PHE C 278 -21.41 -5.56 -17.62
C PHE C 278 -21.28 -5.33 -16.12
N ASP C 279 -20.53 -6.21 -15.47
CA ASP C 279 -20.25 -6.04 -14.06
C ASP C 279 -18.89 -5.38 -13.87
N LEU C 280 -18.04 -5.49 -14.89
CA LEU C 280 -16.72 -4.92 -14.83
C LEU C 280 -16.24 -4.52 -16.23
N VAL C 281 -15.80 -3.26 -16.35
CA VAL C 281 -15.18 -2.79 -17.58
C VAL C 281 -13.71 -2.54 -17.31
N MET C 282 -12.83 -3.21 -18.05
CA MET C 282 -11.41 -3.01 -17.89
C MET C 282 -10.86 -2.32 -19.13
N MET C 283 -10.23 -1.17 -18.94
CA MET C 283 -9.59 -0.46 -20.06
C MET C 283 -8.15 -0.91 -20.28
N ALA C 284 -7.89 -1.39 -21.49
CA ALA C 284 -6.58 -1.85 -21.84
C ALA C 284 -6.27 -1.32 -23.24
N ILE C 285 -6.59 -0.05 -23.43
CA ILE C 285 -6.44 0.57 -24.75
C ILE C 285 -5.01 1.03 -25.03
N GLY C 286 -4.21 1.15 -23.97
CA GLY C 286 -2.80 1.50 -24.15
C GLY C 286 -1.98 1.67 -22.88
N ARG C 287 -0.68 1.91 -23.08
CA ARG C 287 0.25 2.31 -22.03
C ARG C 287 1.05 3.52 -22.51
N SER C 288 1.38 4.42 -21.60
CA SER C 288 2.06 5.65 -21.96
C SER C 288 3.16 5.97 -20.96
N PRO C 289 4.34 6.44 -21.44
CA PRO C 289 5.49 6.81 -20.62
C PRO C 289 5.10 7.62 -19.38
N ARG C 290 5.67 7.28 -18.23
CA ARG C 290 5.39 8.01 -17.00
C ARG C 290 6.26 9.25 -16.93
N THR C 291 6.38 9.91 -18.08
CA THR C 291 7.04 11.18 -18.24
C THR C 291 6.40 12.20 -17.29
N LYS C 292 5.06 12.25 -17.35
CA LYS C 292 4.21 12.79 -16.28
C LYS C 292 4.82 13.77 -15.26
N ASP C 293 5.13 13.26 -14.06
CA ASP C 293 5.47 14.09 -12.90
C ASP C 293 6.97 14.10 -12.62
N LEU C 294 7.76 14.02 -13.68
CA LEU C 294 9.22 13.99 -13.57
C LEU C 294 9.87 15.38 -13.58
N GLN C 295 9.10 16.40 -13.97
CA GLN C 295 9.57 17.80 -14.05
C GLN C 295 10.72 17.98 -15.03
N LEU C 296 10.60 17.36 -16.20
CA LEU C 296 11.72 17.26 -17.13
C LEU C 296 12.20 18.63 -17.58
N GLN C 297 11.27 19.56 -17.75
CA GLN C 297 11.60 20.93 -18.11
C GLN C 297 12.61 21.55 -17.15
N ASN C 298 12.53 21.18 -15.87
CA ASN C 298 13.45 21.71 -14.88
C ASN C 298 14.89 21.49 -15.28
N ALA C 299 15.16 20.37 -15.94
CA ALA C 299 16.50 20.12 -16.45
C ALA C 299 16.58 20.48 -17.91
N GLY C 300 15.41 20.53 -18.56
CA GLY C 300 15.34 20.82 -19.98
C GLY C 300 15.45 19.57 -20.82
N VAL C 301 14.85 18.47 -20.34
CA VAL C 301 14.87 17.20 -21.05
C VAL C 301 13.76 17.16 -22.09
N MET C 302 14.05 16.54 -23.23
CA MET C 302 13.10 16.56 -24.35
C MET C 302 12.30 15.31 -24.48
N ILE C 303 10.99 15.48 -24.63
CA ILE C 303 10.11 14.42 -25.10
C ILE C 303 10.09 14.47 -26.62
N LYS C 304 10.22 13.31 -27.25
CA LYS C 304 9.92 13.22 -28.68
C LYS C 304 8.42 13.25 -28.77
N ASN C 305 7.82 12.14 -28.36
CA ASN C 305 6.38 12.01 -28.28
C ASN C 305 6.14 11.02 -27.18
N GLY C 306 5.12 11.29 -26.37
CA GLY C 306 4.89 10.52 -25.16
C GLY C 306 6.03 10.61 -24.14
N GLY C 307 7.12 9.90 -24.43
CA GLY C 307 8.21 9.80 -23.51
C GLY C 307 9.50 10.48 -23.93
N VAL C 308 10.45 10.42 -23.01
CA VAL C 308 11.77 11.02 -23.13
C VAL C 308 12.45 10.54 -24.40
N GLN C 309 12.86 11.47 -25.26
CA GLN C 309 13.66 11.09 -26.43
C GLN C 309 15.15 10.95 -26.12
N VAL C 310 15.68 9.84 -26.60
CA VAL C 310 16.94 9.26 -26.13
C VAL C 310 17.58 8.58 -27.36
N ASP C 311 18.91 8.69 -27.47
CA ASP C 311 19.62 8.12 -28.62
C ASP C 311 19.92 6.61 -28.50
N GLU C 312 20.85 6.12 -29.31
CA GLU C 312 21.19 4.69 -29.31
C GLU C 312 21.84 4.29 -28.01
N TYR C 313 22.66 5.18 -27.50
CA TYR C 313 23.35 4.99 -26.25
C TYR C 313 22.50 5.47 -25.09
N SER C 314 21.22 5.76 -25.39
CA SER C 314 20.19 6.03 -24.38
C SER C 314 20.47 7.26 -23.52
N ARG C 315 20.83 8.37 -24.16
CA ARG C 315 20.93 9.62 -23.43
C ARG C 315 20.21 10.78 -24.07
N THR C 316 19.69 11.65 -23.19
CA THR C 316 18.93 12.81 -23.61
C THR C 316 19.81 13.97 -24.04
N ASN C 317 19.15 15.02 -24.53
CA ASN C 317 19.78 16.31 -24.77
C ASN C 317 20.68 16.77 -23.62
N VAL C 318 20.11 16.80 -22.41
CA VAL C 318 20.87 17.11 -21.22
C VAL C 318 21.93 16.04 -21.00
N SER C 319 23.18 16.48 -20.93
CA SER C 319 24.32 15.58 -21.10
C SER C 319 24.66 14.64 -19.93
N ASN C 320 24.10 14.88 -18.75
CA ASN C 320 24.36 13.98 -17.63
C ASN C 320 23.10 13.22 -17.24
N ILE C 321 22.11 13.24 -18.13
CA ILE C 321 20.87 12.53 -17.94
C ILE C 321 20.65 11.50 -19.05
N TYR C 322 20.28 10.27 -18.66
CA TYR C 322 20.00 9.18 -19.59
C TYR C 322 18.63 8.58 -19.28
N ALA C 323 18.05 7.83 -20.20
CA ALA C 323 16.77 7.18 -19.93
C ALA C 323 16.64 5.82 -20.60
N ILE C 324 15.93 4.90 -19.93
CA ILE C 324 15.79 3.53 -20.41
C ILE C 324 14.37 2.99 -20.20
N GLY C 325 14.13 1.83 -20.80
CA GLY C 325 12.85 1.15 -20.63
C GLY C 325 11.66 1.75 -21.34
N ASP C 326 10.60 1.98 -20.59
CA ASP C 326 9.29 2.25 -21.16
C ASP C 326 9.06 3.73 -21.32
N VAL C 327 9.79 4.51 -20.54
CA VAL C 327 9.69 5.96 -20.61
C VAL C 327 10.40 6.47 -21.87
N THR C 328 11.27 5.64 -22.46
CA THR C 328 11.87 5.93 -23.77
C THR C 328 10.89 5.63 -24.88
N ASN C 329 9.81 4.92 -24.55
CA ASN C 329 8.82 4.49 -25.53
C ASN C 329 9.46 3.75 -26.71
N ARG C 330 10.43 2.89 -26.39
CA ARG C 330 11.13 2.09 -27.40
C ARG C 330 10.39 0.76 -27.53
N VAL C 331 11.05 -0.33 -27.17
CA VAL C 331 10.34 -1.59 -27.00
C VAL C 331 9.93 -1.69 -25.54
N MET C 332 8.64 -1.91 -25.30
CA MET C 332 8.12 -1.99 -23.94
C MET C 332 8.05 -3.44 -23.45
N LEU C 333 9.21 -3.95 -23.04
CA LEU C 333 9.40 -5.35 -22.67
C LEU C 333 10.43 -5.34 -21.55
N THR C 334 10.26 -6.17 -20.54
CA THR C 334 11.20 -6.16 -19.42
C THR C 334 12.64 -6.44 -19.87
N PRO C 335 12.88 -7.55 -20.59
CA PRO C 335 14.26 -7.90 -20.91
C PRO C 335 14.96 -6.99 -21.92
N VAL C 336 14.21 -6.15 -22.60
CA VAL C 336 14.80 -5.10 -23.43
C VAL C 336 15.26 -3.97 -22.52
N ALA C 337 14.48 -3.69 -21.49
CA ALA C 337 14.78 -2.60 -20.55
C ALA C 337 15.95 -2.95 -19.65
N ILE C 338 16.11 -4.24 -19.35
CA ILE C 338 17.22 -4.72 -18.56
C ILE C 338 18.50 -4.63 -19.37
N ASN C 339 18.37 -4.81 -20.68
CA ASN C 339 19.51 -4.73 -21.58
C ASN C 339 19.92 -3.29 -21.81
N GLU C 340 18.94 -2.43 -22.08
CA GLU C 340 19.14 -1.00 -22.17
C GLU C 340 19.90 -0.52 -20.92
N ALA C 341 19.42 -0.95 -19.76
CA ALA C 341 20.05 -0.62 -18.48
C ALA C 341 21.48 -1.12 -18.38
N ALA C 342 21.68 -2.39 -18.70
CA ALA C 342 22.98 -3.02 -18.54
C ALA C 342 24.04 -2.31 -19.39
N ALA C 343 23.65 -1.91 -20.59
CA ALA C 343 24.54 -1.29 -21.56
C ALA C 343 24.80 0.19 -21.30
N LEU C 344 23.94 0.83 -20.49
CA LEU C 344 24.09 2.25 -20.13
C LEU C 344 25.30 2.41 -19.22
N VAL C 345 25.30 1.67 -18.11
CA VAL C 345 26.41 1.73 -17.15
C VAL C 345 27.73 1.25 -17.78
N ASP C 346 27.65 0.20 -18.60
CA ASP C 346 28.80 -0.32 -19.36
C ASP C 346 29.35 0.75 -20.29
N THR C 347 28.45 1.62 -20.78
CA THR C 347 28.82 2.75 -21.61
C THR C 347 29.42 3.88 -20.78
N VAL C 348 28.71 4.30 -19.72
CA VAL C 348 29.09 5.53 -19.01
C VAL C 348 30.00 5.36 -17.79
N PHE C 349 29.82 4.28 -17.03
CA PHE C 349 30.77 3.96 -15.98
C PHE C 349 31.82 2.97 -16.45
N GLY C 350 31.69 2.53 -17.69
CA GLY C 350 32.59 1.54 -18.25
C GLY C 350 33.51 2.04 -19.34
N THR C 351 34.28 1.10 -19.89
CA THR C 351 35.25 1.37 -20.96
C THR C 351 34.57 1.48 -22.34
N ASN C 352 34.21 0.32 -22.90
CA ASN C 352 33.33 0.21 -24.07
C ASN C 352 32.07 1.07 -23.91
N PRO C 353 31.64 1.71 -24.99
CA PRO C 353 30.19 1.86 -25.17
C PRO C 353 29.50 0.53 -25.45
N ARG C 354 28.19 0.59 -25.65
CA ARG C 354 27.32 -0.58 -25.70
C ARG C 354 25.92 -0.06 -25.98
N LYS C 355 25.31 -0.55 -27.05
CA LYS C 355 23.92 -0.20 -27.34
C LYS C 355 23.08 -1.45 -27.54
N THR C 356 21.80 -1.36 -27.16
CA THR C 356 20.90 -2.51 -27.22
C THR C 356 20.42 -2.69 -28.64
N ASP C 357 20.40 -3.94 -29.10
CA ASP C 357 19.87 -4.25 -30.42
C ASP C 357 18.38 -4.43 -30.28
N HIS C 358 17.63 -3.45 -30.75
CA HIS C 358 16.20 -3.50 -30.61
C HIS C 358 15.52 -4.33 -31.69
N THR C 359 16.33 -4.91 -32.58
CA THR C 359 15.82 -5.74 -33.67
C THR C 359 15.78 -7.22 -33.27
N ARG C 360 14.86 -7.96 -33.88
CA ARG C 360 14.80 -9.42 -33.80
C ARG C 360 14.62 -9.90 -32.36
N VAL C 361 13.89 -9.14 -31.56
CA VAL C 361 13.59 -9.51 -30.18
C VAL C 361 12.36 -10.44 -30.13
N ALA C 362 12.55 -11.65 -29.63
CA ALA C 362 11.48 -12.62 -29.54
C ALA C 362 10.56 -12.27 -28.38
N SER C 363 9.25 -12.48 -28.57
CA SER C 363 8.27 -12.18 -27.54
C SER C 363 7.11 -13.14 -27.60
N ALA C 364 6.21 -13.06 -26.63
CA ALA C 364 5.12 -14.00 -26.52
C ALA C 364 3.87 -13.34 -25.94
N VAL C 365 2.70 -13.72 -26.45
CA VAL C 365 1.42 -13.37 -25.82
C VAL C 365 0.93 -14.63 -25.10
N PHE C 366 0.63 -14.52 -23.82
CA PHE C 366 0.20 -15.68 -23.03
C PHE C 366 -1.32 -15.80 -23.03
N SER C 367 -1.87 -15.79 -24.23
CA SER C 367 -3.24 -16.21 -24.47
C SER C 367 -3.33 -17.72 -24.39
N ILE C 368 -4.55 -18.25 -24.39
CA ILE C 368 -4.73 -19.69 -24.44
C ILE C 368 -5.45 -20.09 -25.72
N PRO C 369 -4.69 -20.64 -26.68
CA PRO C 369 -3.27 -20.95 -26.52
C PRO C 369 -2.36 -19.78 -26.90
N PRO C 370 -1.09 -19.83 -26.49
CA PRO C 370 -0.17 -18.68 -26.57
C PRO C 370 0.40 -18.41 -27.96
N ILE C 371 1.14 -17.31 -28.05
CA ILE C 371 1.82 -16.95 -29.29
C ILE C 371 3.26 -16.67 -28.93
N GLY C 372 4.17 -17.19 -29.75
CA GLY C 372 5.58 -16.83 -29.64
C GLY C 372 6.01 -16.35 -31.00
N THR C 373 6.75 -15.25 -31.05
CA THR C 373 7.00 -14.58 -32.30
C THR C 373 8.34 -13.88 -32.29
N CYS C 374 8.99 -13.84 -33.46
CA CYS C 374 10.29 -13.21 -33.59
C CYS C 374 10.59 -12.79 -35.02
N GLY C 375 11.09 -11.57 -35.20
CA GLY C 375 11.40 -11.08 -36.52
C GLY C 375 10.23 -10.40 -37.20
N LEU C 376 10.32 -10.26 -38.53
CA LEU C 376 9.40 -9.43 -39.31
C LEU C 376 8.10 -10.14 -39.63
N ILE C 377 6.97 -9.43 -39.60
CA ILE C 377 5.75 -9.98 -40.16
C ILE C 377 5.72 -9.77 -41.65
N GLU C 378 5.18 -10.77 -42.32
CA GLU C 378 4.93 -10.80 -43.75
C GLU C 378 4.79 -9.42 -44.40
N GLU C 379 3.84 -8.64 -43.88
CA GLU C 379 3.36 -7.42 -44.51
C GLU C 379 4.38 -6.26 -44.49
N VAL C 380 5.47 -6.43 -43.75
CA VAL C 380 6.51 -5.41 -43.67
C VAL C 380 7.72 -5.82 -44.50
N ALA C 381 8.06 -7.09 -44.42
CA ALA C 381 9.20 -7.62 -45.14
C ALA C 381 8.96 -7.47 -46.62
N SER C 382 7.70 -7.62 -47.03
CA SER C 382 7.33 -7.46 -48.42
C SER C 382 7.58 -6.04 -48.93
N LYS C 383 7.73 -5.09 -48.00
CA LYS C 383 8.07 -3.72 -48.36
C LYS C 383 9.57 -3.50 -48.31
N ARG C 384 10.28 -4.37 -47.60
CA ARG C 384 11.72 -4.20 -47.42
C ARG C 384 12.53 -5.03 -48.39
N TYR C 385 11.97 -6.14 -48.86
CA TYR C 385 12.70 -7.08 -49.70
C TYR C 385 11.94 -7.34 -51.00
N GLU C 386 12.68 -7.70 -52.05
CA GLU C 386 12.10 -7.74 -53.39
C GLU C 386 11.24 -8.98 -53.62
N VAL C 387 11.75 -10.14 -53.25
CA VAL C 387 10.94 -11.34 -53.22
C VAL C 387 11.11 -12.04 -51.88
N VAL C 388 9.96 -12.30 -51.25
CA VAL C 388 9.88 -12.92 -49.92
C VAL C 388 9.09 -14.21 -50.09
N ALA C 389 9.50 -15.26 -49.37
CA ALA C 389 8.79 -16.54 -49.40
C ALA C 389 8.19 -16.78 -48.02
N VAL C 390 6.93 -17.20 -47.99
CA VAL C 390 6.26 -17.45 -46.72
C VAL C 390 6.03 -18.96 -46.59
N TYR C 391 6.54 -19.54 -45.51
CA TYR C 391 6.33 -20.96 -45.22
C TYR C 391 5.31 -21.12 -44.10
N LEU C 392 4.24 -21.87 -44.36
CA LEU C 392 3.11 -21.93 -43.44
C LEU C 392 2.80 -23.38 -43.18
N SER C 393 2.58 -23.72 -41.91
CA SER C 393 2.20 -25.07 -41.51
C SER C 393 1.15 -25.03 -40.40
N SER C 394 -0.04 -25.53 -40.67
CA SER C 394 -1.08 -25.57 -39.65
C SER C 394 -1.58 -26.99 -39.53
N PHE C 395 -1.76 -27.46 -38.30
CA PHE C 395 -2.29 -28.80 -38.08
C PHE C 395 -2.87 -28.90 -36.68
N THR C 396 -3.93 -29.69 -36.54
CA THR C 396 -4.43 -30.05 -35.22
C THR C 396 -3.62 -31.22 -34.69
N PRO C 397 -2.90 -31.01 -33.58
CA PRO C 397 -2.07 -32.07 -33.05
C PRO C 397 -2.90 -33.28 -32.62
N LEU C 398 -2.31 -34.46 -32.84
CA LEU C 398 -2.97 -35.73 -32.54
C LEU C 398 -3.49 -35.75 -31.12
N MET C 399 -2.64 -35.30 -30.20
CA MET C 399 -2.99 -35.25 -28.79
C MET C 399 -4.25 -34.43 -28.56
N HIS C 400 -4.57 -33.55 -29.51
CA HIS C 400 -5.72 -32.68 -29.40
C HIS C 400 -6.91 -33.16 -30.20
N ASN C 401 -6.69 -34.17 -31.03
CA ASN C 401 -7.83 -34.90 -31.56
C ASN C 401 -8.37 -35.76 -30.45
N ILE C 402 -7.48 -36.42 -29.72
CA ILE C 402 -7.90 -37.33 -28.67
C ILE C 402 -8.17 -36.63 -27.35
N SER C 403 -7.82 -35.34 -27.26
CA SER C 403 -8.13 -34.54 -26.09
C SER C 403 -9.53 -33.95 -26.19
N GLY C 404 -9.89 -33.53 -27.39
CA GLY C 404 -11.22 -33.01 -27.65
C GLY C 404 -11.24 -31.56 -28.10
N SER C 405 -10.10 -30.90 -27.98
CA SER C 405 -9.94 -29.53 -28.42
C SER C 405 -9.38 -29.52 -29.85
N LYS C 406 -10.15 -30.09 -30.77
CA LYS C 406 -9.76 -30.18 -32.17
C LYS C 406 -9.61 -28.78 -32.74
N TYR C 407 -10.25 -27.81 -32.11
CA TYR C 407 -10.16 -26.42 -32.56
C TYR C 407 -8.77 -25.84 -32.37
N LYS C 408 -7.98 -26.50 -31.52
CA LYS C 408 -6.64 -26.03 -31.17
C LYS C 408 -5.61 -26.33 -32.26
N THR C 409 -5.50 -25.44 -33.24
CA THR C 409 -4.57 -25.59 -34.34
C THR C 409 -3.20 -25.04 -33.95
N PHE C 410 -2.15 -25.67 -34.47
CA PHE C 410 -0.78 -25.16 -34.32
C PHE C 410 -0.38 -24.51 -35.63
N VAL C 411 -0.08 -23.22 -35.59
CA VAL C 411 0.39 -22.50 -36.76
C VAL C 411 1.87 -22.20 -36.61
N ALA C 412 2.65 -22.57 -37.61
CA ALA C 412 4.09 -22.29 -37.64
C ALA C 412 4.41 -21.66 -38.97
N LYS C 413 4.88 -20.42 -38.92
CA LYS C 413 5.11 -19.64 -40.13
C LYS C 413 6.54 -19.14 -40.13
N ILE C 414 7.20 -19.23 -41.29
CA ILE C 414 8.57 -18.77 -41.45
C ILE C 414 8.60 -17.92 -42.71
N ILE C 415 8.80 -16.63 -42.55
CA ILE C 415 8.89 -15.77 -43.71
C ILE C 415 10.35 -15.44 -44.00
N THR C 416 10.70 -15.40 -45.28
CA THR C 416 12.10 -15.52 -45.69
C THR C 416 12.43 -14.44 -46.73
N ASN C 417 13.61 -13.85 -46.66
CA ASN C 417 14.09 -13.08 -47.79
C ASN C 417 14.52 -14.10 -48.82
N HIS C 418 13.73 -14.26 -49.87
CA HIS C 418 13.88 -15.41 -50.76
C HIS C 418 15.17 -15.30 -51.55
N SER C 419 15.71 -14.09 -51.58
CA SER C 419 16.83 -13.78 -52.46
C SER C 419 18.14 -14.40 -52.00
N ASP C 420 18.12 -14.98 -50.80
CA ASP C 420 19.33 -15.56 -50.21
C ASP C 420 19.01 -16.49 -49.06
N GLY C 421 17.77 -16.40 -48.58
CA GLY C 421 17.25 -17.42 -47.69
C GLY C 421 17.31 -17.07 -46.23
N THR C 422 17.77 -15.88 -45.90
CA THR C 422 17.82 -15.46 -44.50
C THR C 422 16.43 -15.36 -43.90
N VAL C 423 16.20 -16.14 -42.83
CA VAL C 423 14.93 -16.14 -42.14
C VAL C 423 14.70 -14.77 -41.51
N LEU C 424 13.61 -14.11 -41.90
CA LEU C 424 13.27 -12.77 -41.44
C LEU C 424 12.38 -12.78 -40.21
N GLY C 425 11.47 -13.74 -40.14
CA GLY C 425 10.58 -13.80 -39.00
C GLY C 425 9.97 -15.17 -38.87
N VAL C 426 9.91 -15.67 -37.64
CA VAL C 426 9.20 -16.91 -37.33
C VAL C 426 8.02 -16.53 -36.45
N HIS C 427 6.88 -17.18 -36.63
CA HIS C 427 5.68 -16.88 -35.85
C HIS C 427 4.94 -18.15 -35.56
N LEU C 428 4.62 -18.42 -34.31
CA LEU C 428 3.88 -19.62 -33.98
C LEU C 428 2.79 -19.35 -32.97
N LEU C 429 1.67 -20.04 -33.14
CA LEU C 429 0.58 -20.04 -32.18
C LEU C 429 0.32 -21.48 -31.76
N GLY C 430 0.17 -21.69 -30.46
CA GLY C 430 -0.06 -23.03 -29.95
C GLY C 430 0.63 -23.26 -28.63
N ASP C 431 0.24 -24.31 -27.92
CA ASP C 431 0.78 -24.60 -26.59
C ASP C 431 2.28 -24.74 -26.70
N ASN C 432 3.00 -24.11 -25.78
CA ASN C 432 4.47 -24.11 -25.75
C ASN C 432 5.11 -23.17 -26.75
N ALA C 433 4.31 -22.32 -27.39
CA ALA C 433 4.85 -21.35 -28.33
C ALA C 433 5.96 -20.47 -27.74
N PRO C 434 5.78 -19.92 -26.52
CA PRO C 434 6.80 -19.03 -25.94
C PRO C 434 8.15 -19.68 -25.66
N GLU C 435 8.12 -20.93 -25.22
CA GLU C 435 9.34 -21.69 -24.95
C GLU C 435 10.08 -22.00 -26.25
N ILE C 436 9.32 -22.39 -27.27
CA ILE C 436 9.88 -22.75 -28.56
C ILE C 436 10.58 -21.54 -29.21
N ILE C 437 9.95 -20.37 -29.12
CA ILE C 437 10.46 -19.18 -29.78
C ILE C 437 11.82 -18.69 -29.27
N GLN C 438 12.23 -19.09 -28.07
CA GLN C 438 13.49 -18.57 -27.51
C GLN C 438 14.70 -19.02 -28.28
N GLY C 439 14.75 -20.30 -28.62
CA GLY C 439 15.84 -20.79 -29.43
C GLY C 439 15.84 -20.15 -30.80
N VAL C 440 14.66 -19.79 -31.29
CA VAL C 440 14.51 -19.21 -32.61
C VAL C 440 15.01 -17.76 -32.62
N GLY C 441 14.99 -17.11 -31.46
CA GLY C 441 15.57 -15.79 -31.34
C GLY C 441 17.08 -15.77 -31.44
N ILE C 442 17.72 -16.82 -30.91
CA ILE C 442 19.16 -16.97 -31.00
C ILE C 442 19.54 -17.26 -32.43
N CYS C 443 18.75 -18.09 -33.10
CA CYS C 443 18.94 -18.41 -34.51
C CYS C 443 18.94 -17.16 -35.37
N LEU C 444 17.92 -16.34 -35.21
CA LEU C 444 17.75 -15.11 -35.99
C LEU C 444 18.89 -14.12 -35.76
N LYS C 445 19.45 -14.07 -34.56
CA LYS C 445 20.61 -13.23 -34.35
C LYS C 445 21.92 -13.89 -34.77
N LEU C 446 21.84 -15.15 -35.20
CA LEU C 446 22.96 -15.82 -35.87
C LEU C 446 22.83 -15.70 -37.37
N ASN C 447 21.70 -15.16 -37.84
CA ASN C 447 21.40 -15.01 -39.27
C ASN C 447 21.19 -16.35 -39.93
N ALA C 448 20.29 -17.15 -39.36
CA ALA C 448 19.98 -18.45 -39.90
C ALA C 448 19.34 -18.32 -41.28
N LYS C 449 19.70 -19.25 -42.16
CA LYS C 449 19.01 -19.41 -43.43
C LYS C 449 17.89 -20.43 -43.23
N ILE C 450 16.90 -20.43 -44.12
CA ILE C 450 15.85 -21.44 -44.05
C ILE C 450 16.46 -22.81 -44.22
N SER C 451 17.55 -22.89 -44.99
CA SER C 451 18.18 -24.16 -45.28
C SER C 451 18.65 -24.83 -44.00
N ASP C 452 19.36 -24.09 -43.16
CA ASP C 452 19.84 -24.65 -41.91
C ASP C 452 18.81 -24.61 -40.79
N PHE C 453 17.57 -24.30 -41.15
CA PHE C 453 16.43 -24.71 -40.35
C PHE C 453 16.04 -26.13 -40.76
N TYR C 454 15.63 -26.33 -42.01
CA TYR C 454 15.16 -27.64 -42.41
C TYR C 454 16.25 -28.71 -42.48
N ASN C 455 17.49 -28.27 -42.35
CA ASN C 455 18.61 -29.19 -42.34
C ASN C 455 18.98 -29.74 -40.97
N THR C 456 18.32 -29.23 -39.94
CA THR C 456 18.50 -29.75 -38.58
C THR C 456 17.57 -30.94 -38.33
N ILE C 457 18.11 -31.95 -37.65
CA ILE C 457 17.35 -33.15 -37.35
C ILE C 457 16.35 -32.85 -36.22
N GLY C 458 15.09 -33.21 -36.45
CA GLY C 458 14.04 -32.85 -35.52
C GLY C 458 14.06 -33.66 -34.23
N VAL C 459 13.39 -33.12 -33.22
CA VAL C 459 13.19 -33.83 -31.96
C VAL C 459 11.78 -34.38 -31.95
N HIS C 460 11.65 -35.69 -32.09
CA HIS C 460 10.36 -36.34 -32.30
C HIS C 460 9.93 -37.05 -31.03
N PRO C 461 8.65 -37.01 -30.68
CA PRO C 461 7.62 -36.12 -31.20
C PRO C 461 7.45 -34.82 -30.40
N THR C 462 7.75 -33.69 -31.04
CA THR C 462 7.54 -32.37 -30.44
C THR C 462 6.91 -31.46 -31.49
N SER C 463 6.22 -30.41 -31.07
CA SER C 463 5.67 -29.45 -32.03
C SER C 463 6.74 -28.48 -32.52
N ALA C 464 7.87 -28.46 -31.82
CA ALA C 464 8.99 -27.63 -32.19
C ALA C 464 9.62 -28.13 -33.48
N GLU C 465 9.65 -29.44 -33.65
CA GLU C 465 10.31 -30.07 -34.80
C GLU C 465 9.70 -29.65 -36.13
N GLU C 466 8.50 -29.05 -36.07
CA GLU C 466 7.78 -28.58 -37.24
C GLU C 466 8.54 -27.51 -38.03
N LEU C 467 9.41 -26.77 -37.33
CA LEU C 467 10.18 -25.68 -37.94
C LEU C 467 11.26 -26.21 -38.87
N CYS C 468 11.78 -27.39 -38.55
CA CYS C 468 12.83 -28.03 -39.33
C CYS C 468 12.25 -28.98 -40.37
N SER C 469 10.96 -28.85 -40.63
CA SER C 469 10.27 -29.69 -41.59
C SER C 469 9.73 -28.86 -42.74
N MET C 470 10.00 -27.56 -42.70
CA MET C 470 9.46 -26.65 -43.71
C MET C 470 10.50 -26.29 -44.73
N ARG C 471 10.47 -27.04 -45.83
CA ARG C 471 11.41 -26.86 -46.91
C ARG C 471 10.79 -25.94 -47.94
N THR C 472 9.76 -26.40 -48.63
CA THR C 472 9.22 -25.67 -49.77
C THR C 472 8.28 -24.54 -49.35
N PRO C 473 8.43 -23.34 -49.95
CA PRO C 473 7.55 -22.18 -49.76
C PRO C 473 6.07 -22.47 -50.00
N SER C 474 5.20 -21.53 -49.63
CA SER C 474 3.76 -21.72 -49.78
C SER C 474 3.15 -20.70 -50.71
N TYR C 475 3.73 -19.50 -50.69
CA TYR C 475 3.46 -18.48 -51.70
C TYR C 475 4.54 -17.44 -51.55
N TYR C 476 4.49 -16.42 -52.40
CA TYR C 476 5.54 -15.42 -52.42
C TYR C 476 4.98 -14.03 -52.32
N TYR C 477 5.90 -13.07 -52.22
CA TYR C 477 5.59 -11.67 -52.42
C TYR C 477 6.66 -11.14 -53.35
N VAL C 478 6.31 -10.98 -54.62
CA VAL C 478 7.24 -10.35 -55.52
C VAL C 478 6.81 -8.91 -55.72
N LYS C 479 6.95 -8.15 -54.62
CA LYS C 479 6.23 -6.90 -54.35
C LYS C 479 4.75 -7.09 -53.95
N GLY C 480 3.99 -7.87 -54.73
CA GLY C 480 2.66 -8.28 -54.29
C GLY C 480 2.62 -9.76 -53.99
N GLU C 481 1.61 -10.21 -53.23
CA GLU C 481 1.45 -11.65 -52.97
C GLU C 481 1.14 -12.44 -54.21
N LYS C 482 1.93 -13.47 -54.41
CA LYS C 482 1.98 -14.19 -55.65
C LYS C 482 2.29 -15.61 -55.30
N MET C 483 1.32 -16.50 -55.41
CA MET C 483 1.72 -17.89 -55.47
C MET C 483 2.42 -18.08 -56.83
N GLU C 484 3.72 -17.79 -56.78
CA GLU C 484 4.61 -17.89 -57.93
C GLU C 484 5.05 -19.37 -58.02
N ILE D 4 9.52 -56.54 -62.31
CA ILE D 4 10.90 -56.10 -61.92
C ILE D 4 10.92 -54.64 -61.40
N PHE D 5 11.60 -54.42 -60.27
CA PHE D 5 11.57 -53.12 -59.60
C PHE D 5 12.94 -52.42 -59.60
N ASP D 6 12.89 -51.09 -59.46
CA ASP D 6 14.09 -50.27 -59.25
C ASP D 6 14.60 -50.44 -57.82
N LEU D 7 13.68 -50.49 -56.86
CA LEU D 7 14.02 -50.54 -55.46
C LEU D 7 13.02 -51.43 -54.74
N VAL D 8 13.53 -52.38 -53.93
CA VAL D 8 12.68 -53.14 -53.01
C VAL D 8 13.11 -52.89 -51.56
N VAL D 9 12.26 -52.22 -50.80
CA VAL D 9 12.58 -51.77 -49.46
C VAL D 9 12.02 -52.75 -48.43
N ILE D 10 12.91 -53.48 -47.75
CA ILE D 10 12.49 -54.45 -46.75
C ILE D 10 12.17 -53.74 -45.45
N GLY D 11 10.88 -53.57 -45.18
CA GLY D 11 10.44 -52.87 -43.99
C GLY D 11 9.80 -51.53 -44.30
N ALA D 12 8.48 -51.44 -44.16
CA ALA D 12 7.78 -50.18 -44.32
C ALA D 12 7.89 -49.37 -43.04
N GLY D 13 9.11 -49.03 -42.66
CA GLY D 13 9.35 -48.31 -41.42
C GLY D 13 9.26 -46.80 -41.55
N SER D 14 9.96 -46.09 -40.66
CA SER D 14 10.06 -44.64 -40.69
C SER D 14 11.04 -44.21 -41.78
N GLY D 15 12.22 -44.82 -41.77
CA GLY D 15 13.17 -44.62 -42.84
C GLY D 15 12.78 -45.35 -44.11
N GLY D 16 12.17 -46.53 -43.95
CA GLY D 16 11.81 -47.32 -45.12
C GLY D 16 10.81 -46.62 -46.02
N LEU D 17 9.69 -46.24 -45.42
CA LEU D 17 8.58 -45.59 -46.10
C LEU D 17 8.95 -44.21 -46.67
N GLU D 18 9.97 -43.59 -46.09
CA GLU D 18 10.44 -42.29 -46.51
C GLU D 18 11.23 -42.40 -47.81
N ALA D 19 12.09 -43.40 -47.88
CA ALA D 19 12.90 -43.61 -49.08
C ALA D 19 12.04 -44.12 -50.23
N ALA D 20 11.05 -44.93 -49.87
CA ALA D 20 10.12 -45.50 -50.84
C ALA D 20 9.33 -44.39 -51.53
N TRP D 21 8.79 -43.48 -50.74
CA TRP D 21 8.00 -42.36 -51.29
C TRP D 21 8.87 -41.38 -52.06
N ASN D 22 10.08 -41.14 -51.58
CA ASN D 22 10.98 -40.18 -52.21
C ASN D 22 11.49 -40.66 -53.55
N ALA D 23 11.64 -41.99 -53.70
CA ALA D 23 12.08 -42.57 -54.96
C ALA D 23 10.95 -42.60 -55.97
N ALA D 24 9.81 -43.16 -55.54
CA ALA D 24 8.62 -43.32 -56.37
C ALA D 24 8.09 -42.00 -56.90
N THR D 25 7.95 -41.04 -55.99
CA THR D 25 7.28 -39.80 -56.30
C THR D 25 8.23 -38.76 -56.89
N LEU D 26 9.43 -38.64 -56.33
CA LEU D 26 10.34 -37.57 -56.73
C LEU D 26 11.15 -37.92 -57.97
N TYR D 27 11.56 -39.19 -58.06
CA TYR D 27 12.39 -39.64 -59.16
C TYR D 27 11.62 -40.59 -60.05
N LYS D 28 10.35 -40.80 -59.71
CA LYS D 28 9.44 -41.55 -60.56
C LYS D 28 9.89 -43.00 -60.76
N LYS D 29 10.39 -43.62 -59.68
CA LYS D 29 10.82 -45.02 -59.73
C LYS D 29 9.73 -46.00 -59.33
N ARG D 30 10.01 -47.28 -59.60
CA ARG D 30 9.08 -48.36 -59.32
C ARG D 30 9.56 -49.05 -58.06
N VAL D 31 8.69 -49.13 -57.06
CA VAL D 31 9.11 -49.46 -55.71
C VAL D 31 8.23 -50.51 -55.05
N ALA D 32 8.85 -51.57 -54.54
CA ALA D 32 8.16 -52.53 -53.69
C ALA D 32 8.51 -52.25 -52.25
N VAL D 33 7.50 -52.18 -51.39
CA VAL D 33 7.74 -52.07 -49.96
C VAL D 33 7.13 -53.31 -49.36
N ILE D 34 7.89 -54.02 -48.54
CA ILE D 34 7.42 -55.24 -47.88
C ILE D 34 7.35 -55.01 -46.37
N ASP D 35 6.20 -55.33 -45.77
CA ASP D 35 6.14 -55.41 -44.31
C ASP D 35 5.31 -56.57 -43.77
N VAL D 36 5.85 -57.16 -42.71
CA VAL D 36 5.30 -58.27 -41.95
C VAL D 36 3.78 -58.29 -41.80
N GLN D 37 3.20 -57.21 -41.29
CA GLN D 37 1.75 -57.08 -41.23
C GLN D 37 1.33 -55.65 -41.54
N MET D 38 0.04 -55.34 -41.47
CA MET D 38 -0.38 -54.00 -41.84
C MET D 38 -1.48 -53.35 -40.99
N VAL D 39 -1.44 -53.68 -39.72
CA VAL D 39 -2.09 -52.88 -38.70
C VAL D 39 -1.47 -53.30 -37.37
N HIS D 40 -1.23 -52.30 -36.52
CA HIS D 40 -0.47 -52.46 -35.28
C HIS D 40 -0.98 -53.61 -34.41
N GLY D 41 -0.12 -54.09 -33.52
CA GLY D 41 -0.56 -55.06 -32.54
C GLY D 41 -0.09 -56.47 -32.78
N PRO D 42 -0.38 -57.39 -31.86
CA PRO D 42 0.12 -58.77 -31.90
C PRO D 42 -0.40 -59.49 -33.12
N PRO D 43 0.47 -60.24 -33.83
CA PRO D 43 1.55 -61.00 -33.21
C PRO D 43 2.92 -60.36 -33.35
N PHE D 44 3.06 -59.45 -34.31
CA PHE D 44 4.36 -58.89 -34.64
C PHE D 44 4.50 -57.42 -34.26
N PHE D 45 3.41 -56.84 -33.77
CA PHE D 45 3.39 -55.54 -33.10
C PHE D 45 3.70 -54.33 -33.99
N SER D 46 4.81 -54.40 -34.72
CA SER D 46 5.07 -53.44 -35.78
C SER D 46 4.28 -53.81 -37.04
N ALA D 47 3.99 -52.80 -37.85
CA ALA D 47 3.19 -52.98 -39.04
C ALA D 47 3.49 -51.79 -39.94
N LEU D 48 2.75 -51.65 -41.04
CA LEU D 48 2.83 -50.47 -41.90
C LEU D 48 3.03 -49.20 -41.08
N GLY D 49 4.16 -48.55 -41.27
CA GLY D 49 4.46 -47.35 -40.51
C GLY D 49 5.68 -47.52 -39.62
N GLY D 50 6.03 -48.76 -39.34
CA GLY D 50 7.22 -49.06 -38.58
C GLY D 50 7.00 -49.00 -37.09
N THR D 51 8.11 -48.99 -36.35
CA THR D 51 8.09 -49.10 -34.90
C THR D 51 7.66 -47.78 -34.23
N CYS D 52 7.99 -46.65 -34.84
CA CYS D 52 7.66 -45.37 -34.24
C CYS D 52 6.15 -45.16 -34.16
N VAL D 53 5.43 -45.61 -35.18
CA VAL D 53 4.00 -45.38 -35.27
C VAL D 53 3.20 -46.38 -34.45
N ASN D 54 3.67 -47.64 -34.43
CA ASN D 54 2.85 -48.73 -33.91
C ASN D 54 3.14 -49.07 -32.44
N VAL D 55 4.42 -49.24 -32.12
CA VAL D 55 4.85 -49.61 -30.78
C VAL D 55 6.05 -48.75 -30.35
N GLY D 56 5.97 -47.46 -30.68
CA GLY D 56 7.09 -46.57 -30.47
C GLY D 56 6.68 -45.17 -30.07
N CYS D 57 7.19 -44.15 -30.75
CA CYS D 57 6.97 -42.75 -30.38
C CYS D 57 5.50 -42.35 -30.25
N VAL D 58 4.76 -42.51 -31.34
CA VAL D 58 3.41 -42.01 -31.42
C VAL D 58 2.51 -42.53 -30.28
N PRO D 59 2.55 -43.84 -29.99
CA PRO D 59 1.73 -44.29 -28.86
C PRO D 59 2.25 -43.96 -27.47
N LYS D 60 3.58 -43.86 -27.29
CA LYS D 60 4.11 -43.57 -25.95
C LYS D 60 3.91 -42.13 -25.55
N LYS D 61 3.89 -41.21 -26.51
CA LYS D 61 3.72 -39.80 -26.20
C LYS D 61 2.28 -39.48 -25.88
N LEU D 62 1.36 -40.24 -26.46
CA LEU D 62 -0.05 -40.19 -26.08
C LEU D 62 -0.18 -40.72 -24.66
N MET D 63 0.66 -41.69 -24.32
CA MET D 63 0.56 -42.38 -23.05
C MET D 63 1.27 -41.63 -21.95
N VAL D 64 2.34 -40.95 -22.32
CA VAL D 64 3.04 -40.04 -21.42
C VAL D 64 2.18 -38.79 -21.19
N THR D 65 1.57 -38.30 -22.26
CA THR D 65 0.68 -37.14 -22.16
C THR D 65 -0.47 -37.44 -21.22
N GLY D 66 -0.95 -38.67 -21.27
CA GLY D 66 -2.00 -39.07 -20.35
C GLY D 66 -1.50 -39.17 -18.92
N ALA D 67 -0.27 -39.66 -18.75
CA ALA D 67 0.31 -39.84 -17.43
C ALA D 67 0.63 -38.51 -16.79
N GLN D 68 0.84 -37.50 -17.63
CA GLN D 68 1.12 -36.16 -17.16
C GLN D 68 -0.09 -35.52 -16.50
N TYR D 69 -1.28 -35.91 -16.93
CA TYR D 69 -2.49 -35.28 -16.40
C TYR D 69 -2.66 -35.53 -14.92
N MET D 70 -1.91 -36.46 -14.38
CA MET D 70 -1.97 -36.72 -12.95
C MET D 70 -1.20 -35.67 -12.17
N GLU D 71 -0.16 -35.13 -12.79
CA GLU D 71 0.55 -33.99 -12.26
C GLU D 71 -0.40 -32.80 -12.33
N HIS D 72 -1.00 -32.58 -13.51
CA HIS D 72 -1.84 -31.40 -13.69
C HIS D 72 -3.01 -31.38 -12.72
N LEU D 73 -3.62 -32.54 -12.51
CA LEU D 73 -4.74 -32.60 -11.57
C LEU D 73 -4.27 -32.37 -10.14
N ARG D 74 -3.02 -32.75 -9.84
CA ARG D 74 -2.46 -32.54 -8.52
C ARG D 74 -2.15 -31.07 -8.30
N GLU D 75 -1.17 -30.55 -9.03
CA GLU D 75 -0.71 -29.20 -8.77
C GLU D 75 -1.72 -28.15 -9.15
N SER D 76 -2.84 -28.59 -9.74
CA SER D 76 -3.93 -27.69 -10.10
C SER D 76 -4.52 -27.04 -8.87
N ALA D 77 -4.51 -27.78 -7.75
CA ALA D 77 -5.17 -27.37 -6.53
C ALA D 77 -4.57 -26.13 -5.92
N GLY D 78 -3.27 -25.94 -6.17
CA GLY D 78 -2.55 -24.80 -5.62
C GLY D 78 -2.93 -23.47 -6.24
N PHE D 79 -3.48 -23.52 -7.45
CA PHE D 79 -3.92 -22.32 -8.13
C PHE D 79 -5.42 -22.13 -7.98
N GLY D 80 -5.99 -22.72 -6.93
CA GLY D 80 -7.39 -22.47 -6.63
C GLY D 80 -8.35 -23.55 -7.10
N TRP D 81 -7.89 -24.48 -7.93
CA TRP D 81 -8.77 -25.47 -8.53
C TRP D 81 -9.11 -26.63 -7.61
N GLU D 82 -10.36 -26.67 -7.18
CA GLU D 82 -10.81 -27.69 -6.27
C GLU D 82 -11.89 -28.59 -6.83
N PHE D 83 -11.83 -29.85 -6.41
CA PHE D 83 -12.84 -30.84 -6.73
C PHE D 83 -12.66 -32.02 -5.77
N ASP D 84 -13.70 -32.82 -5.62
CA ASP D 84 -13.62 -34.08 -4.88
C ASP D 84 -12.49 -34.97 -5.35
N ARG D 85 -11.29 -34.76 -4.83
CA ARG D 85 -10.14 -35.52 -5.28
C ARG D 85 -10.20 -36.98 -4.78
N THR D 86 -11.20 -37.26 -3.94
CA THR D 86 -11.51 -38.62 -3.50
C THR D 86 -12.08 -39.38 -4.70
N THR D 87 -12.78 -38.62 -5.51
CA THR D 87 -13.53 -39.10 -6.64
C THR D 87 -12.60 -39.43 -7.84
N LEU D 88 -11.38 -38.90 -7.80
CA LEU D 88 -10.50 -38.84 -8.97
C LEU D 88 -9.74 -40.11 -9.25
N ARG D 89 -10.12 -40.81 -10.33
CA ARG D 89 -9.43 -42.04 -10.75
C ARG D 89 -9.11 -42.12 -12.24
N ALA D 90 -8.05 -42.87 -12.55
CA ALA D 90 -7.51 -42.97 -13.91
C ALA D 90 -7.99 -44.23 -14.61
N GLU D 91 -8.47 -44.05 -15.84
CA GLU D 91 -9.10 -45.14 -16.60
C GLU D 91 -8.18 -45.66 -17.71
N TRP D 92 -7.29 -46.58 -17.36
CA TRP D 92 -6.30 -47.11 -18.29
C TRP D 92 -6.95 -47.62 -19.57
N LYS D 93 -8.06 -48.34 -19.43
CA LYS D 93 -8.75 -48.90 -20.59
C LYS D 93 -9.07 -47.84 -21.62
N LYS D 94 -9.48 -46.66 -21.17
CA LYS D 94 -9.80 -45.57 -22.08
C LYS D 94 -8.54 -45.09 -22.80
N LEU D 95 -7.44 -45.01 -22.07
CA LEU D 95 -6.19 -44.53 -22.65
C LEU D 95 -5.74 -45.38 -23.84
N ILE D 96 -5.53 -46.67 -23.59
CA ILE D 96 -5.04 -47.58 -24.63
C ILE D 96 -6.10 -47.78 -25.70
N ALA D 97 -7.35 -47.44 -25.38
CA ALA D 97 -8.45 -47.53 -26.33
C ALA D 97 -8.38 -46.43 -27.38
N VAL D 98 -8.07 -45.21 -26.95
CA VAL D 98 -7.92 -44.09 -27.87
C VAL D 98 -6.59 -44.16 -28.61
N LYS D 99 -5.61 -44.81 -27.97
CA LYS D 99 -4.29 -45.03 -28.55
C LYS D 99 -4.44 -45.92 -29.78
N ASP D 100 -5.12 -47.04 -29.59
CA ASP D 100 -5.28 -48.03 -30.65
C ASP D 100 -5.96 -47.42 -31.85
N GLU D 101 -6.90 -46.51 -31.58
CA GLU D 101 -7.61 -45.76 -32.60
C GLU D 101 -6.66 -44.91 -33.41
N ALA D 102 -5.89 -44.07 -32.70
CA ALA D 102 -4.96 -43.14 -33.32
C ALA D 102 -3.94 -43.86 -34.18
N VAL D 103 -3.38 -44.93 -33.64
CA VAL D 103 -2.35 -45.69 -34.32
C VAL D 103 -2.92 -46.43 -35.52
N LEU D 104 -4.18 -46.85 -35.41
CA LEU D 104 -4.83 -47.58 -36.49
C LEU D 104 -5.01 -46.71 -37.72
N ASN D 105 -5.23 -45.42 -37.51
CA ASN D 105 -5.50 -44.54 -38.63
C ASN D 105 -4.24 -44.17 -39.37
N ILE D 106 -3.15 -44.02 -38.64
CA ILE D 106 -1.85 -43.84 -39.28
C ILE D 106 -1.64 -45.03 -40.21
N ASN D 107 -2.07 -46.20 -39.75
CA ASN D 107 -1.99 -47.43 -40.54
C ASN D 107 -2.87 -47.33 -41.78
N LYS D 108 -4.10 -46.84 -41.58
CA LYS D 108 -5.10 -46.80 -42.64
C LYS D 108 -4.70 -45.83 -43.74
N SER D 109 -4.08 -44.74 -43.34
CA SER D 109 -3.69 -43.69 -44.26
C SER D 109 -2.52 -44.13 -45.13
N TYR D 110 -1.61 -44.91 -44.56
CA TYR D 110 -0.52 -45.47 -45.34
C TYR D 110 -1.03 -46.42 -46.42
N GLU D 111 -2.11 -47.12 -46.12
CA GLU D 111 -2.83 -47.93 -47.10
C GLU D 111 -3.17 -47.11 -48.34
N GLU D 112 -3.96 -46.05 -48.17
CA GLU D 112 -4.25 -45.15 -49.28
C GLU D 112 -3.01 -44.70 -50.01
N MET D 113 -1.99 -44.26 -49.27
CA MET D 113 -0.76 -43.73 -49.85
C MET D 113 -0.22 -44.67 -50.95
N PHE D 114 -0.26 -45.97 -50.66
CA PHE D 114 0.13 -47.01 -51.62
C PHE D 114 -0.95 -47.17 -52.69
N ARG D 115 -2.18 -47.04 -52.24
CA ARG D 115 -3.39 -47.33 -53.02
C ARG D 115 -3.76 -46.11 -53.87
N ASP D 116 -2.85 -45.16 -54.00
CA ASP D 116 -3.11 -43.91 -54.69
C ASP D 116 -1.87 -43.36 -55.41
N THR D 117 -0.78 -44.12 -55.37
CA THR D 117 0.48 -43.68 -55.96
C THR D 117 1.06 -44.75 -56.91
N GLU D 118 1.45 -44.30 -58.10
CA GLU D 118 2.24 -45.11 -59.03
C GLU D 118 3.56 -45.58 -58.40
N GLY D 119 4.08 -46.71 -58.84
CA GLY D 119 5.39 -47.12 -58.39
C GLY D 119 5.38 -47.75 -57.01
N LEU D 120 4.76 -47.09 -56.04
CA LEU D 120 4.60 -47.63 -54.69
C LEU D 120 3.65 -48.81 -54.70
N GLU D 121 4.17 -49.98 -54.33
CA GLU D 121 3.33 -51.12 -53.98
C GLU D 121 3.85 -51.94 -52.80
N PHE D 122 2.91 -52.43 -52.01
CA PHE D 122 3.18 -53.04 -50.72
C PHE D 122 2.94 -54.54 -50.80
N PHE D 123 3.91 -55.33 -50.38
CA PHE D 123 3.71 -56.76 -50.26
C PHE D 123 3.71 -57.15 -48.78
N LEU D 124 2.64 -57.80 -48.35
CA LEU D 124 2.53 -58.26 -46.98
C LEU D 124 3.29 -59.57 -46.84
N GLY D 125 4.31 -59.58 -45.99
CA GLY D 125 5.07 -60.79 -45.78
C GLY D 125 6.40 -60.54 -45.12
N TRP D 126 7.26 -61.55 -45.15
CA TRP D 126 8.60 -61.43 -44.57
C TRP D 126 9.69 -61.43 -45.64
N GLY D 127 10.38 -60.30 -45.76
CA GLY D 127 11.39 -60.14 -46.80
C GLY D 127 12.69 -60.87 -46.53
N SER D 128 13.14 -61.63 -47.53
CA SER D 128 14.35 -62.41 -47.41
C SER D 128 15.20 -62.12 -48.62
N LEU D 129 16.50 -62.03 -48.41
CA LEU D 129 17.46 -61.86 -49.51
C LEU D 129 17.70 -63.23 -50.11
N GLU D 130 17.37 -63.39 -51.39
CA GLU D 130 17.74 -64.61 -52.09
C GLU D 130 19.05 -64.45 -52.83
N SER D 131 19.28 -63.24 -53.36
CA SER D 131 20.52 -62.95 -54.06
C SER D 131 20.90 -61.49 -53.96
N LYS D 132 21.94 -61.11 -54.70
CA LYS D 132 22.32 -59.73 -54.89
C LYS D 132 21.15 -58.86 -55.38
N ASN D 133 20.22 -59.46 -56.12
CA ASN D 133 18.98 -58.76 -56.48
C ASN D 133 17.78 -59.59 -56.93
N VAL D 134 17.46 -60.58 -56.13
CA VAL D 134 16.09 -61.07 -56.02
C VAL D 134 15.79 -61.20 -54.51
N VAL D 135 14.59 -60.79 -54.12
CA VAL D 135 14.17 -60.84 -52.73
C VAL D 135 12.79 -61.50 -52.65
N ASN D 136 12.67 -62.49 -51.79
CA ASN D 136 11.42 -63.26 -51.66
C ASN D 136 10.52 -62.60 -50.63
N VAL D 137 9.25 -62.44 -50.97
CA VAL D 137 8.23 -62.23 -49.96
C VAL D 137 7.77 -63.62 -49.57
N ARG D 138 8.30 -64.12 -48.48
CA ARG D 138 7.94 -65.43 -47.97
C ARG D 138 6.73 -65.29 -47.05
N GLU D 139 6.20 -66.41 -46.56
CA GLU D 139 4.98 -66.36 -45.76
C GLU D 139 5.25 -66.36 -44.24
N SER D 140 6.50 -66.59 -43.85
CA SER D 140 6.86 -66.46 -42.44
C SER D 140 8.32 -66.09 -42.24
N ALA D 141 8.72 -65.95 -40.98
CA ALA D 141 10.11 -65.67 -40.65
C ALA D 141 10.98 -66.81 -41.13
N ASP D 142 10.54 -68.03 -40.83
CA ASP D 142 11.23 -69.25 -41.24
C ASP D 142 11.34 -69.37 -42.76
N PRO D 143 12.59 -69.39 -43.26
CA PRO D 143 12.88 -69.34 -44.69
C PRO D 143 12.50 -70.67 -45.38
N ALA D 144 11.97 -71.59 -44.59
CA ALA D 144 11.37 -72.79 -45.14
C ALA D 144 9.94 -72.50 -45.58
N SER D 145 9.28 -71.61 -44.85
CA SER D 145 7.88 -71.27 -45.14
C SER D 145 7.66 -70.88 -46.60
N ALA D 146 6.41 -70.95 -47.04
CA ALA D 146 6.06 -70.76 -48.44
C ALA D 146 6.47 -69.39 -48.97
N VAL D 147 7.23 -69.38 -50.06
CA VAL D 147 7.45 -68.16 -50.83
C VAL D 147 6.12 -67.79 -51.47
N LYS D 148 5.78 -66.52 -51.38
CA LYS D 148 4.54 -66.02 -51.96
C LYS D 148 4.79 -64.82 -52.85
N GLU D 149 6.04 -64.71 -53.30
CA GLU D 149 6.49 -63.67 -54.22
C GLU D 149 8.00 -63.70 -54.27
N ARG D 150 8.56 -63.52 -55.47
CA ARG D 150 9.97 -63.21 -55.62
C ARG D 150 10.01 -61.90 -56.38
N LEU D 151 10.56 -60.86 -55.77
CA LEU D 151 10.76 -59.59 -56.47
C LEU D 151 12.16 -59.53 -57.04
N GLU D 152 12.25 -59.47 -58.38
CA GLU D 152 13.50 -59.11 -59.04
C GLU D 152 13.61 -57.60 -59.00
N THR D 153 14.84 -57.09 -58.86
CA THR D 153 15.02 -55.65 -58.69
C THR D 153 16.45 -55.25 -59.00
N GLU D 154 16.65 -53.95 -59.22
CA GLU D 154 17.98 -53.43 -59.48
C GLU D 154 18.63 -52.84 -58.22
N ASN D 155 17.83 -52.49 -57.21
CA ASN D 155 18.35 -52.09 -55.91
C ASN D 155 17.56 -52.70 -54.78
N ILE D 156 18.21 -52.86 -53.65
CA ILE D 156 17.54 -53.30 -52.43
C ILE D 156 17.91 -52.39 -51.28
N LEU D 157 16.90 -51.96 -50.51
CA LEU D 157 17.14 -51.17 -49.30
C LEU D 157 16.68 -51.94 -48.08
N LEU D 158 17.62 -52.21 -47.18
CA LEU D 158 17.36 -52.94 -45.95
C LEU D 158 17.03 -51.96 -44.83
N ALA D 159 15.75 -51.88 -44.48
CA ALA D 159 15.26 -51.01 -43.40
C ALA D 159 14.38 -51.80 -42.42
N SER D 160 14.93 -52.88 -41.88
CA SER D 160 14.19 -53.81 -41.04
C SER D 160 14.08 -53.34 -39.57
N GLY D 161 14.78 -52.25 -39.24
CA GLY D 161 14.68 -51.70 -37.90
C GLY D 161 15.43 -52.49 -36.83
N SER D 162 14.81 -52.65 -35.66
CA SER D 162 15.46 -53.29 -34.51
C SER D 162 14.40 -53.84 -33.56
N TRP D 163 14.72 -54.93 -32.87
CA TRP D 163 13.79 -55.50 -31.90
C TRP D 163 14.25 -55.35 -30.48
N PRO D 164 13.31 -55.43 -29.51
CA PRO D 164 13.70 -55.51 -28.11
C PRO D 164 14.71 -56.62 -27.86
N HIS D 165 15.63 -56.36 -26.94
CA HIS D 165 16.62 -57.36 -26.58
C HIS D 165 16.27 -57.93 -25.21
N MET D 166 16.14 -59.25 -25.17
CA MET D 166 15.86 -59.96 -23.92
C MET D 166 17.11 -60.63 -23.41
N PRO D 167 17.32 -60.58 -22.09
CA PRO D 167 18.39 -61.32 -21.46
C PRO D 167 18.12 -62.82 -21.51
N ASN D 168 19.15 -63.61 -21.28
CA ASN D 168 18.99 -65.06 -21.12
C ASN D 168 18.92 -65.47 -19.66
N ILE D 169 17.69 -65.55 -19.18
CA ILE D 169 17.41 -65.67 -17.76
C ILE D 169 16.44 -66.83 -17.58
N PRO D 170 16.65 -67.65 -16.54
CA PRO D 170 15.61 -68.48 -15.93
C PRO D 170 14.26 -67.78 -15.80
N GLY D 171 13.35 -68.07 -16.72
CA GLY D 171 12.01 -67.56 -16.61
C GLY D 171 11.77 -66.29 -17.39
N ILE D 172 12.68 -66.00 -18.33
CA ILE D 172 12.53 -64.85 -19.21
C ILE D 172 11.19 -64.93 -19.92
N GLU D 173 10.64 -66.13 -20.01
CA GLU D 173 9.35 -66.34 -20.62
C GLU D 173 8.25 -65.52 -19.99
N HIS D 174 8.37 -65.26 -18.69
CA HIS D 174 7.29 -64.60 -17.96
C HIS D 174 7.42 -63.07 -17.96
N CYS D 175 8.41 -62.56 -18.69
CA CYS D 175 8.58 -61.12 -18.84
C CYS D 175 8.00 -60.62 -20.16
N ILE D 176 7.71 -59.32 -20.22
CA ILE D 176 7.20 -58.70 -21.43
C ILE D 176 8.26 -57.74 -22.00
N SER D 177 7.85 -56.86 -22.91
CA SER D 177 8.75 -55.92 -23.57
C SER D 177 8.09 -54.54 -23.68
N SER D 178 8.69 -53.62 -24.42
CA SER D 178 8.02 -52.38 -24.80
C SER D 178 6.73 -52.75 -25.52
N ASN D 179 6.88 -53.61 -26.52
CA ASN D 179 5.81 -54.05 -27.40
C ASN D 179 4.53 -54.50 -26.70
N GLU D 180 4.64 -55.45 -25.79
CA GLU D 180 3.44 -55.97 -25.13
C GLU D 180 2.87 -54.98 -24.12
N ALA D 181 3.71 -54.07 -23.63
CA ALA D 181 3.27 -53.07 -22.66
C ALA D 181 2.20 -52.16 -23.25
N PHE D 182 2.22 -51.99 -24.57
CA PHE D 182 1.28 -51.09 -25.23
C PHE D 182 -0.09 -51.73 -25.38
N TYR D 183 -0.20 -52.99 -25.06
CA TYR D 183 -1.44 -53.72 -25.27
C TYR D 183 -2.00 -54.36 -24.01
N LEU D 184 -1.43 -54.02 -22.85
CA LEU D 184 -1.90 -54.55 -21.58
C LEU D 184 -3.39 -54.32 -21.40
N PRO D 185 -4.13 -55.38 -21.04
CA PRO D 185 -5.57 -55.28 -20.78
C PRO D 185 -5.88 -54.29 -19.67
N GLU D 186 -4.92 -54.14 -18.77
CA GLU D 186 -5.05 -53.31 -17.59
C GLU D 186 -3.67 -53.02 -17.00
N PRO D 187 -3.55 -51.95 -16.19
CA PRO D 187 -2.29 -51.54 -15.56
C PRO D 187 -1.86 -52.47 -14.44
N PRO D 188 -0.59 -52.87 -14.44
CA PRO D 188 -0.01 -53.71 -13.38
C PRO D 188 -0.03 -53.00 -12.02
N ARG D 189 -0.15 -53.77 -10.94
CA ARG D 189 -0.10 -53.20 -9.61
C ARG D 189 1.35 -53.07 -9.14
N ARG D 190 2.07 -54.19 -9.14
CA ARG D 190 3.51 -54.19 -8.93
C ARG D 190 4.22 -54.40 -10.25
N VAL D 191 5.05 -53.44 -10.66
CA VAL D 191 5.79 -53.53 -11.91
C VAL D 191 7.28 -53.47 -11.65
N LEU D 192 8.05 -54.15 -12.47
CA LEU D 192 9.50 -54.00 -12.46
C LEU D 192 9.91 -53.73 -13.89
N THR D 193 10.30 -52.51 -14.19
CA THR D 193 10.88 -52.23 -15.50
C THR D 193 12.38 -52.42 -15.37
N VAL D 194 12.87 -53.48 -15.99
CA VAL D 194 14.29 -53.78 -15.96
C VAL D 194 14.95 -52.95 -17.04
N GLY D 195 16.01 -52.25 -16.66
CA GLY D 195 16.77 -51.48 -17.63
C GLY D 195 17.05 -50.09 -17.14
N GLY D 196 18.04 -49.43 -17.73
CA GLY D 196 18.45 -48.14 -17.20
C GLY D 196 18.53 -47.03 -18.22
N GLY D 197 17.37 -46.55 -18.66
CA GLY D 197 17.34 -45.43 -19.57
C GLY D 197 16.21 -45.43 -20.58
N PHE D 198 15.67 -44.24 -20.85
CA PHE D 198 14.82 -43.97 -22.01
C PHE D 198 13.55 -44.81 -21.85
N ILE D 199 13.43 -45.89 -22.64
CA ILE D 199 12.23 -46.72 -22.63
C ILE D 199 11.84 -47.21 -21.25
N SER D 200 12.81 -47.66 -20.46
CA SER D 200 12.51 -48.12 -19.11
C SER D 200 11.94 -47.00 -18.26
N VAL D 201 12.62 -45.84 -18.25
CA VAL D 201 12.23 -44.75 -17.36
C VAL D 201 11.03 -43.99 -17.89
N GLU D 202 10.79 -44.10 -19.19
CA GLU D 202 9.61 -43.47 -19.79
C GLU D 202 8.39 -44.27 -19.40
N PHE D 203 8.53 -45.60 -19.42
CA PHE D 203 7.42 -46.49 -19.09
C PHE D 203 7.18 -46.57 -17.60
N ALA D 204 8.23 -46.29 -16.82
CA ALA D 204 8.07 -46.19 -15.37
C ALA D 204 7.15 -45.01 -15.05
N GLY D 205 7.24 -43.95 -15.85
CA GLY D 205 6.33 -42.83 -15.72
C GLY D 205 4.89 -43.22 -15.96
N ILE D 206 4.64 -43.93 -17.05
CA ILE D 206 3.29 -44.25 -17.50
C ILE D 206 2.61 -45.21 -16.55
N PHE D 207 3.36 -46.23 -16.13
CA PHE D 207 2.86 -47.24 -15.21
C PHE D 207 2.55 -46.61 -13.87
N ASN D 208 3.36 -45.64 -13.46
CA ASN D 208 3.20 -44.96 -12.18
C ASN D 208 1.87 -44.24 -12.08
N ALA D 209 1.50 -43.53 -13.14
CA ALA D 209 0.29 -42.71 -13.16
C ALA D 209 -1.01 -43.50 -13.22
N TYR D 210 -1.00 -44.62 -13.94
CA TYR D 210 -2.21 -45.40 -14.11
C TYR D 210 -2.31 -46.63 -13.20
N LYS D 211 -1.40 -46.72 -12.23
CA LYS D 211 -1.39 -47.82 -11.25
C LYS D 211 -2.54 -47.73 -10.25
N PRO D 212 -2.75 -48.78 -9.43
CA PRO D 212 -3.95 -48.83 -8.59
C PRO D 212 -3.82 -48.32 -7.14
N LYS D 213 -3.09 -47.21 -6.94
CA LYS D 213 -3.05 -46.48 -5.63
C LYS D 213 -2.32 -47.21 -4.50
N ASP D 214 -2.61 -48.50 -4.36
CA ASP D 214 -1.75 -49.42 -3.63
C ASP D 214 -0.79 -50.13 -4.61
N GLY D 215 -0.79 -49.68 -5.87
CA GLY D 215 0.22 -50.14 -6.81
C GLY D 215 1.58 -49.52 -6.52
N GLN D 216 2.65 -50.18 -6.98
CA GLN D 216 4.01 -49.70 -6.76
C GLN D 216 4.97 -50.06 -7.90
N VAL D 217 5.69 -49.05 -8.39
CA VAL D 217 6.57 -49.18 -9.54
C VAL D 217 8.02 -49.24 -9.11
N THR D 218 8.78 -50.16 -9.68
CA THR D 218 10.17 -50.35 -9.30
C THR D 218 11.01 -50.43 -10.56
N LEU D 219 11.68 -49.33 -10.88
CA LEU D 219 12.67 -49.33 -11.95
C LEU D 219 13.95 -49.89 -11.38
N CYS D 220 14.54 -50.87 -12.05
CA CYS D 220 15.78 -51.43 -11.55
C CYS D 220 16.83 -51.38 -12.63
N TYR D 221 18.02 -50.95 -12.25
CA TYR D 221 19.13 -50.87 -13.18
C TYR D 221 20.37 -51.49 -12.55
N ARG D 222 21.04 -52.32 -13.33
CA ARG D 222 22.33 -52.88 -12.97
C ARG D 222 23.47 -51.87 -13.10
N GLY D 223 23.13 -50.58 -13.06
CA GLY D 223 24.16 -49.55 -13.14
C GLY D 223 24.36 -48.85 -11.81
N GLU D 224 25.13 -47.79 -11.81
CA GLU D 224 25.27 -46.96 -10.61
C GLU D 224 24.18 -45.89 -10.59
N MET D 225 23.71 -45.51 -11.79
CA MET D 225 22.73 -44.46 -11.96
C MET D 225 22.00 -44.65 -13.29
N ILE D 226 20.69 -44.44 -13.31
CA ILE D 226 19.89 -44.60 -14.55
C ILE D 226 20.33 -43.67 -15.67
N LEU D 227 19.74 -43.87 -16.85
CA LEU D 227 20.10 -43.09 -18.04
C LEU D 227 21.60 -43.02 -18.28
N ARG D 228 22.22 -44.19 -18.36
CA ARG D 228 23.57 -44.33 -18.89
C ARG D 228 23.71 -43.42 -20.11
N GLY D 229 24.73 -42.58 -20.09
CA GLY D 229 25.07 -41.80 -21.28
C GLY D 229 24.58 -40.35 -21.34
N PHE D 230 23.74 -39.96 -20.38
CA PHE D 230 23.22 -38.60 -20.30
C PHE D 230 24.05 -37.78 -19.33
N ASP D 231 23.94 -36.45 -19.44
CA ASP D 231 24.70 -35.55 -18.58
C ASP D 231 24.52 -35.87 -17.09
N HIS D 232 25.64 -35.86 -16.36
CA HIS D 232 25.62 -36.37 -15.00
C HIS D 232 24.62 -35.71 -14.04
N THR D 233 24.30 -34.44 -14.27
CA THR D 233 23.44 -33.69 -13.37
C THR D 233 21.99 -34.02 -13.66
N LEU D 234 21.69 -34.22 -14.93
CA LEU D 234 20.34 -34.59 -15.33
C LEU D 234 19.99 -35.96 -14.79
N ARG D 235 21.00 -36.80 -14.64
CA ARG D 235 20.77 -38.15 -14.17
C ARG D 235 20.48 -38.21 -12.70
N GLU D 236 21.24 -37.49 -11.88
CA GLU D 236 20.94 -37.49 -10.46
C GLU D 236 19.66 -36.76 -10.14
N GLU D 237 19.41 -35.65 -10.83
CA GLU D 237 18.18 -34.89 -10.60
C GLU D 237 16.91 -35.62 -11.02
N LEU D 238 16.96 -36.32 -12.15
CA LEU D 238 15.80 -37.09 -12.58
C LEU D 238 15.59 -38.28 -11.64
N THR D 239 16.69 -38.86 -11.17
CA THR D 239 16.62 -39.97 -10.24
C THR D 239 15.98 -39.53 -8.93
N LYS D 240 16.13 -38.25 -8.61
CA LYS D 240 15.55 -37.67 -7.40
C LYS D 240 14.07 -37.46 -7.54
N GLN D 241 13.68 -36.91 -8.69
CA GLN D 241 12.31 -36.46 -8.89
C GLN D 241 11.44 -37.62 -9.31
N LEU D 242 12.07 -38.71 -9.73
CA LEU D 242 11.36 -39.93 -10.01
C LEU D 242 11.00 -40.61 -8.69
N THR D 243 11.98 -40.74 -7.81
CA THR D 243 11.72 -41.26 -6.48
C THR D 243 10.85 -40.31 -5.66
N ALA D 244 10.92 -39.02 -5.97
CA ALA D 244 10.10 -38.02 -5.30
C ALA D 244 8.64 -38.28 -5.57
N ASN D 245 8.33 -38.72 -6.79
CA ASN D 245 6.95 -39.04 -7.14
C ASN D 245 6.60 -40.48 -6.80
N GLY D 246 7.59 -41.22 -6.30
CA GLY D 246 7.32 -42.51 -5.65
C GLY D 246 7.56 -43.75 -6.49
N ILE D 247 8.52 -43.68 -7.40
CA ILE D 247 8.90 -44.88 -8.13
C ILE D 247 10.23 -45.39 -7.56
N GLN D 248 10.24 -46.66 -7.15
CA GLN D 248 11.46 -47.28 -6.62
C GLN D 248 12.54 -47.32 -7.68
N ILE D 249 13.69 -46.75 -7.41
CA ILE D 249 14.81 -46.93 -8.31
C ILE D 249 15.95 -47.73 -7.67
N LEU D 250 16.03 -49.00 -8.08
CA LEU D 250 16.99 -49.97 -7.58
C LEU D 250 18.23 -50.03 -8.49
N THR D 251 19.31 -49.36 -8.09
CA THR D 251 20.57 -49.44 -8.82
C THR D 251 21.51 -50.52 -8.31
N LYS D 252 22.34 -51.03 -9.22
CA LYS D 252 23.19 -52.19 -8.97
C LYS D 252 22.35 -53.40 -8.53
N GLU D 253 21.19 -53.55 -9.14
CA GLU D 253 20.38 -54.75 -8.98
C GLU D 253 20.00 -55.25 -10.36
N ASN D 254 20.13 -56.56 -10.58
CA ASN D 254 19.81 -57.17 -11.88
C ASN D 254 19.13 -58.51 -11.68
N PRO D 255 17.98 -58.72 -12.35
CA PRO D 255 17.34 -60.03 -12.48
C PRO D 255 18.29 -61.17 -12.87
N ALA D 256 18.17 -62.26 -12.11
CA ALA D 256 18.89 -63.49 -12.36
C ALA D 256 17.91 -64.59 -12.77
N LYS D 257 16.72 -64.58 -12.18
CA LYS D 257 15.73 -65.61 -12.40
C LYS D 257 14.33 -65.13 -12.06
N VAL D 258 13.50 -65.02 -13.10
CA VAL D 258 12.07 -64.82 -12.94
C VAL D 258 11.38 -66.18 -12.89
N GLU D 259 10.86 -66.52 -11.71
CA GLU D 259 10.05 -67.71 -11.59
C GLU D 259 8.60 -67.32 -11.31
N LEU D 260 7.69 -67.93 -12.05
CA LEU D 260 6.27 -67.69 -11.85
C LEU D 260 5.82 -68.42 -10.60
N ASN D 261 5.43 -67.66 -9.58
CA ASN D 261 4.86 -68.28 -8.40
C ASN D 261 3.33 -68.15 -8.33
N ALA D 262 2.69 -69.32 -8.38
CA ALA D 262 1.32 -69.53 -7.90
C ALA D 262 0.24 -68.65 -8.54
N ASP D 263 -0.33 -67.77 -7.73
CA ASP D 263 -1.39 -66.83 -8.08
C ASP D 263 -1.24 -66.05 -9.39
N GLY D 264 -0.15 -66.27 -10.10
CA GLY D 264 0.14 -65.48 -11.29
C GLY D 264 1.26 -64.50 -10.96
N SER D 265 1.50 -64.28 -9.68
CA SER D 265 2.67 -63.54 -9.20
C SER D 265 3.95 -64.03 -9.84
N LYS D 266 4.97 -63.16 -9.83
CA LYS D 266 6.28 -63.57 -10.29
C LYS D 266 7.31 -63.22 -9.23
N SER D 267 8.16 -64.20 -8.91
CA SER D 267 9.25 -63.99 -7.96
C SER D 267 10.55 -63.76 -8.69
N VAL D 268 10.99 -62.52 -8.70
CA VAL D 268 12.24 -62.19 -9.35
C VAL D 268 13.32 -62.19 -8.31
N THR D 269 14.16 -63.21 -8.39
CA THR D 269 15.41 -63.19 -7.65
C THR D 269 16.46 -62.42 -8.45
N PHE D 270 17.03 -61.40 -7.82
CA PHE D 270 18.18 -60.69 -8.37
C PHE D 270 19.47 -61.44 -8.06
N GLU D 271 20.41 -61.40 -9.00
CA GLU D 271 21.74 -61.95 -8.79
C GLU D 271 22.37 -61.24 -7.60
N SER D 272 21.82 -60.07 -7.31
CA SER D 272 22.24 -59.25 -6.19
C SER D 272 21.61 -59.75 -4.88
N GLY D 273 21.51 -61.08 -4.74
CA GLY D 273 20.85 -61.68 -3.58
C GLY D 273 19.34 -61.52 -3.52
N LYS D 274 18.90 -60.26 -3.42
CA LYS D 274 17.50 -59.90 -3.22
C LYS D 274 16.49 -60.75 -4.00
N LYS D 275 15.35 -61.03 -3.38
CA LYS D 275 14.21 -61.56 -4.13
C LYS D 275 13.00 -60.65 -3.91
N MET D 276 12.20 -60.45 -4.95
CA MET D 276 11.05 -59.56 -4.91
C MET D 276 9.86 -60.15 -5.65
N ASP D 277 8.67 -59.64 -5.33
CA ASP D 277 7.44 -60.12 -5.95
C ASP D 277 6.80 -59.03 -6.81
N PHE D 278 6.45 -59.39 -8.04
CA PHE D 278 5.84 -58.44 -8.97
C PHE D 278 4.69 -59.08 -9.70
N ASP D 279 3.85 -58.23 -10.28
CA ASP D 279 2.76 -58.70 -11.11
C ASP D 279 3.15 -58.66 -12.58
N LEU D 280 4.13 -57.82 -12.88
CA LEU D 280 4.60 -57.66 -14.26
C LEU D 280 6.08 -57.30 -14.28
N VAL D 281 6.85 -58.07 -15.05
CA VAL D 281 8.24 -57.74 -15.31
C VAL D 281 8.39 -57.33 -16.77
N MET D 282 8.89 -56.12 -17.00
CA MET D 282 9.09 -55.66 -18.36
C MET D 282 10.60 -55.54 -18.61
N MET D 283 11.09 -56.24 -19.63
CA MET D 283 12.50 -56.14 -20.01
C MET D 283 12.74 -55.01 -21.00
N ALA D 284 13.62 -54.10 -20.61
CA ALA D 284 13.96 -52.97 -21.45
C ALA D 284 15.46 -52.79 -21.38
N ILE D 285 16.16 -53.91 -21.49
CA ILE D 285 17.62 -53.90 -21.34
C ILE D 285 18.33 -53.49 -22.63
N GLY D 286 17.63 -53.57 -23.76
CA GLY D 286 18.20 -53.11 -25.02
C GLY D 286 17.32 -53.28 -26.26
N ARG D 287 17.85 -52.79 -27.38
CA ARG D 287 17.29 -53.04 -28.72
C ARG D 287 18.42 -53.47 -29.64
N SER D 288 18.11 -54.36 -30.58
CA SER D 288 19.13 -54.91 -31.47
C SER D 288 18.61 -54.98 -32.90
N PRO D 289 19.46 -54.64 -33.89
CA PRO D 289 19.13 -54.68 -35.32
C PRO D 289 18.37 -55.93 -35.72
N ARG D 290 17.31 -55.77 -36.52
CA ARG D 290 16.54 -56.91 -37.00
C ARG D 290 17.21 -57.53 -38.21
N THR D 291 18.53 -57.61 -38.12
CA THR D 291 19.39 -58.29 -39.07
C THR D 291 18.93 -59.73 -39.22
N LYS D 292 18.76 -60.39 -38.08
CA LYS D 292 17.93 -61.60 -37.93
C LYS D 292 17.61 -62.45 -39.17
N ASP D 293 16.40 -62.29 -39.70
CA ASP D 293 15.84 -63.19 -40.72
C ASP D 293 15.88 -62.58 -42.13
N LEU D 294 16.91 -61.77 -42.38
CA LEU D 294 17.05 -61.10 -43.66
C LEU D 294 17.83 -61.91 -44.71
N GLN D 295 18.51 -62.97 -44.26
CA GLN D 295 19.31 -63.86 -45.12
C GLN D 295 20.46 -63.14 -45.80
N LEU D 296 21.16 -62.29 -45.05
CA LEU D 296 22.13 -61.37 -45.63
C LEU D 296 23.24 -62.09 -46.36
N GLN D 297 23.64 -63.24 -45.83
CA GLN D 297 24.66 -64.07 -46.46
C GLN D 297 24.30 -64.42 -47.89
N ASN D 298 23.01 -64.59 -48.17
CA ASN D 298 22.56 -64.91 -49.53
C ASN D 298 23.07 -63.91 -50.53
N ALA D 299 23.17 -62.65 -50.13
CA ALA D 299 23.74 -61.63 -51.00
C ALA D 299 25.19 -61.40 -50.65
N GLY D 300 25.55 -61.78 -49.43
CA GLY D 300 26.90 -61.57 -48.94
C GLY D 300 27.07 -60.22 -48.28
N VAL D 301 26.04 -59.79 -47.56
CA VAL D 301 26.06 -58.49 -46.87
C VAL D 301 26.74 -58.64 -45.52
N MET D 302 27.49 -57.62 -45.12
CA MET D 302 28.29 -57.71 -43.91
C MET D 302 27.68 -57.03 -42.72
N ILE D 303 27.64 -57.75 -41.61
CA ILE D 303 27.40 -57.15 -40.31
C ILE D 303 28.74 -56.68 -39.74
N LYS D 304 28.77 -55.47 -39.20
CA LYS D 304 29.91 -55.05 -38.40
C LYS D 304 29.72 -55.77 -37.08
N ASN D 305 28.74 -55.28 -36.34
CA ASN D 305 28.35 -55.89 -35.07
C ASN D 305 26.88 -55.57 -34.92
N GLY D 306 26.14 -56.55 -34.44
CA GLY D 306 24.68 -56.44 -34.43
C GLY D 306 24.05 -56.31 -35.81
N GLY D 307 24.17 -55.12 -36.39
CA GLY D 307 23.53 -54.83 -37.64
C GLY D 307 24.44 -54.62 -38.83
N VAL D 308 23.79 -54.44 -39.97
CA VAL D 308 24.42 -54.26 -41.27
C VAL D 308 25.42 -53.11 -41.22
N GLN D 309 26.67 -53.38 -41.58
CA GLN D 309 27.65 -52.29 -41.69
C GLN D 309 27.59 -51.59 -43.04
N VAL D 310 27.59 -50.26 -42.93
CA VAL D 310 27.15 -49.35 -43.98
C VAL D 310 28.00 -48.08 -43.85
N ASP D 311 28.40 -47.50 -44.98
CA ASP D 311 29.25 -46.30 -44.97
C ASP D 311 28.50 -44.98 -44.74
N GLU D 312 29.15 -43.87 -45.07
CA GLU D 312 28.54 -42.54 -44.86
C GLU D 312 27.34 -42.34 -45.76
N TYR D 313 27.48 -42.86 -46.97
CA TYR D 313 26.43 -42.79 -47.95
C TYR D 313 25.49 -43.98 -47.82
N SER D 314 25.65 -44.72 -46.72
CA SER D 314 24.72 -45.76 -46.30
C SER D 314 24.60 -46.92 -47.28
N ARG D 315 25.73 -47.44 -47.75
CA ARG D 315 25.70 -48.64 -48.56
C ARG D 315 26.65 -49.73 -48.10
N THR D 316 26.21 -50.97 -48.27
CA THR D 316 26.98 -52.13 -47.87
C THR D 316 28.05 -52.51 -48.88
N ASN D 317 28.84 -53.52 -48.51
CA ASN D 317 29.77 -54.18 -49.41
C ASN D 317 29.15 -54.52 -50.76
N VAL D 318 28.01 -55.21 -50.73
CA VAL D 318 27.26 -55.51 -51.95
C VAL D 318 26.77 -54.21 -52.55
N SER D 319 27.14 -53.99 -53.81
CA SER D 319 27.08 -52.67 -54.41
C SER D 319 25.69 -52.13 -54.81
N ASN D 320 24.68 -52.98 -54.85
CA ASN D 320 23.34 -52.50 -55.18
C ASN D 320 22.41 -52.63 -53.96
N ILE D 321 23.02 -52.81 -52.80
CA ILE D 321 22.29 -52.90 -51.55
C ILE D 321 22.73 -51.78 -50.59
N TYR D 322 21.75 -51.11 -49.98
CA TYR D 322 22.01 -50.03 -49.01
C TYR D 322 21.21 -50.30 -47.74
N ALA D 323 21.54 -49.65 -46.64
CA ALA D 323 20.78 -49.83 -45.41
C ALA D 323 20.69 -48.56 -44.57
N ILE D 324 19.56 -48.38 -43.89
CA ILE D 324 19.30 -47.17 -43.10
C ILE D 324 18.62 -47.47 -41.77
N GLY D 325 18.55 -46.45 -40.93
CA GLY D 325 17.84 -46.57 -39.66
C GLY D 325 18.53 -47.37 -38.58
N ASP D 326 17.79 -48.33 -38.04
CA ASP D 326 18.16 -48.98 -36.79
C ASP D 326 18.96 -50.24 -37.06
N VAL D 327 18.78 -50.77 -38.25
CA VAL D 327 19.50 -51.98 -38.63
C VAL D 327 20.96 -51.62 -38.96
N THR D 328 21.23 -50.34 -39.20
CA THR D 328 22.61 -49.85 -39.33
C THR D 328 23.26 -49.71 -37.97
N ASN D 329 22.44 -49.75 -36.91
CA ASN D 329 22.91 -49.55 -35.56
C ASN D 329 23.71 -48.24 -35.41
N ARG D 330 23.20 -47.19 -36.05
CA ARG D 330 23.84 -45.87 -36.00
C ARG D 330 23.19 -45.10 -34.86
N VAL D 331 22.49 -44.01 -35.17
CA VAL D 331 21.63 -43.38 -34.18
C VAL D 331 20.24 -43.99 -34.34
N MET D 332 19.69 -44.51 -33.23
CA MET D 332 18.38 -45.15 -33.26
C MET D 332 17.28 -44.17 -32.88
N LEU D 333 16.90 -43.34 -33.84
CA LEU D 333 15.95 -42.24 -33.65
C LEU D 333 15.19 -42.14 -34.96
N THR D 334 13.88 -41.88 -34.91
CA THR D 334 13.09 -41.82 -36.13
C THR D 334 13.61 -40.76 -37.10
N PRO D 335 13.77 -39.50 -36.65
CA PRO D 335 14.14 -38.44 -37.60
C PRO D 335 15.56 -38.51 -38.15
N VAL D 336 16.40 -39.33 -37.54
CA VAL D 336 17.71 -39.61 -38.11
C VAL D 336 17.54 -40.61 -39.24
N ALA D 337 16.64 -41.57 -39.05
CA ALA D 337 16.39 -42.61 -40.04
C ALA D 337 15.65 -42.08 -41.26
N ILE D 338 14.83 -41.07 -41.05
CA ILE D 338 14.12 -40.42 -42.13
C ILE D 338 15.10 -39.60 -42.95
N ASN D 339 16.13 -39.08 -42.30
CA ASN D 339 17.16 -38.30 -42.96
C ASN D 339 18.10 -39.19 -43.75
N GLU D 340 18.55 -40.26 -43.10
CA GLU D 340 19.33 -41.30 -43.74
C GLU D 340 18.62 -41.75 -45.03
N ALA D 341 17.32 -42.01 -44.90
CA ALA D 341 16.49 -42.43 -46.03
C ALA D 341 16.42 -41.37 -47.12
N ALA D 342 16.14 -40.13 -46.73
CA ALA D 342 15.96 -39.05 -47.69
C ALA D 342 17.21 -38.84 -48.54
N ALA D 343 18.36 -38.96 -47.89
CA ALA D 343 19.65 -38.70 -48.52
C ALA D 343 20.17 -39.87 -49.36
N LEU D 344 19.61 -41.06 -49.14
CA LEU D 344 19.98 -42.26 -49.90
C LEU D 344 19.50 -42.14 -51.33
N VAL D 345 18.20 -41.91 -51.49
CA VAL D 345 17.60 -41.75 -52.81
C VAL D 345 18.16 -40.51 -53.55
N ASP D 346 18.36 -39.42 -52.81
CA ASP D 346 18.99 -38.20 -53.34
C ASP D 346 20.40 -38.49 -53.83
N THR D 347 21.06 -39.46 -53.19
CA THR D 347 22.37 -39.92 -53.60
C THR D 347 22.29 -40.84 -54.81
N VAL D 348 21.43 -41.87 -54.75
CA VAL D 348 21.46 -42.93 -55.77
C VAL D 348 20.49 -42.77 -56.93
N PHE D 349 19.30 -42.23 -56.68
CA PHE D 349 18.41 -41.88 -57.78
C PHE D 349 18.55 -40.40 -58.17
N GLY D 350 19.40 -39.69 -57.43
CA GLY D 350 19.58 -38.28 -57.66
C GLY D 350 20.93 -37.88 -58.23
N THR D 351 21.12 -36.56 -58.35
CA THR D 351 22.34 -35.96 -58.88
C THR D 351 23.46 -35.91 -57.82
N ASN D 352 23.33 -34.94 -56.90
CA ASN D 352 24.14 -34.89 -55.68
C ASN D 352 24.17 -36.23 -54.95
N PRO D 353 25.33 -36.60 -54.40
CA PRO D 353 25.29 -37.35 -53.14
C PRO D 353 24.77 -36.51 -51.98
N ARG D 354 24.74 -37.12 -50.79
CA ARG D 354 24.08 -36.55 -49.62
C ARG D 354 24.31 -37.55 -48.49
N LYS D 355 24.89 -37.08 -47.40
CA LYS D 355 25.05 -37.93 -46.22
C LYS D 355 24.49 -37.25 -44.98
N THR D 356 23.97 -38.06 -44.06
CA THR D 356 23.32 -37.54 -42.87
C THR D 356 24.39 -37.14 -41.85
N ASP D 357 24.19 -35.98 -41.23
CA ASP D 357 25.09 -35.54 -40.19
C ASP D 357 24.61 -36.15 -38.88
N HIS D 358 25.34 -37.14 -38.41
CA HIS D 358 24.94 -37.83 -37.20
C HIS D 358 25.37 -37.12 -35.93
N THR D 359 26.01 -35.96 -36.10
CA THR D 359 26.47 -35.17 -34.96
C THR D 359 25.43 -34.11 -34.57
N ARG D 360 25.44 -33.76 -33.28
CA ARG D 360 24.68 -32.62 -32.75
C ARG D 360 23.18 -32.78 -32.97
N VAL D 361 22.71 -34.03 -32.90
CA VAL D 361 21.29 -34.34 -33.02
C VAL D 361 20.59 -34.18 -31.65
N ALA D 362 19.62 -33.28 -31.58
CA ALA D 362 18.88 -33.03 -30.35
C ALA D 362 17.89 -34.15 -30.11
N SER D 363 17.71 -34.53 -28.85
CA SER D 363 16.79 -35.59 -28.48
C SER D 363 16.17 -35.33 -27.12
N ALA D 364 15.21 -36.16 -26.75
CA ALA D 364 14.46 -35.96 -25.51
C ALA D 364 14.06 -37.28 -24.89
N VAL D 365 14.11 -37.35 -23.56
CA VAL D 365 13.48 -38.46 -22.82
C VAL D 365 12.19 -37.91 -22.22
N PHE D 366 11.07 -38.58 -22.48
CA PHE D 366 9.78 -38.11 -22.00
C PHE D 366 9.44 -38.73 -20.64
N SER D 367 10.38 -38.60 -19.72
CA SER D 367 10.14 -38.85 -18.31
C SER D 367 9.35 -37.67 -17.73
N ILE D 368 8.88 -37.83 -16.51
CA ILE D 368 8.21 -36.74 -15.82
C ILE D 368 9.00 -36.31 -14.59
N PRO D 369 9.73 -35.19 -14.70
CA PRO D 369 9.69 -34.30 -15.86
C PRO D 369 10.74 -34.70 -16.91
N PRO D 370 10.59 -34.19 -18.14
CA PRO D 370 11.36 -34.66 -19.30
C PRO D 370 12.80 -34.14 -19.38
N ILE D 371 13.53 -34.64 -20.36
CA ILE D 371 14.89 -34.20 -20.61
C ILE D 371 14.98 -33.86 -22.09
N GLY D 372 15.60 -32.74 -22.39
CA GLY D 372 15.93 -32.39 -23.76
C GLY D 372 17.42 -32.12 -23.79
N THR D 373 18.11 -32.64 -24.81
CA THR D 373 19.56 -32.64 -24.78
C THR D 373 20.12 -32.57 -26.18
N CYS D 374 21.26 -31.91 -26.33
CA CYS D 374 21.90 -31.75 -27.62
C CYS D 374 23.40 -31.46 -27.49
N GLY D 375 24.21 -32.17 -28.28
CA GLY D 375 25.64 -31.96 -28.23
C GLY D 375 26.34 -32.85 -27.21
N LEU D 376 27.56 -32.48 -26.84
CA LEU D 376 28.46 -33.32 -26.05
C LEU D 376 28.17 -33.26 -24.58
N ILE D 377 28.27 -34.39 -23.88
CA ILE D 377 28.27 -34.32 -22.41
C ILE D 377 29.65 -34.02 -21.91
N GLU D 378 29.66 -33.22 -20.84
CA GLU D 378 30.85 -32.85 -20.08
C GLU D 378 32.03 -33.82 -20.21
N GLU D 379 31.76 -35.08 -19.86
CA GLU D 379 32.79 -36.08 -19.64
C GLU D 379 33.50 -36.54 -20.92
N VAL D 380 32.98 -36.13 -22.08
CA VAL D 380 33.58 -36.50 -23.38
C VAL D 380 34.32 -35.31 -23.96
N ALA D 381 33.72 -34.14 -23.83
CA ALA D 381 34.30 -32.93 -24.36
C ALA D 381 35.62 -32.66 -23.65
N SER D 382 35.66 -33.00 -22.37
CA SER D 382 36.89 -32.85 -21.59
C SER D 382 38.03 -33.71 -22.12
N LYS D 383 37.69 -34.72 -22.92
CA LYS D 383 38.71 -35.56 -23.57
C LYS D 383 39.04 -35.03 -24.96
N ARG D 384 38.15 -34.23 -25.52
CA ARG D 384 38.34 -33.74 -26.88
C ARG D 384 38.95 -32.34 -26.93
N TYR D 385 38.72 -31.56 -25.88
CA TYR D 385 39.15 -30.16 -25.87
C TYR D 385 40.02 -29.88 -24.65
N GLU D 386 40.89 -28.87 -24.76
CA GLU D 386 41.92 -28.67 -23.75
C GLU D 386 41.39 -27.99 -22.48
N VAL D 387 40.63 -26.93 -22.67
CA VAL D 387 39.89 -26.35 -21.55
C VAL D 387 38.43 -26.16 -21.96
N VAL D 388 37.56 -26.70 -21.12
CA VAL D 388 36.10 -26.69 -21.31
C VAL D 388 35.51 -25.95 -20.12
N ALA D 389 34.47 -25.16 -20.37
CA ALA D 389 33.76 -24.44 -19.31
C ALA D 389 32.35 -25.00 -19.21
N VAL D 390 31.89 -25.27 -18.00
CA VAL D 390 30.56 -25.81 -17.80
C VAL D 390 29.71 -24.74 -17.12
N TYR D 391 28.58 -24.38 -17.75
CA TYR D 391 27.64 -23.42 -17.19
C TYR D 391 26.41 -24.16 -16.66
N LEU D 392 26.09 -23.97 -15.40
CA LEU D 392 25.06 -24.78 -14.74
C LEU D 392 24.09 -23.83 -14.05
N SER D 393 22.80 -24.10 -14.21
CA SER D 393 21.75 -23.31 -13.57
C SER D 393 20.62 -24.22 -13.09
N SER D 394 20.40 -24.28 -11.79
CA SER D 394 19.32 -25.10 -11.26
C SER D 394 18.45 -24.22 -10.38
N PHE D 395 17.14 -24.34 -10.51
CA PHE D 395 16.23 -23.57 -9.68
C PHE D 395 14.86 -24.24 -9.65
N THR D 396 14.18 -24.15 -8.51
CA THR D 396 12.77 -24.55 -8.45
C THR D 396 11.93 -23.39 -8.93
N PRO D 397 11.20 -23.58 -10.03
CA PRO D 397 10.38 -22.50 -10.58
C PRO D 397 9.30 -22.06 -9.60
N LEU D 398 9.04 -20.75 -9.60
CA LEU D 398 8.08 -20.12 -8.71
C LEU D 398 6.74 -20.84 -8.79
N MET D 399 6.32 -21.11 -10.02
CA MET D 399 5.06 -21.79 -10.24
C MET D 399 5.01 -23.14 -9.53
N HIS D 400 6.18 -23.68 -9.22
CA HIS D 400 6.27 -24.98 -8.57
C HIS D 400 6.52 -24.89 -7.09
N ASN D 401 6.82 -23.68 -6.61
CA ASN D 401 6.73 -23.45 -5.19
C ASN D 401 5.26 -23.40 -4.83
N ILE D 402 4.49 -22.67 -5.63
CA ILE D 402 3.07 -22.49 -5.34
C ILE D 402 2.21 -23.63 -5.84
N SER D 403 2.80 -24.53 -6.63
CA SER D 403 2.10 -25.73 -7.08
C SER D 403 2.22 -26.84 -6.05
N GLY D 404 3.38 -26.94 -5.43
CA GLY D 404 3.61 -27.92 -4.37
C GLY D 404 4.66 -28.96 -4.70
N SER D 405 5.07 -28.98 -5.96
CA SER D 405 6.13 -29.87 -6.41
C SER D 405 7.46 -29.14 -6.36
N LYS D 406 7.85 -28.72 -5.16
CA LYS D 406 9.10 -28.00 -4.95
C LYS D 406 10.27 -28.88 -5.36
N TYR D 407 10.05 -30.18 -5.39
CA TYR D 407 11.11 -31.10 -5.78
C TYR D 407 11.47 -30.98 -7.25
N LYS D 408 10.58 -30.35 -8.02
CA LYS D 408 10.74 -30.22 -9.46
C LYS D 408 11.73 -29.11 -9.83
N THR D 409 13.01 -29.47 -9.87
CA THR D 409 14.06 -28.53 -10.22
C THR D 409 14.25 -28.45 -11.73
N PHE D 410 14.59 -27.27 -12.23
CA PHE D 410 14.94 -27.08 -13.63
C PHE D 410 16.45 -26.97 -13.74
N VAL D 411 17.07 -27.89 -14.45
CA VAL D 411 18.50 -27.86 -14.68
C VAL D 411 18.78 -27.44 -16.11
N ALA D 412 19.63 -26.43 -16.28
CA ALA D 412 20.04 -25.97 -17.59
C ALA D 412 21.55 -25.88 -17.60
N LYS D 413 22.17 -26.68 -18.46
CA LYS D 413 23.62 -26.79 -18.49
C LYS D 413 24.12 -26.52 -19.88
N ILE D 414 25.19 -25.75 -19.99
CA ILE D 414 25.80 -25.41 -21.27
C ILE D 414 27.29 -25.67 -21.13
N ILE D 415 27.80 -26.66 -21.82
CA ILE D 415 29.22 -26.93 -21.76
C ILE D 415 29.89 -26.42 -23.04
N THR D 416 31.07 -25.84 -22.87
CA THR D 416 31.64 -24.95 -23.88
C THR D 416 33.10 -25.30 -24.15
N ASN D 417 33.53 -25.26 -25.41
CA ASN D 417 34.96 -25.26 -25.67
C ASN D 417 35.44 -23.89 -25.30
N HIS D 418 36.13 -23.78 -24.16
CA HIS D 418 36.41 -22.47 -23.57
C HIS D 418 37.37 -21.69 -24.44
N SER D 419 38.07 -22.40 -25.31
CA SER D 419 39.18 -21.83 -26.05
C SER D 419 38.72 -20.86 -27.13
N ASP D 420 37.42 -20.79 -27.35
CA ASP D 420 36.86 -19.95 -28.42
C ASP D 420 35.37 -19.73 -28.23
N GLY D 421 34.77 -20.55 -27.38
CA GLY D 421 33.44 -20.27 -26.90
C GLY D 421 32.33 -21.01 -27.61
N THR D 422 32.68 -21.88 -28.56
CA THR D 422 31.68 -22.66 -29.26
C THR D 422 30.95 -23.61 -28.32
N VAL D 423 29.63 -23.44 -28.25
CA VAL D 423 28.79 -24.28 -27.40
C VAL D 423 28.84 -25.71 -27.93
N LEU D 424 29.29 -26.65 -27.07
CA LEU D 424 29.45 -28.06 -27.43
C LEU D 424 28.22 -28.88 -27.12
N GLY D 425 27.54 -28.56 -26.02
CA GLY D 425 26.37 -29.32 -25.66
C GLY D 425 25.50 -28.54 -24.70
N VAL D 426 24.20 -28.58 -24.92
CA VAL D 426 23.23 -28.01 -24.00
C VAL D 426 22.42 -29.18 -23.44
N HIS D 427 22.07 -29.14 -22.17
CA HIS D 427 21.31 -30.21 -21.54
C HIS D 427 20.32 -29.62 -20.55
N LEU D 428 19.06 -29.98 -20.65
CA LEU D 428 18.08 -29.47 -19.71
C LEU D 428 17.13 -30.55 -19.25
N LEU D 429 16.76 -30.46 -17.98
CA LEU D 429 15.72 -31.31 -17.40
C LEU D 429 14.64 -30.40 -16.83
N GLY D 430 13.40 -30.74 -17.11
CA GLY D 430 12.29 -29.93 -16.63
C GLY D 430 11.15 -29.87 -17.63
N ASP D 431 9.98 -29.44 -17.18
CA ASP D 431 8.80 -29.39 -18.04
C ASP D 431 9.11 -28.52 -19.24
N ASN D 432 8.73 -29.00 -20.42
CA ASN D 432 8.97 -28.32 -21.70
C ASN D 432 10.39 -28.44 -22.21
N ALA D 433 11.20 -29.29 -21.58
CA ALA D 433 12.55 -29.52 -22.03
C ALA D 433 12.67 -29.89 -23.52
N PRO D 434 11.83 -30.83 -24.01
CA PRO D 434 11.94 -31.26 -25.41
C PRO D 434 11.64 -30.19 -26.45
N GLU D 435 10.67 -29.33 -26.15
CA GLU D 435 10.30 -28.22 -27.03
C GLU D 435 11.41 -27.19 -27.08
N ILE D 436 11.98 -26.89 -25.91
CA ILE D 436 13.04 -25.90 -25.78
C ILE D 436 14.28 -26.33 -26.57
N ILE D 437 14.64 -27.61 -26.48
CA ILE D 437 15.86 -28.10 -27.09
C ILE D 437 15.90 -28.04 -28.62
N GLN D 438 14.75 -27.91 -29.27
CA GLN D 438 14.73 -27.92 -30.74
C GLN D 438 15.41 -26.72 -31.35
N GLY D 439 15.12 -25.54 -30.81
CA GLY D 439 15.80 -24.35 -31.28
C GLY D 439 17.28 -24.42 -31.00
N VAL D 440 17.65 -25.10 -29.93
CA VAL D 440 19.04 -25.20 -29.51
C VAL D 440 19.82 -26.14 -30.44
N GLY D 441 19.11 -27.06 -31.08
CA GLY D 441 19.73 -27.90 -32.09
C GLY D 441 20.09 -27.16 -33.36
N ILE D 442 19.27 -26.19 -33.73
CA ILE D 442 19.54 -25.35 -34.90
C ILE D 442 20.72 -24.46 -34.59
N CYS D 443 20.76 -23.92 -33.37
CA CYS D 443 21.86 -23.10 -32.90
C CYS D 443 23.20 -23.83 -33.02
N LEU D 444 23.25 -25.04 -32.48
CA LEU D 444 24.45 -25.85 -32.47
C LEU D 444 24.94 -26.20 -33.88
N LYS D 445 24.02 -26.37 -34.83
CA LYS D 445 24.45 -26.57 -36.20
C LYS D 445 24.74 -25.26 -36.95
N LEU D 446 24.50 -24.13 -36.28
CA LEU D 446 24.98 -22.84 -36.76
C LEU D 446 26.32 -22.48 -36.12
N ASN D 447 26.77 -23.30 -35.18
CA ASN D 447 28.01 -23.09 -34.44
C ASN D 447 27.93 -21.88 -33.54
N ALA D 448 26.90 -21.85 -32.70
CA ALA D 448 26.70 -20.75 -31.78
C ALA D 448 27.84 -20.70 -30.76
N LYS D 449 28.24 -19.48 -30.42
CA LYS D 449 29.13 -19.26 -29.30
C LYS D 449 28.28 -19.03 -28.05
N ILE D 450 28.87 -19.20 -26.88
CA ILE D 450 28.14 -18.91 -25.64
C ILE D 450 27.76 -17.44 -25.62
N SER D 451 28.59 -16.60 -26.25
CA SER D 451 28.37 -15.16 -26.23
C SER D 451 27.03 -14.82 -26.88
N ASP D 452 26.77 -15.38 -28.06
CA ASP D 452 25.52 -15.11 -28.74
C ASP D 452 24.38 -16.02 -28.28
N PHE D 453 24.62 -16.73 -27.19
CA PHE D 453 23.52 -17.20 -26.36
C PHE D 453 23.14 -16.12 -25.39
N TYR D 454 24.06 -15.72 -24.49
CA TYR D 454 23.71 -14.74 -23.47
C TYR D 454 23.47 -13.34 -24.02
N ASN D 455 23.79 -13.14 -25.29
CA ASN D 455 23.56 -11.86 -25.93
C ASN D 455 22.18 -11.70 -26.56
N THR D 456 21.40 -12.78 -26.56
CA THR D 456 20.02 -12.73 -27.04
C THR D 456 19.08 -12.29 -25.91
N ILE D 457 18.12 -11.43 -26.27
CA ILE D 457 17.16 -10.93 -25.30
C ILE D 457 16.15 -12.02 -24.97
N GLY D 458 15.94 -12.25 -23.68
CA GLY D 458 15.11 -13.36 -23.25
C GLY D 458 13.63 -13.14 -23.46
N VAL D 459 12.87 -14.23 -23.44
CA VAL D 459 11.42 -14.17 -23.50
C VAL D 459 10.89 -14.41 -22.09
N HIS D 460 10.38 -13.35 -21.46
CA HIS D 460 10.03 -13.37 -20.04
C HIS D 460 8.52 -13.41 -19.91
N PRO D 461 7.99 -14.19 -18.94
CA PRO D 461 8.68 -15.23 -18.18
C PRO D 461 8.55 -16.63 -18.79
N THR D 462 9.68 -17.19 -19.21
CA THR D 462 9.75 -18.56 -19.70
C THR D 462 10.97 -19.24 -19.10
N SER D 463 10.97 -20.58 -19.02
CA SER D 463 12.14 -21.29 -18.53
C SER D 463 13.21 -21.40 -19.60
N ALA D 464 12.82 -21.11 -20.83
CA ALA D 464 13.74 -21.13 -21.96
C ALA D 464 14.73 -20.00 -21.86
N GLU D 465 14.29 -18.85 -21.35
CA GLU D 465 15.11 -17.65 -21.27
C GLU D 465 16.34 -17.83 -20.39
N GLU D 466 16.34 -18.91 -19.62
CA GLU D 466 17.45 -19.22 -18.73
C GLU D 466 18.77 -19.48 -19.45
N LEU D 467 18.67 -19.90 -20.71
CA LEU D 467 19.84 -20.21 -21.54
C LEU D 467 20.60 -18.95 -21.94
N CYS D 468 19.85 -17.86 -22.10
CA CYS D 468 20.43 -16.58 -22.48
C CYS D 468 20.78 -15.73 -21.27
N SER D 469 20.84 -16.37 -20.10
CA SER D 469 21.15 -15.68 -18.85
C SER D 469 22.43 -16.23 -18.26
N MET D 470 23.05 -17.17 -18.96
CA MET D 470 24.25 -17.83 -18.45
C MET D 470 25.49 -17.28 -19.09
N ARG D 471 26.08 -16.31 -18.39
CA ARG D 471 27.28 -15.65 -18.86
C ARG D 471 28.49 -16.35 -18.26
N THR D 472 28.68 -16.23 -16.96
CA THR D 472 29.91 -16.69 -16.34
C THR D 472 29.91 -18.21 -16.07
N PRO D 473 31.01 -18.90 -16.41
CA PRO D 473 31.22 -20.33 -16.13
C PRO D 473 31.02 -20.72 -14.66
N SER D 474 30.98 -22.02 -14.38
CA SER D 474 30.76 -22.50 -13.02
C SER D 474 31.93 -23.31 -12.51
N TYR D 475 32.58 -24.02 -13.43
CA TYR D 475 33.87 -24.63 -13.19
C TYR D 475 34.43 -25.01 -14.53
N TYR D 476 35.64 -25.57 -14.54
CA TYR D 476 36.31 -25.87 -15.78
C TYR D 476 36.77 -27.32 -15.82
N TYR D 477 37.28 -27.70 -16.99
CA TYR D 477 38.06 -28.91 -17.14
C TYR D 477 39.31 -28.50 -17.90
N VAL D 478 40.42 -28.39 -17.18
CA VAL D 478 41.67 -28.13 -17.87
C VAL D 478 42.42 -29.46 -17.93
N LYS D 479 41.86 -30.37 -18.72
CA LYS D 479 42.08 -31.82 -18.65
C LYS D 479 41.37 -32.52 -17.46
N GLY D 480 41.54 -31.98 -16.24
CA GLY D 480 40.73 -32.43 -15.12
C GLY D 480 39.76 -31.34 -14.68
N GLU D 481 38.72 -31.70 -13.92
CA GLU D 481 37.79 -30.71 -13.39
C GLU D 481 38.45 -29.80 -12.37
N LYS D 482 38.28 -28.52 -12.63
CA LYS D 482 39.03 -27.49 -11.96
C LYS D 482 38.11 -26.30 -11.85
N MET D 483 37.61 -26.01 -10.66
CA MET D 483 37.10 -24.67 -10.50
C MET D 483 38.30 -23.73 -10.52
N GLU D 484 38.65 -23.36 -11.76
CA GLU D 484 39.75 -22.46 -12.08
C GLU D 484 39.23 -21.01 -11.90
PA FAD E . -17.02 38.55 2.75
O1A FAD E . -18.16 37.58 2.69
O2A FAD E . -16.43 38.84 4.06
O5B FAD E . -17.56 39.95 2.19
C5B FAD E . -17.97 40.24 0.87
C4B FAD E . -18.67 41.56 0.91
O4B FAD E . -18.86 42.16 -0.34
C3B FAD E . -19.96 41.64 1.63
O3B FAD E . -19.77 42.68 2.54
C2B FAD E . -20.95 41.90 0.48
O2B FAD E . -22.23 42.47 0.76
C1B FAD E . -20.13 42.77 -0.44
N9A FAD E . -20.48 42.58 -1.84
C8A FAD E . -20.94 41.45 -2.43
N7A FAD E . -21.42 41.61 -3.63
C5A FAD E . -21.03 42.90 -3.92
C6A FAD E . -21.13 43.58 -5.10
N6A FAD E . -21.44 42.98 -6.24
N1A FAD E . -20.81 44.86 -5.00
C2A FAD E . -20.22 45.30 -3.90
N3A FAD E . -19.90 44.67 -2.79
C4A FAD E . -20.41 43.46 -2.86
N1 FAD E . -15.61 31.65 8.89
C2 FAD E . -14.78 31.40 9.96
O2 FAD E . -13.58 31.44 9.90
N3 FAD E . -15.32 31.10 11.22
C4 FAD E . -16.64 30.92 11.50
O4 FAD E . -17.08 30.61 12.60
C4X FAD E . -17.56 31.14 10.35
N5 FAD E . -18.83 31.06 10.58
C5X FAD E . -19.64 31.38 9.57
C6 FAD E . -20.96 31.32 9.93
C7 FAD E . -21.97 31.74 9.10
C7M FAD E . -22.90 31.73 9.47
C8 FAD E . -21.55 32.22 7.80
C8M FAD E . -22.17 32.52 7.14
C9 FAD E . -20.20 32.20 7.44
C9A FAD E . -19.21 31.92 8.36
N10 FAD E . -17.83 31.90 8.09
C10 FAD E . -16.94 31.64 9.11
C1' FAD E . -17.24 32.12 6.75
C2' FAD E . -16.73 33.53 6.69
O2' FAD E . -17.71 34.33 7.29
C3' FAD E . -16.39 33.90 5.26
O3' FAD E . -15.55 32.92 4.75
C4' FAD E . -15.45 35.02 5.10
O4' FAD E . -15.96 36.13 5.74
C5' FAD E . -15.18 35.35 3.61
O5' FAD E . -14.60 36.63 3.38
P FAD E . -14.56 37.35 1.97
O1P FAD E . -13.54 38.41 2.04
O2P FAD E . -14.49 36.42 0.84
O3P FAD E . -15.91 38.06 1.83
PA FAD F . 3.02 11.48 45.56
O1A FAD F . 2.94 12.71 46.38
O2A FAD F . 2.05 11.28 44.49
O5B FAD F . 2.84 10.23 46.55
C5B FAD F . 3.72 9.83 47.59
C4B FAD F . 2.97 8.83 48.41
O4B FAD F . 3.79 8.07 49.28
C3B FAD F . 1.81 9.29 49.20
O3B FAD F . 0.78 8.46 48.80
C2B FAD F . 2.32 9.13 50.64
O2B FAD F . 1.39 9.05 51.71
C1B FAD F . 3.16 7.88 50.53
N9A FAD F . 4.29 7.88 51.46
C8A FAD F . 4.97 8.95 51.93
N7A FAD F . 5.76 8.72 52.93
C5A FAD F . 5.75 7.35 52.97
C6A FAD F . 6.50 6.50 53.75
N6A FAD F . 7.54 6.91 54.44
N1A FAD F . 6.13 5.24 53.66
C2A FAD F . 5.28 4.86 52.71
N3A FAD F . 4.67 5.57 51.79
C4A FAD F . 4.91 6.83 52.04
N1 FAD F . 0.55 18.68 40.16
C2 FAD F . 0.03 18.87 38.89
O2 FAD F . 0.56 18.44 37.89
N3 FAD F . -1.16 19.57 38.71
C4 FAD F . -1.87 20.21 39.68
O4 FAD F . -2.90 20.86 39.47
C4X FAD F . -1.33 20.05 41.06
N5 FAD F . -2.01 20.56 42.02
C5X FAD F . -1.57 20.33 43.26
C6 FAD F . -2.39 20.86 44.22
C7 FAD F . -2.22 20.62 45.55
C7M FAD F . -2.89 21.00 46.18
C8 FAD F . -1.09 19.79 45.90
C8M FAD F . -0.86 19.58 46.80
C9 FAD F . -0.23 19.31 44.90
C9A FAD F . -0.53 19.45 43.56
N10 FAD F . 0.26 18.98 42.50
C10 FAD F . -0.17 19.14 41.19
C1' FAD F . 1.57 18.32 42.65
C2' FAD F . 1.38 16.85 42.50
O2' FAD F . 0.21 16.53 43.22
C3' FAD F . 2.62 16.10 42.96
O3' FAD F . 3.71 16.64 42.29
C4' FAD F . 2.79 14.74 42.44
O4' FAD F . 1.67 14.00 42.78
C5' FAD F . 4.05 14.05 42.96
O5' FAD F . 4.07 12.62 42.82
P FAD F . 5.06 11.66 43.58
O1P FAD F . 5.07 10.37 42.87
O2P FAD F . 6.37 12.28 43.88
O3P FAD F . 4.42 11.39 44.95
PA FAD G . 9.08 -0.24 -14.55
O1A FAD G . 7.69 -0.08 -15.06
O2A FAD G . 9.55 -1.60 -14.22
O5B FAD G . 9.19 0.58 -13.19
C5B FAD G . 9.11 1.99 -13.02
C4B FAD G . 8.96 2.24 -11.56
O4B FAD G . 9.19 3.59 -11.18
C3B FAD G . 7.70 1.83 -10.90
O3B FAD G . 8.13 1.04 -9.84
C2B FAD G . 7.06 3.17 -10.54
O2B FAD G . 6.06 3.23 -9.52
C1B FAD G . 8.27 4.01 -10.20
N9A FAD G . 8.08 5.43 -10.53
C8A FAD G . 7.31 5.95 -11.52
N7A FAD G . 7.10 7.22 -11.43
C5A FAD G . 7.98 7.59 -10.44
C6A FAD G . 8.32 8.85 -10.00
N6A FAD G . 7.97 9.94 -10.65
N1A FAD G . 9.07 8.84 -8.92
C2A FAD G . 9.63 7.70 -8.50
N3A FAD G . 9.53 6.49 -8.98
C4A FAD G . 8.61 6.50 -9.93
N1 FAD G . 6.92 -7.35 -20.20
C2 FAD G . 7.44 -8.60 -20.51
O2 FAD G . 8.57 -8.78 -20.91
N3 FAD G . 6.65 -9.74 -20.37
C4 FAD G . 5.33 -9.78 -20.02
O4 FAD G . 4.66 -10.80 -19.95
C4X FAD G . 4.74 -8.44 -19.71
N5 FAD G . 3.52 -8.42 -19.31
C5X FAD G . 3.03 -7.24 -18.93
C6 FAD G . 1.75 -7.33 -18.45
C7 FAD G . 1.10 -6.26 -17.87
C7M FAD G . 0.19 -6.43 -17.51
C8 FAD G . 1.84 -5.03 -17.84
C8M FAD G . 1.48 -4.23 -17.47
C9 FAD G . 3.13 -4.95 -18.38
C9A FAD G . 3.80 -6.08 -18.82
N10 FAD G . 5.10 -6.10 -19.36
C10 FAD G . 5.67 -7.30 -19.71
C1' FAD G . 5.91 -4.90 -19.61
C2' FAD G . 6.91 -4.76 -18.51
O2' FAD G . 6.22 -5.05 -17.32
C3' FAD G . 7.57 -3.40 -18.56
O3' FAD G . 8.04 -3.20 -19.84
C4' FAD G . 8.87 -3.28 -17.89
O4' FAD G . 8.72 -3.67 -16.56
C5' FAD G . 9.45 -1.86 -17.96
O5' FAD G . 10.50 -1.59 -17.02
P FAD G . 11.00 -0.13 -16.64
O1P FAD G . 12.32 -0.28 -16.00
O2P FAD G . 10.88 0.84 -17.74
O3P FAD G . 10.05 0.37 -15.56
PA FAD H . 11.24 -49.27 -38.19
O1A FAD H . 11.51 -49.90 -36.86
O2A FAD H . 10.43 -48.06 -38.23
O5B FAD H . 10.47 -50.36 -39.07
C5B FAD H . 10.97 -51.59 -39.56
C4B FAD H . 9.79 -52.36 -40.06
O4B FAD H . 10.14 -53.47 -40.87
C3B FAD H . 8.80 -52.84 -39.07
O3B FAD H . 7.59 -52.35 -39.57
C2B FAD H . 9.01 -54.36 -39.13
O2B FAD H . 7.97 -55.23 -38.68
C1B FAD H . 9.32 -54.59 -40.59
N9A FAD H . 10.23 -55.71 -40.80
C8A FAD H . 11.18 -56.17 -39.96
N7A FAD H . 11.67 -57.33 -40.26
C5A FAD H . 11.14 -57.54 -41.51
C6A FAD H . 11.40 -58.55 -42.40
N6A FAD H . 12.42 -59.39 -42.25
N1A FAD H . 10.61 -58.55 -43.44
C2A FAD H . 9.81 -57.51 -43.69
N3A FAD H . 9.64 -56.40 -42.99
C4A FAD H . 10.30 -56.53 -41.86
N1 FAD H . 12.44 -42.62 -31.74
C2 FAD H . 12.22 -41.26 -31.63
O2 FAD H . 12.67 -40.45 -32.40
N3 FAD H . 11.41 -40.76 -30.61
C4 FAD H . 10.86 -41.48 -29.60
O4 FAD H . 10.19 -40.99 -28.68
C4X FAD H . 11.10 -42.94 -29.66
N5 FAD H . 10.53 -43.68 -28.77
C5X FAD H . 10.67 -44.99 -28.91
C6 FAD H . 9.98 -45.70 -27.94
C7 FAD H . 9.85 -47.07 -27.97
C7M FAD H . 9.30 -47.49 -27.28
C8 FAD H . 10.54 -47.73 -29.06
C8M FAD H . 10.53 -48.68 -29.17
C9 FAD H . 11.29 -46.98 -30.00
C9A FAD H . 11.25 -45.61 -30.01
N10 FAD H . 11.95 -44.79 -30.93
C10 FAD H . 11.80 -43.42 -30.86
C1' FAD H . 12.89 -45.30 -31.95
C2' FAD H . 12.18 -45.30 -33.26
O2' FAD H . 10.89 -45.80 -33.02
C3' FAD H . 12.97 -46.08 -34.30
O3' FAD H . 14.27 -45.59 -34.30
C4' FAD H . 12.68 -45.79 -35.71
O4' FAD H . 11.33 -45.98 -35.93
C5' FAD H . 13.51 -46.64 -36.67
O5' FAD H . 13.02 -46.68 -38.02
P FAD H . 13.46 -47.74 -39.10
O1P FAD H . 13.09 -47.21 -40.42
O2P FAD H . 14.85 -48.21 -38.93
O3P FAD H . 12.58 -48.97 -38.86
#